data_6WSV
# 
_entry.id   6WSV 
# 
_audit_conform.dict_name       mmcif_pdbx.dic 
_audit_conform.dict_version    5.380 
_audit_conform.dict_location   http://mmcif.pdb.org/dictionaries/ascii/mmcif_pdbx.dic 
# 
loop_
_database_2.database_id 
_database_2.database_code 
_database_2.pdbx_database_accession 
_database_2.pdbx_DOI 
PDB   6WSV         pdb_00006wsv 10.2210/pdb6wsv/pdb 
WWPDB D_1000248893 ?            ?                   
# 
_pdbx_database_status.status_code                     REL 
_pdbx_database_status.status_code_sf                  REL 
_pdbx_database_status.status_code_mr                  ? 
_pdbx_database_status.entry_id                        6WSV 
_pdbx_database_status.recvd_initial_deposition_date   2020-05-01 
_pdbx_database_status.SG_entry                        N 
_pdbx_database_status.deposit_site                    RCSB 
_pdbx_database_status.process_site                    RCSB 
_pdbx_database_status.status_code_cs                  ? 
_pdbx_database_status.status_code_nmr_data            ? 
_pdbx_database_status.methods_development_category    ? 
_pdbx_database_status.pdb_format_compatible           Y 
# 
loop_
_audit_author.name 
_audit_author.pdbx_ordinal 
_audit_author.identifier_ORCID 
'Simmons, C.R.'      1 0000-0002-2290-6132 
'MacCulloch, T.'     2 0000-0001-5875-3361 
'Stephanopoulos, N.' 3 0000-0001-7859-410X 
'Yan, H.'            4 0000-0001-7397-9852 
# 
_citation.abstract                  ? 
_citation.abstract_id_CAS           ? 
_citation.book_id_ISBN              ? 
_citation.book_publisher            ? 
_citation.book_publisher_city       ? 
_citation.book_title                ? 
_citation.coordinate_linkage        ? 
_citation.country                   UK 
_citation.database_id_Medline       ? 
_citation.details                   ? 
_citation.id                        primary 
_citation.journal_abbrev            'Nat Commun' 
_citation.journal_id_ASTM           ? 
_citation.journal_id_CSD            ? 
_citation.journal_id_ISSN           2041-1723 
_citation.journal_full              ? 
_citation.journal_issue             ? 
_citation.journal_volume            13 
_citation.language                  ? 
_citation.page_first                3112 
_citation.page_last                 3112 
_citation.title                     'The influence of Holliday junction sequence and dynamics on DNA crystal self-assembly.' 
_citation.year                      2022 
_citation.database_id_CSD           ? 
_citation.pdbx_database_id_DOI      10.1038/s41467-022-30779-6 
_citation.pdbx_database_id_PubMed   35662248 
_citation.unpublished_flag          ? 
# 
loop_
_citation_author.citation_id 
_citation_author.name 
_citation_author.ordinal 
_citation_author.identifier_ORCID 
primary 'Simmons, C.R.'      1  ?                   
primary 'MacCulloch, T.'     2  ?                   
primary 'Krepl, M.'          3  0000-0002-9833-4281 
primary 'Matthies, M.'       4  ?                   
primary 'Buchberger, A.'     5  ?                   
primary 'Crawford, I.'       6  ?                   
primary 'Sponer, J.'         7  0000-0001-6558-6186 
primary 'Sulc, P.'           8  0000-0003-1565-6769 
primary 'Stephanopoulos, N.' 9  0000-0001-7859-410X 
primary 'Yan, H.'            10 0000-0001-7397-9852 
# 
_cell.angle_alpha                  90.000 
_cell.angle_alpha_esd              ? 
_cell.angle_beta                   90.000 
_cell.angle_beta_esd               ? 
_cell.angle_gamma                  120.000 
_cell.angle_gamma_esd              ? 
_cell.entry_id                     6WSV 
_cell.details                      ? 
_cell.formula_units_Z              ? 
_cell.length_a                     67.551 
_cell.length_a_esd                 ? 
_cell.length_b                     67.551 
_cell.length_b_esd                 ? 
_cell.length_c                     60.397 
_cell.length_c_esd                 ? 
_cell.volume                       ? 
_cell.volume_esd                   ? 
_cell.Z_PDB                        6 
_cell.reciprocal_angle_alpha       ? 
_cell.reciprocal_angle_beta        ? 
_cell.reciprocal_angle_gamma       ? 
_cell.reciprocal_angle_alpha_esd   ? 
_cell.reciprocal_angle_beta_esd    ? 
_cell.reciprocal_angle_gamma_esd   ? 
_cell.reciprocal_length_a          ? 
_cell.reciprocal_length_b          ? 
_cell.reciprocal_length_c          ? 
_cell.reciprocal_length_a_esd      ? 
_cell.reciprocal_length_b_esd      ? 
_cell.reciprocal_length_c_esd      ? 
_cell.pdbx_unique_axis             ? 
# 
_symmetry.entry_id                         6WSV 
_symmetry.cell_setting                     ? 
_symmetry.Int_Tables_number                154 
_symmetry.space_group_name_Hall            ? 
_symmetry.space_group_name_H-M             'P 32 2 1' 
_symmetry.pdbx_full_space_group_name_H-M   ? 
# 
loop_
_entity.id 
_entity.type 
_entity.src_method 
_entity.pdbx_description 
_entity.formula_weight 
_entity.pdbx_number_of_molecules 
_entity.pdbx_ec 
_entity.pdbx_mutation 
_entity.pdbx_fragment 
_entity.details 
1 polymer syn 
;DNA (5'-D(*GP*AP*GP*CP*AP*GP*AP*CP*GP*TP*GP*AP*CP*AP*GP*CP*AP*CP*TP*CP*A)-3')
;
6466.201 1 ? ? ? ? 
2 polymer syn 
;DNA (5'-D(P*TP*GP*TP*CP*A)-3')
;
1495.023 1 ? ? ? ? 
3 polymer syn 
;DNA (5'-D(*TP*CP*TP*GP*AP*GP*TP*GP*C)-3')
;
2746.809 1 ? ? ? ? 
4 polymer syn 
;DNA (5'-D(P*CP*GP*TP*CP*TP*GP*C)-3')
;
2089.385 1 ? ? ? ? 
# 
loop_
_entity_poly.entity_id 
_entity_poly.type 
_entity_poly.nstd_linkage 
_entity_poly.nstd_monomer 
_entity_poly.pdbx_seq_one_letter_code 
_entity_poly.pdbx_seq_one_letter_code_can 
_entity_poly.pdbx_strand_id 
_entity_poly.pdbx_target_identifier 
1 polydeoxyribonucleotide no no 
;(DG)(DA)(DG)(DC)(DA)(DG)(DA)(DC)(DG)(DT)(DG)(DA)(DC)(DA)(DG)(DC)(DA)(DC)(DT)(DC)
(DA)
;
GAGCAGACGTGACAGCACTCA A ? 
2 polydeoxyribonucleotide no no '(DT)(DG)(DT)(DC)(DA)'                                                                  TGTCA B ? 
3 polydeoxyribonucleotide no no '(DT)(DC)(DT)(DG)(DA)(DG)(DT)(DG)(DC)'                                                  TCTGAGTGC 
C ? 
4 polydeoxyribonucleotide no no '(DC)(DG)(DT)(DC)(DT)(DG)(DC)'                                                          CGTCTGC D 
? 
# 
loop_
_entity_poly_seq.entity_id 
_entity_poly_seq.num 
_entity_poly_seq.mon_id 
_entity_poly_seq.hetero 
1 1  DG n 
1 2  DA n 
1 3  DG n 
1 4  DC n 
1 5  DA n 
1 6  DG n 
1 7  DA n 
1 8  DC n 
1 9  DG n 
1 10 DT n 
1 11 DG n 
1 12 DA n 
1 13 DC n 
1 14 DA n 
1 15 DG n 
1 16 DC n 
1 17 DA n 
1 18 DC n 
1 19 DT n 
1 20 DC n 
1 21 DA n 
2 1  DT n 
2 2  DG n 
2 3  DT n 
2 4  DC n 
2 5  DA n 
3 1  DT n 
3 2  DC n 
3 3  DT n 
3 4  DG n 
3 5  DA n 
3 6  DG n 
3 7  DT n 
3 8  DG n 
3 9  DC n 
4 1  DC n 
4 2  DG n 
4 3  DT n 
4 4  DC n 
4 5  DT n 
4 6  DG n 
4 7  DC n 
# 
loop_
_pdbx_entity_src_syn.entity_id 
_pdbx_entity_src_syn.pdbx_src_id 
_pdbx_entity_src_syn.pdbx_alt_source_flag 
_pdbx_entity_src_syn.pdbx_beg_seq_num 
_pdbx_entity_src_syn.pdbx_end_seq_num 
_pdbx_entity_src_syn.organism_scientific 
_pdbx_entity_src_syn.organism_common_name 
_pdbx_entity_src_syn.ncbi_taxonomy_id 
_pdbx_entity_src_syn.details 
1 1 sample 1 21 'synthetic construct' ? 32630 ? 
2 1 sample 1 5  'synthetic construct' ? 32630 ? 
3 1 sample 1 9  'synthetic construct' ? 32630 ? 
4 1 sample 1 7  'synthetic construct' ? 32630 ? 
# 
loop_
_struct_ref.id 
_struct_ref.db_name 
_struct_ref.db_code 
_struct_ref.pdbx_db_accession 
_struct_ref.pdbx_db_isoform 
_struct_ref.entity_id 
_struct_ref.pdbx_seq_one_letter_code 
_struct_ref.pdbx_align_begin 
1 PDB 6WSV 6WSV ? 1 ? 1 
2 PDB 6WSV 6WSV ? 2 ? 1 
3 PDB 6WSV 6WSV ? 3 ? 1 
4 PDB 6WSV 6WSV ? 4 ? 1 
# 
loop_
_struct_ref_seq.align_id 
_struct_ref_seq.ref_id 
_struct_ref_seq.pdbx_PDB_id_code 
_struct_ref_seq.pdbx_strand_id 
_struct_ref_seq.seq_align_beg 
_struct_ref_seq.pdbx_seq_align_beg_ins_code 
_struct_ref_seq.seq_align_end 
_struct_ref_seq.pdbx_seq_align_end_ins_code 
_struct_ref_seq.pdbx_db_accession 
_struct_ref_seq.db_align_beg 
_struct_ref_seq.pdbx_db_align_beg_ins_code 
_struct_ref_seq.db_align_end 
_struct_ref_seq.pdbx_db_align_end_ins_code 
_struct_ref_seq.pdbx_auth_seq_align_beg 
_struct_ref_seq.pdbx_auth_seq_align_end 
1 1 6WSV A 1 ? 21 ? 6WSV 1  ? 21 ? 1  21 
2 2 6WSV B 1 ? 5  ? 6WSV 1  ? 5  ? 1  5  
3 3 6WSV C 1 ? 9  ? 6WSV 1  ? 9  ? 1  9  
4 4 6WSV D 1 ? 7  ? 6WSV 10 ? 16 ? 10 16 
# 
loop_
_chem_comp.id 
_chem_comp.type 
_chem_comp.mon_nstd_flag 
_chem_comp.name 
_chem_comp.pdbx_synonyms 
_chem_comp.formula 
_chem_comp.formula_weight 
DA 'DNA linking' y "2'-DEOXYADENOSINE-5'-MONOPHOSPHATE" ? 'C10 H14 N5 O6 P' 331.222 
DC 'DNA linking' y "2'-DEOXYCYTIDINE-5'-MONOPHOSPHATE"  ? 'C9 H14 N3 O7 P'  307.197 
DG 'DNA linking' y "2'-DEOXYGUANOSINE-5'-MONOPHOSPHATE" ? 'C10 H14 N5 O7 P' 347.221 
DT 'DNA linking' y "THYMIDINE-5'-MONOPHOSPHATE"         ? 'C10 H15 N2 O8 P' 322.208 
# 
_exptl.absorpt_coefficient_mu     ? 
_exptl.absorpt_correction_T_max   ? 
_exptl.absorpt_correction_T_min   ? 
_exptl.absorpt_correction_type    ? 
_exptl.absorpt_process_details    ? 
_exptl.entry_id                   6WSV 
_exptl.crystals_number            1 
_exptl.details                    ? 
_exptl.method                     'X-RAY DIFFRACTION' 
_exptl.method_details             ? 
# 
_exptl_crystal.colour                      ? 
_exptl_crystal.density_diffrn              ? 
_exptl_crystal.density_Matthews            3.11 
_exptl_crystal.density_method              ? 
_exptl_crystal.density_percent_sol         60.43 
_exptl_crystal.description                 ? 
_exptl_crystal.F_000                       ? 
_exptl_crystal.id                          1 
_exptl_crystal.preparation                 ? 
_exptl_crystal.size_max                    ? 
_exptl_crystal.size_mid                    ? 
_exptl_crystal.size_min                    ? 
_exptl_crystal.size_rad                    ? 
_exptl_crystal.colour_lustre               ? 
_exptl_crystal.colour_modifier             ? 
_exptl_crystal.colour_primary              ? 
_exptl_crystal.density_meas                ? 
_exptl_crystal.density_meas_esd            ? 
_exptl_crystal.density_meas_gt             ? 
_exptl_crystal.density_meas_lt             ? 
_exptl_crystal.density_meas_temp           ? 
_exptl_crystal.density_meas_temp_esd       ? 
_exptl_crystal.density_meas_temp_gt        ? 
_exptl_crystal.density_meas_temp_lt        ? 
_exptl_crystal.pdbx_crystal_image_url      ? 
_exptl_crystal.pdbx_crystal_image_format   ? 
_exptl_crystal.pdbx_mosaicity              ? 
_exptl_crystal.pdbx_mosaicity_esd          ? 
# 
_exptl_crystal_grow.apparatus       ? 
_exptl_crystal_grow.atmosphere      ? 
_exptl_crystal_grow.crystal_id      1 
_exptl_crystal_grow.details         ? 
_exptl_crystal_grow.method          'VAPOR DIFFUSION, SITTING DROP' 
_exptl_crystal_grow.method_ref      ? 
_exptl_crystal_grow.pH              ? 
_exptl_crystal_grow.pressure        ? 
_exptl_crystal_grow.pressure_esd    ? 
_exptl_crystal_grow.seeding         ? 
_exptl_crystal_grow.seeding_ref     ? 
_exptl_crystal_grow.temp            298 
_exptl_crystal_grow.temp_details    'temperature gradient generated from 60 to 25 C at 0.3 degrees per hour' 
_exptl_crystal_grow.temp_esd        ? 
_exptl_crystal_grow.time            ? 
_exptl_crystal_grow.pdbx_details    
;0.5 mL of 0.05 M Cacodylate pH 6.5 with 36 mM MgCl2, 2.25 mM spermine, and 5% PEG 400 was added to the reservoir with 2 uL added to the drop containing 4 uL of DNA stock
;
_exptl_crystal_grow.pdbx_pH_range   ? 
# 
_diffrn.ambient_environment              ? 
_diffrn.ambient_temp                     100 
_diffrn.ambient_temp_details             ? 
_diffrn.ambient_temp_esd                 ? 
_diffrn.crystal_id                       1 
_diffrn.crystal_support                  ? 
_diffrn.crystal_treatment                ? 
_diffrn.details                          ? 
_diffrn.id                               1 
_diffrn.ambient_pressure                 ? 
_diffrn.ambient_pressure_esd             ? 
_diffrn.ambient_pressure_gt              ? 
_diffrn.ambient_pressure_lt              ? 
_diffrn.ambient_temp_gt                  ? 
_diffrn.ambient_temp_lt                  ? 
_diffrn.pdbx_serial_crystal_experiment   N 
# 
_diffrn_detector.details                      ? 
_diffrn_detector.detector                     PIXEL 
_diffrn_detector.diffrn_id                    1 
_diffrn_detector.type                         'DECTRIS PILATUS3 6M' 
_diffrn_detector.area_resol_mean              ? 
_diffrn_detector.dtime                        ? 
_diffrn_detector.pdbx_frames_total            ? 
_diffrn_detector.pdbx_collection_time_total   ? 
_diffrn_detector.pdbx_collection_date         2018-08-15 
_diffrn_detector.pdbx_frequency               ? 
# 
_diffrn_radiation.collimation                      ? 
_diffrn_radiation.diffrn_id                        1 
_diffrn_radiation.filter_edge                      ? 
_diffrn_radiation.inhomogeneity                    ? 
_diffrn_radiation.monochromator                    ? 
_diffrn_radiation.polarisn_norm                    ? 
_diffrn_radiation.polarisn_ratio                   ? 
_diffrn_radiation.probe                            ? 
_diffrn_radiation.type                             ? 
_diffrn_radiation.xray_symbol                      ? 
_diffrn_radiation.wavelength_id                    1 
_diffrn_radiation.pdbx_monochromatic_or_laue_m_l   M 
_diffrn_radiation.pdbx_wavelength_list             ? 
_diffrn_radiation.pdbx_wavelength                  ? 
_diffrn_radiation.pdbx_diffrn_protocol             'SINGLE WAVELENGTH' 
_diffrn_radiation.pdbx_analyzer                    ? 
_diffrn_radiation.pdbx_scattering_type             x-ray 
# 
_diffrn_radiation_wavelength.id           1 
_diffrn_radiation_wavelength.wavelength   0.92 
_diffrn_radiation_wavelength.wt           1.0 
# 
_diffrn_source.current                     ? 
_diffrn_source.details                     ? 
_diffrn_source.diffrn_id                   1 
_diffrn_source.power                       ? 
_diffrn_source.size                        ? 
_diffrn_source.source                      SYNCHROTRON 
_diffrn_source.target                      ? 
_diffrn_source.type                        'APS BEAMLINE 19-ID' 
_diffrn_source.voltage                     ? 
_diffrn_source.take-off_angle              ? 
_diffrn_source.pdbx_wavelength_list        0.92 
_diffrn_source.pdbx_wavelength             ? 
_diffrn_source.pdbx_synchrotron_beamline   19-ID 
_diffrn_source.pdbx_synchrotron_site       APS 
# 
_reflns.B_iso_Wilson_estimate            125.090 
_reflns.entry_id                         6WSV 
_reflns.data_reduction_details           ? 
_reflns.data_reduction_method            ? 
_reflns.d_resolution_high                3.100 
_reflns.d_resolution_low                 50.000 
_reflns.details                          ? 
_reflns.limit_h_max                      ? 
_reflns.limit_h_min                      ? 
_reflns.limit_k_max                      ? 
_reflns.limit_k_min                      ? 
_reflns.limit_l_max                      ? 
_reflns.limit_l_min                      ? 
_reflns.number_all                       ? 
_reflns.number_obs                       3070 
_reflns.observed_criterion               ? 
_reflns.observed_criterion_F_max         ? 
_reflns.observed_criterion_F_min         ? 
_reflns.observed_criterion_I_max         ? 
_reflns.observed_criterion_I_min         ? 
_reflns.observed_criterion_sigma_F       ? 
_reflns.observed_criterion_sigma_I       ? 
_reflns.percent_possible_obs             99.100 
_reflns.R_free_details                   ? 
_reflns.Rmerge_F_all                     ? 
_reflns.Rmerge_F_obs                     ? 
_reflns.Friedel_coverage                 ? 
_reflns.number_gt                        ? 
_reflns.threshold_expression             ? 
_reflns.pdbx_redundancy                  15.700 
_reflns.pdbx_Rmerge_I_obs                0.098 
_reflns.pdbx_Rmerge_I_all                ? 
_reflns.pdbx_Rsym_value                  ? 
_reflns.pdbx_netI_over_av_sigmaI         ? 
_reflns.pdbx_netI_over_sigmaI            6.100 
_reflns.pdbx_res_netI_over_av_sigmaI_2   ? 
_reflns.pdbx_res_netI_over_sigmaI_2      ? 
_reflns.pdbx_chi_squared                 3.290 
_reflns.pdbx_scaling_rejects             ? 
_reflns.pdbx_d_res_high_opt              ? 
_reflns.pdbx_d_res_low_opt               ? 
_reflns.pdbx_d_res_opt_method            ? 
_reflns.phase_calculation_details        ? 
_reflns.pdbx_Rrim_I_all                  0.102 
_reflns.pdbx_Rpim_I_all                  0.027 
_reflns.pdbx_d_opt                       ? 
_reflns.pdbx_number_measured_all         ? 
_reflns.pdbx_diffrn_id                   1 
_reflns.pdbx_ordinal                     1 
_reflns.pdbx_CC_half                     1 
_reflns.pdbx_CC_star                     ? 
_reflns.pdbx_R_split                     ? 
# 
loop_
_reflns_shell.d_res_high 
_reflns_shell.d_res_low 
_reflns_shell.meanI_over_sigI_all 
_reflns_shell.meanI_over_sigI_obs 
_reflns_shell.number_measured_all 
_reflns_shell.number_measured_obs 
_reflns_shell.number_possible 
_reflns_shell.number_unique_all 
_reflns_shell.number_unique_obs 
_reflns_shell.percent_possible_all 
_reflns_shell.percent_possible_obs 
_reflns_shell.Rmerge_F_all 
_reflns_shell.Rmerge_F_obs 
_reflns_shell.Rmerge_I_all 
_reflns_shell.Rmerge_I_obs 
_reflns_shell.meanI_over_sigI_gt 
_reflns_shell.meanI_over_uI_all 
_reflns_shell.meanI_over_uI_gt 
_reflns_shell.number_measured_gt 
_reflns_shell.number_unique_gt 
_reflns_shell.percent_possible_gt 
_reflns_shell.Rmerge_F_gt 
_reflns_shell.Rmerge_I_gt 
_reflns_shell.pdbx_redundancy 
_reflns_shell.pdbx_Rsym_value 
_reflns_shell.pdbx_chi_squared 
_reflns_shell.pdbx_netI_over_sigmaI_all 
_reflns_shell.pdbx_netI_over_sigmaI_obs 
_reflns_shell.pdbx_Rrim_I_all 
_reflns_shell.pdbx_Rpim_I_all 
_reflns_shell.pdbx_rejects 
_reflns_shell.pdbx_ordinal 
_reflns_shell.pdbx_diffrn_id 
_reflns_shell.pdbx_CC_half 
_reflns_shell.pdbx_CC_star 
_reflns_shell.pdbx_R_split 
3.100 3.150  ? ? ? ? ? ? 147 95.500  ? ? ? ? 0.962 ? ? ? ? ? ? ? ? 11.000 ? 0.480  ? ? 0.999 0.258 ? 1  1 0.783 ? ? 
3.150 3.210  ? ? ? ? ? ? 150 96.200  ? ? ? ? 0.413 ? ? ? ? ? ? ? ? 12.700 ? 0.589  ? ? 0.426 0.104 ? 2  1 0.990 ? ? 
3.210 3.270  ? ? ? ? ? ? 148 100.000 ? ? ? ? 0.503 ? ? ? ? ? ? ? ? 13.800 ? 0.549  ? ? 0.519 0.128 ? 3  1 0.985 ? ? 
3.270 3.340  ? ? ? ? ? ? 146 98.600  ? ? ? ? 0.319 ? ? ? ? ? ? ? ? 15.100 ? 0.735  ? ? 0.328 0.078 ? 4  1 0.995 ? ? 
3.340 3.410  ? ? ? ? ? ? 138 98.600  ? ? ? ? 0.364 ? ? ? ? ? ? ? ? 15.900 ? 0.655  ? ? 0.375 0.088 ? 5  1 0.996 ? ? 
3.410 3.490  ? ? ? ? ? ? 165 100.000 ? ? ? ? 0.449 ? ? ? ? ? ? ? ? 16.500 ? 0.579  ? ? 0.463 0.110 ? 6  1 0.985 ? ? 
3.490 3.580  ? ? ? ? ? ? 152 98.700  ? ? ? ? 0.378 ? ? ? ? ? ? ? ? 16.400 ? 0.669  ? ? 0.389 0.092 ? 7  1 0.988 ? ? 
3.580 3.680  ? ? ? ? ? ? 138 100.000 ? ? ? ? 0.464 ? ? ? ? ? ? ? ? 15.600 ? 0.632  ? ? 0.480 0.118 ? 8  1 0.979 ? ? 
3.680 3.780  ? ? ? ? ? ? 161 98.800  ? ? ? ? 0.402 ? ? ? ? ? ? ? ? 14.800 ? 0.762  ? ? 0.416 0.103 ? 9  1 0.985 ? ? 
3.780 3.910  ? ? ? ? ? ? 145 100.000 ? ? ? ? 0.345 ? ? ? ? ? ? ? ? 17.700 ? 0.867  ? ? 0.354 0.082 ? 10 1 0.987 ? ? 
3.910 4.040  ? ? ? ? ? ? 155 100.000 ? ? ? ? 0.286 ? ? ? ? ? ? ? ? 17.400 ? 1.042  ? ? 0.294 0.068 ? 11 1 0.986 ? ? 
4.040 4.210  ? ? ? ? ? ? 148 100.000 ? ? ? ? 0.210 ? ? ? ? ? ? ? ? 17.500 ? 1.394  ? ? 0.216 0.051 ? 12 1 0.992 ? ? 
4.210 4.400  ? ? ? ? ? ? 156 100.000 ? ? ? ? 0.200 ? ? ? ? ? ? ? ? 16.900 ? 1.597  ? ? 0.206 0.049 ? 13 1 0.993 ? ? 
4.400 4.630  ? ? ? ? ? ? 154 100.000 ? ? ? ? 0.185 ? ? ? ? ? ? ? ? 16.900 ? 2.192  ? ? 0.190 0.045 ? 14 1 0.995 ? ? 
4.630 4.920  ? ? ? ? ? ? 158 100.000 ? ? ? ? 0.165 ? ? ? ? ? ? ? ? 15.500 ? 2.422  ? ? 0.171 0.042 ? 15 1 0.991 ? ? 
4.920 5.300  ? ? ? ? ? ? 154 100.000 ? ? ? ? 0.147 ? ? ? ? ? ? ? ? 17.100 ? 5.264  ? ? 0.152 0.037 ? 16 1 0.990 ? ? 
5.300 5.830  ? ? ? ? ? ? 156 100.000 ? ? ? ? 0.126 ? ? ? ? ? ? ? ? 17.300 ? 7.029  ? ? 0.130 0.032 ? 17 1 0.979 ? ? 
5.830 6.670  ? ? ? ? ? ? 163 100.000 ? ? ? ? 0.118 ? ? ? ? ? ? ? ? 16.700 ? 6.325  ? ? 0.122 0.029 ? 18 1 0.983 ? ? 
6.670 8.400  ? ? ? ? ? ? 162 98.800  ? ? ? ? 0.090 ? ? ? ? ? ? ? ? 15.200 ? 11.744 ? ? 0.094 0.024 ? 19 1 0.998 ? ? 
8.400 50.000 ? ? ? ? ? ? 174 97.800  ? ? ? ? 0.070 ? ? ? ? ? ? ? ? 14.500 ? 17.049 ? ? 0.073 0.022 ? 20 1 0.996 ? ? 
# 
_refine.aniso_B[1][1]                            ? 
_refine.aniso_B[1][2]                            ? 
_refine.aniso_B[1][3]                            ? 
_refine.aniso_B[2][2]                            ? 
_refine.aniso_B[2][3]                            ? 
_refine.aniso_B[3][3]                            ? 
_refine.B_iso_max                                167.040 
_refine.B_iso_mean                               119.5167 
_refine.B_iso_min                                75.540 
_refine.correlation_coeff_Fo_to_Fc               ? 
_refine.correlation_coeff_Fo_to_Fc_free          ? 
_refine.details                                  ? 
_refine.diff_density_max                         ? 
_refine.diff_density_max_esd                     ? 
_refine.diff_density_min                         ? 
_refine.diff_density_min_esd                     ? 
_refine.diff_density_rms                         ? 
_refine.diff_density_rms_esd                     ? 
_refine.entry_id                                 6WSV 
_refine.pdbx_refine_id                           'X-RAY DIFFRACTION' 
_refine.ls_abs_structure_details                 ? 
_refine.ls_abs_structure_Flack                   ? 
_refine.ls_abs_structure_Flack_esd               ? 
_refine.ls_abs_structure_Rogers                  ? 
_refine.ls_abs_structure_Rogers_esd              ? 
_refine.ls_d_res_high                            3.1010 
_refine.ls_d_res_low                             33.7760 
_refine.ls_extinction_coef                       ? 
_refine.ls_extinction_coef_esd                   ? 
_refine.ls_extinction_expression                 ? 
_refine.ls_extinction_method                     ? 
_refine.ls_goodness_of_fit_all                   ? 
_refine.ls_goodness_of_fit_all_esd               ? 
_refine.ls_goodness_of_fit_obs                   ? 
_refine.ls_goodness_of_fit_obs_esd               ? 
_refine.ls_hydrogen_treatment                    ? 
_refine.ls_matrix_type                           ? 
_refine.ls_number_constraints                    ? 
_refine.ls_number_parameters                     ? 
_refine.ls_number_reflns_all                     ? 
_refine.ls_number_reflns_obs                     3034 
_refine.ls_number_reflns_R_free                  148 
_refine.ls_number_reflns_R_work                  2886 
_refine.ls_number_restraints                     ? 
_refine.ls_percent_reflns_obs                    98.3500 
_refine.ls_percent_reflns_R_free                 4.8800 
_refine.ls_R_factor_all                          ? 
_refine.ls_R_factor_obs                          0.2468 
_refine.ls_R_factor_R_free                       0.2613 
_refine.ls_R_factor_R_free_error                 ? 
_refine.ls_R_factor_R_free_error_details         ? 
_refine.ls_R_factor_R_work                       0.2462 
_refine.ls_R_Fsqd_factor_obs                     ? 
_refine.ls_R_I_factor_obs                        ? 
_refine.ls_redundancy_reflns_all                 ? 
_refine.ls_redundancy_reflns_obs                 ? 
_refine.ls_restrained_S_all                      ? 
_refine.ls_restrained_S_obs                      ? 
_refine.ls_shift_over_esd_max                    ? 
_refine.ls_shift_over_esd_mean                   ? 
_refine.ls_structure_factor_coef                 ? 
_refine.ls_weighting_details                     ? 
_refine.ls_weighting_scheme                      ? 
_refine.ls_wR_factor_all                         ? 
_refine.ls_wR_factor_obs                         ? 
_refine.ls_wR_factor_R_free                      ? 
_refine.ls_wR_factor_R_work                      ? 
_refine.occupancy_max                            ? 
_refine.occupancy_min                            ? 
_refine.solvent_model_details                    'FLAT BULK SOLVENT MODEL' 
_refine.solvent_model_param_bsol                 ? 
_refine.solvent_model_param_ksol                 ? 
_refine.pdbx_R_complete                          ? 
_refine.ls_R_factor_gt                           ? 
_refine.ls_goodness_of_fit_gt                    ? 
_refine.ls_goodness_of_fit_ref                   ? 
_refine.ls_shift_over_su_max                     ? 
_refine.ls_shift_over_su_max_lt                  ? 
_refine.ls_shift_over_su_mean                    ? 
_refine.ls_shift_over_su_mean_lt                 ? 
_refine.pdbx_ls_sigma_I                          ? 
_refine.pdbx_ls_sigma_F                          2.060 
_refine.pdbx_ls_sigma_Fsqd                       ? 
_refine.pdbx_data_cutoff_high_absF               ? 
_refine.pdbx_data_cutoff_high_rms_absF           ? 
_refine.pdbx_data_cutoff_low_absF                ? 
_refine.pdbx_isotropic_thermal_model             ? 
_refine.pdbx_ls_cross_valid_method               THROUGHOUT 
_refine.pdbx_method_to_determine_struct          'MOLECULAR REPLACEMENT' 
_refine.pdbx_starting_model                      5KEK 
_refine.pdbx_stereochemistry_target_values       ML 
_refine.pdbx_R_Free_selection_details            ? 
_refine.pdbx_stereochem_target_val_spec_case     ? 
_refine.pdbx_overall_ESU_R                       ? 
_refine.pdbx_overall_ESU_R_Free                  ? 
_refine.pdbx_solvent_vdw_probe_radii             1.1100 
_refine.pdbx_solvent_ion_probe_radii             ? 
_refine.pdbx_solvent_shrinkage_radii             0.9000 
_refine.pdbx_real_space_R                        ? 
_refine.pdbx_density_correlation                 ? 
_refine.pdbx_pd_number_of_powder_patterns        ? 
_refine.pdbx_pd_number_of_points                 ? 
_refine.pdbx_pd_meas_number_of_points            ? 
_refine.pdbx_pd_proc_ls_prof_R_factor            ? 
_refine.pdbx_pd_proc_ls_prof_wR_factor           ? 
_refine.pdbx_pd_Marquardt_correlation_coeff      ? 
_refine.pdbx_pd_Fsqrd_R_factor                   ? 
_refine.pdbx_pd_ls_matrix_band_width             ? 
_refine.pdbx_overall_phase_error                 30.9100 
_refine.pdbx_overall_SU_R_free_Cruickshank_DPI   ? 
_refine.pdbx_overall_SU_R_free_Blow_DPI          ? 
_refine.pdbx_overall_SU_R_Blow_DPI               ? 
_refine.pdbx_TLS_residual_ADP_flag               ? 
_refine.pdbx_diffrn_id                           1 
_refine.overall_SU_B                             ? 
_refine.overall_SU_ML                            0.2100 
_refine.overall_SU_R_Cruickshank_DPI             ? 
_refine.overall_SU_R_free                        ? 
_refine.overall_FOM_free_R_set                   ? 
_refine.overall_FOM_work_R_set                   ? 
_refine.pdbx_average_fsc_overall                 ? 
_refine.pdbx_average_fsc_work                    ? 
_refine.pdbx_average_fsc_free                    ? 
# 
_refine_hist.pdbx_refine_id                   'X-RAY DIFFRACTION' 
_refine_hist.cycle_id                         final 
_refine_hist.details                          ? 
_refine_hist.d_res_high                       3.1010 
_refine_hist.d_res_low                        33.7760 
_refine_hist.number_atoms_solvent             0 
_refine_hist.number_atoms_total               855 
_refine_hist.number_reflns_all                ? 
_refine_hist.number_reflns_obs                ? 
_refine_hist.number_reflns_R_free             ? 
_refine_hist.number_reflns_R_work             ? 
_refine_hist.R_factor_all                     ? 
_refine_hist.R_factor_obs                     ? 
_refine_hist.R_factor_R_free                  ? 
_refine_hist.R_factor_R_work                  ? 
_refine_hist.pdbx_number_residues_total       42 
_refine_hist.pdbx_B_iso_mean_ligand           ? 
_refine_hist.pdbx_B_iso_mean_solvent          ? 
_refine_hist.pdbx_number_atoms_protein        0 
_refine_hist.pdbx_number_atoms_nucleic_acid   855 
_refine_hist.pdbx_number_atoms_ligand         0 
_refine_hist.pdbx_number_atoms_lipid          ? 
_refine_hist.pdbx_number_atoms_carb           ? 
_refine_hist.pdbx_pseudo_atom_details         ? 
# 
loop_
_refine_ls_restr.pdbx_refine_id 
_refine_ls_restr.criterion 
_refine_ls_restr.dev_ideal 
_refine_ls_restr.dev_ideal_target 
_refine_ls_restr.number 
_refine_ls_restr.rejects 
_refine_ls_restr.type 
_refine_ls_restr.weight 
_refine_ls_restr.pdbx_restraint_function 
'X-RAY DIFFRACTION' ? 0.010  ? 956  ? f_bond_d           ? ? 
'X-RAY DIFFRACTION' ? 0.799  ? 1467 ? f_angle_d          ? ? 
'X-RAY DIFFRACTION' ? 0.046  ? 166  ? f_chiral_restr     ? ? 
'X-RAY DIFFRACTION' ? 0.005  ? 42   ? f_plane_restr      ? ? 
'X-RAY DIFFRACTION' ? 34.240 ? 406  ? f_dihedral_angle_d ? ? 
# 
_refine_ls_shell.pdbx_refine_id                   'X-RAY DIFFRACTION' 
_refine_ls_shell.d_res_high                       3.101 
_refine_ls_shell.d_res_low                        33.776 
_refine_ls_shell.number_reflns_all                ? 
_refine_ls_shell.number_reflns_obs                ? 
_refine_ls_shell.number_reflns_R_free             148 
_refine_ls_shell.number_reflns_R_work             2886 
_refine_ls_shell.percent_reflns_obs               98.0000 
_refine_ls_shell.percent_reflns_R_free            ? 
_refine_ls_shell.R_factor_all                     ? 
_refine_ls_shell.R_factor_obs                     ? 
_refine_ls_shell.R_factor_R_free                  0.2613 
_refine_ls_shell.R_factor_R_free_error            0.0000 
_refine_ls_shell.R_factor_R_work                  0.2462 
_refine_ls_shell.redundancy_reflns_all            ? 
_refine_ls_shell.redundancy_reflns_obs            ? 
_refine_ls_shell.wR_factor_all                    ? 
_refine_ls_shell.wR_factor_obs                    ? 
_refine_ls_shell.wR_factor_R_free                 ? 
_refine_ls_shell.wR_factor_R_work                 ? 
_refine_ls_shell.pdbx_R_complete                  ? 
_refine_ls_shell.pdbx_total_number_of_bins_used   ? 
_refine_ls_shell.pdbx_phase_error                 ? 
_refine_ls_shell.pdbx_fsc_work                    ? 
_refine_ls_shell.pdbx_fsc_free                    ? 
# 
_struct.entry_id                     6WSV 
_struct.title                        
'Self-assembly of a 3D DNA crystal lattice (4x5 duplex version) containing the J20 immobile Holliday junction' 
_struct.pdbx_model_details           ? 
_struct.pdbx_formula_weight          ? 
_struct.pdbx_formula_weight_method   ? 
_struct.pdbx_model_type_details      ? 
_struct.pdbx_CASP_flag               N 
# 
_struct_keywords.entry_id        6WSV 
_struct_keywords.text            
'Structural DNA nanotechnology, immobile Holliday junctions, 3D DNA self-assembly, designer DNA crystals, DNA' 
_struct_keywords.pdbx_keywords   DNA 
# 
loop_
_struct_asym.id 
_struct_asym.pdbx_blank_PDB_chainid_flag 
_struct_asym.pdbx_modified 
_struct_asym.entity_id 
_struct_asym.details 
A N N 1 ? 
B N N 2 ? 
C N N 3 ? 
D N N 4 ? 
# 
loop_
_struct_conn.id 
_struct_conn.conn_type_id 
_struct_conn.pdbx_leaving_atom_flag 
_struct_conn.pdbx_PDB_id 
_struct_conn.ptnr1_label_asym_id 
_struct_conn.ptnr1_label_comp_id 
_struct_conn.ptnr1_label_seq_id 
_struct_conn.ptnr1_label_atom_id 
_struct_conn.pdbx_ptnr1_label_alt_id 
_struct_conn.pdbx_ptnr1_PDB_ins_code 
_struct_conn.pdbx_ptnr1_standard_comp_id 
_struct_conn.ptnr1_symmetry 
_struct_conn.ptnr2_label_asym_id 
_struct_conn.ptnr2_label_comp_id 
_struct_conn.ptnr2_label_seq_id 
_struct_conn.ptnr2_label_atom_id 
_struct_conn.pdbx_ptnr2_label_alt_id 
_struct_conn.pdbx_ptnr2_PDB_ins_code 
_struct_conn.ptnr1_auth_asym_id 
_struct_conn.ptnr1_auth_comp_id 
_struct_conn.ptnr1_auth_seq_id 
_struct_conn.ptnr2_auth_asym_id 
_struct_conn.ptnr2_auth_comp_id 
_struct_conn.ptnr2_auth_seq_id 
_struct_conn.ptnr2_symmetry 
_struct_conn.pdbx_ptnr3_label_atom_id 
_struct_conn.pdbx_ptnr3_label_seq_id 
_struct_conn.pdbx_ptnr3_label_comp_id 
_struct_conn.pdbx_ptnr3_label_asym_id 
_struct_conn.pdbx_ptnr3_label_alt_id 
_struct_conn.pdbx_ptnr3_PDB_ins_code 
_struct_conn.details 
_struct_conn.pdbx_dist_value 
_struct_conn.pdbx_value_order 
_struct_conn.pdbx_role 
hydrog1  hydrog ? ? A DG 3  N1 ? ? ? 1_555 D DC 7 N3 ? ? A DG 3  D DC 16 1_555 ? ? ? ? ? ? WATSON-CRICK ? ? ? 
hydrog2  hydrog ? ? A DG 3  N2 ? ? ? 1_555 D DC 7 O2 ? ? A DG 3  D DC 16 1_555 ? ? ? ? ? ? WATSON-CRICK ? ? ? 
hydrog3  hydrog ? ? A DG 3  O6 ? ? ? 1_555 D DC 7 N4 ? ? A DG 3  D DC 16 1_555 ? ? ? ? ? ? WATSON-CRICK ? ? ? 
hydrog4  hydrog ? ? A DC 4  N3 ? ? ? 1_555 D DG 6 N1 ? ? A DC 4  D DG 15 1_555 ? ? ? ? ? ? WATSON-CRICK ? ? ? 
hydrog5  hydrog ? ? A DC 4  N4 ? ? ? 1_555 D DG 6 O6 ? ? A DC 4  D DG 15 1_555 ? ? ? ? ? ? WATSON-CRICK ? ? ? 
hydrog6  hydrog ? ? A DC 4  O2 ? ? ? 1_555 D DG 6 N2 ? ? A DC 4  D DG 15 1_555 ? ? ? ? ? ? WATSON-CRICK ? ? ? 
hydrog7  hydrog ? ? A DA 5  N1 ? ? ? 1_555 D DT 5 N3 ? ? A DA 5  D DT 14 1_555 ? ? ? ? ? ? WATSON-CRICK ? ? ? 
hydrog8  hydrog ? ? A DA 5  N6 ? ? ? 1_555 D DT 5 O4 ? ? A DA 5  D DT 14 1_555 ? ? ? ? ? ? WATSON-CRICK ? ? ? 
hydrog9  hydrog ? ? A DG 6  N1 ? ? ? 1_555 D DC 4 N3 ? ? A DG 6  D DC 13 1_555 ? ? ? ? ? ? WATSON-CRICK ? ? ? 
hydrog10 hydrog ? ? A DG 6  N2 ? ? ? 1_555 D DC 4 O2 ? ? A DG 6  D DC 13 1_555 ? ? ? ? ? ? WATSON-CRICK ? ? ? 
hydrog11 hydrog ? ? A DG 6  O6 ? ? ? 1_555 D DC 4 N4 ? ? A DG 6  D DC 13 1_555 ? ? ? ? ? ? WATSON-CRICK ? ? ? 
hydrog12 hydrog ? ? A DA 7  N1 ? ? ? 1_555 D DT 3 N3 ? ? A DA 7  D DT 12 1_555 ? ? ? ? ? ? WATSON-CRICK ? ? ? 
hydrog13 hydrog ? ? A DA 7  N6 ? ? ? 1_555 D DT 3 O4 ? ? A DA 7  D DT 12 1_555 ? ? ? ? ? ? WATSON-CRICK ? ? ? 
hydrog14 hydrog ? ? A DC 8  N3 ? ? ? 1_555 D DG 2 N1 ? ? A DC 8  D DG 11 1_555 ? ? ? ? ? ? WATSON-CRICK ? ? ? 
hydrog15 hydrog ? ? A DC 8  N4 ? ? ? 1_555 D DG 2 O6 ? ? A DC 8  D DG 11 1_555 ? ? ? ? ? ? WATSON-CRICK ? ? ? 
hydrog16 hydrog ? ? A DC 8  O2 ? ? ? 1_555 D DG 2 N2 ? ? A DC 8  D DG 11 1_555 ? ? ? ? ? ? WATSON-CRICK ? ? ? 
hydrog17 hydrog ? ? A DG 9  N1 ? ? ? 1_555 D DC 1 N3 ? ? A DG 9  D DC 10 1_555 ? ? ? ? ? ? WATSON-CRICK ? ? ? 
hydrog18 hydrog ? ? A DG 9  N2 ? ? ? 1_555 D DC 1 O2 ? ? A DG 9  D DC 10 1_555 ? ? ? ? ? ? WATSON-CRICK ? ? ? 
hydrog19 hydrog ? ? A DG 9  O6 ? ? ? 1_555 D DC 1 N4 ? ? A DG 9  D DC 10 1_555 ? ? ? ? ? ? WATSON-CRICK ? ? ? 
hydrog20 hydrog ? ? A DT 10 N3 ? ? ? 1_555 B DA 5 N1 ? ? A DT 10 B DA 5  1_555 ? ? ? ? ? ? WATSON-CRICK ? ? ? 
hydrog21 hydrog ? ? A DT 10 O4 ? ? ? 1_555 B DA 5 N6 ? ? A DT 10 B DA 5  1_555 ? ? ? ? ? ? WATSON-CRICK ? ? ? 
hydrog22 hydrog ? ? A DG 11 N1 ? ? ? 1_555 B DC 4 N3 ? ? A DG 11 B DC 4  1_555 ? ? ? ? ? ? WATSON-CRICK ? ? ? 
hydrog23 hydrog ? ? A DG 11 N2 ? ? ? 1_555 B DC 4 O2 ? ? A DG 11 B DC 4  1_555 ? ? ? ? ? ? WATSON-CRICK ? ? ? 
hydrog24 hydrog ? ? A DG 11 O6 ? ? ? 1_555 B DC 4 N4 ? ? A DG 11 B DC 4  1_555 ? ? ? ? ? ? WATSON-CRICK ? ? ? 
hydrog25 hydrog ? ? A DA 12 N1 ? ? ? 1_555 B DT 3 N3 ? ? A DA 12 B DT 3  1_555 ? ? ? ? ? ? WATSON-CRICK ? ? ? 
hydrog26 hydrog ? ? A DA 12 N6 ? ? ? 1_555 B DT 3 O4 ? ? A DA 12 B DT 3  1_555 ? ? ? ? ? ? WATSON-CRICK ? ? ? 
hydrog27 hydrog ? ? A DC 13 N3 ? ? ? 1_555 B DG 2 N1 ? ? A DC 13 B DG 2  1_555 ? ? ? ? ? ? WATSON-CRICK ? ? ? 
hydrog28 hydrog ? ? A DC 13 N4 ? ? ? 1_555 B DG 2 O6 ? ? A DC 13 B DG 2  1_555 ? ? ? ? ? ? WATSON-CRICK ? ? ? 
hydrog29 hydrog ? ? A DC 13 O2 ? ? ? 1_555 B DG 2 N2 ? ? A DC 13 B DG 2  1_555 ? ? ? ? ? ? WATSON-CRICK ? ? ? 
hydrog30 hydrog ? ? A DA 14 N1 ? ? ? 1_555 B DT 1 N3 ? ? A DA 14 B DT 1  1_555 ? ? ? ? ? ? WATSON-CRICK ? ? ? 
hydrog31 hydrog ? ? A DA 14 N6 ? ? ? 1_555 B DT 1 O4 ? ? A DA 14 B DT 1  1_555 ? ? ? ? ? ? WATSON-CRICK ? ? ? 
hydrog32 hydrog ? ? A DG 15 N1 ? ? ? 1_555 C DC 9 N3 ? ? A DG 15 C DC 9  1_555 ? ? ? ? ? ? WATSON-CRICK ? ? ? 
hydrog33 hydrog ? ? A DG 15 N2 ? ? ? 1_555 C DC 9 O2 ? ? A DG 15 C DC 9  1_555 ? ? ? ? ? ? WATSON-CRICK ? ? ? 
hydrog34 hydrog ? ? A DG 15 O6 ? ? ? 1_555 C DC 9 N4 ? ? A DG 15 C DC 9  1_555 ? ? ? ? ? ? WATSON-CRICK ? ? ? 
hydrog35 hydrog ? ? A DC 16 N3 ? ? ? 1_555 C DG 8 N1 ? ? A DC 16 C DG 8  1_555 ? ? ? ? ? ? WATSON-CRICK ? ? ? 
hydrog36 hydrog ? ? A DC 16 N4 ? ? ? 1_555 C DG 8 O6 ? ? A DC 16 C DG 8  1_555 ? ? ? ? ? ? WATSON-CRICK ? ? ? 
hydrog37 hydrog ? ? A DC 16 O2 ? ? ? 1_555 C DG 8 N2 ? ? A DC 16 C DG 8  1_555 ? ? ? ? ? ? WATSON-CRICK ? ? ? 
hydrog38 hydrog ? ? A DA 17 N1 ? ? ? 1_555 C DT 7 N3 ? ? A DA 17 C DT 7  1_555 ? ? ? ? ? ? WATSON-CRICK ? ? ? 
hydrog39 hydrog ? ? A DA 17 N6 ? ? ? 1_555 C DT 7 O4 ? ? A DA 17 C DT 7  1_555 ? ? ? ? ? ? WATSON-CRICK ? ? ? 
hydrog40 hydrog ? ? A DC 18 N3 ? ? ? 1_555 C DG 6 N1 ? ? A DC 18 C DG 6  1_555 ? ? ? ? ? ? WATSON-CRICK ? ? ? 
hydrog41 hydrog ? ? A DC 18 N4 ? ? ? 1_555 C DG 6 O6 ? ? A DC 18 C DG 6  1_555 ? ? ? ? ? ? WATSON-CRICK ? ? ? 
hydrog42 hydrog ? ? A DC 18 O2 ? ? ? 1_555 C DG 6 N2 ? ? A DC 18 C DG 6  1_555 ? ? ? ? ? ? WATSON-CRICK ? ? ? 
hydrog43 hydrog ? ? A DT 19 N3 ? ? ? 1_555 C DA 5 N1 ? ? A DT 19 C DA 5  1_555 ? ? ? ? ? ? WATSON-CRICK ? ? ? 
hydrog44 hydrog ? ? A DT 19 O4 ? ? ? 1_555 C DA 5 N6 ? ? A DT 19 C DA 5  1_555 ? ? ? ? ? ? WATSON-CRICK ? ? ? 
hydrog45 hydrog ? ? A DC 20 N3 ? ? ? 1_555 C DG 4 N1 ? ? A DC 20 C DG 4  1_555 ? ? ? ? ? ? WATSON-CRICK ? ? ? 
hydrog46 hydrog ? ? A DC 20 N4 ? ? ? 1_555 C DG 4 O6 ? ? A DC 20 C DG 4  1_555 ? ? ? ? ? ? WATSON-CRICK ? ? ? 
hydrog47 hydrog ? ? A DC 20 O2 ? ? ? 1_555 C DG 4 N2 ? ? A DC 20 C DG 4  1_555 ? ? ? ? ? ? WATSON-CRICK ? ? ? 
hydrog48 hydrog ? ? A DA 21 N1 ? ? ? 1_555 C DT 3 N3 ? ? A DA 21 C DT 3  1_555 ? ? ? ? ? ? WATSON-CRICK ? ? ? 
hydrog49 hydrog ? ? A DA 21 N6 ? ? ? 1_555 C DT 3 O4 ? ? A DA 21 C DT 3  1_555 ? ? ? ? ? ? WATSON-CRICK ? ? ? 
# 
_struct_conn_type.id          hydrog 
_struct_conn_type.criteria    ? 
_struct_conn_type.reference   ? 
# 
_atom_sites.entry_id                    6WSV 
_atom_sites.Cartn_transf_matrix[1][1]   ? 
_atom_sites.Cartn_transf_matrix[1][2]   ? 
_atom_sites.Cartn_transf_matrix[1][3]   ? 
_atom_sites.Cartn_transf_matrix[2][1]   ? 
_atom_sites.Cartn_transf_matrix[2][2]   ? 
_atom_sites.Cartn_transf_matrix[2][3]   ? 
_atom_sites.Cartn_transf_matrix[3][1]   ? 
_atom_sites.Cartn_transf_matrix[3][2]   ? 
_atom_sites.Cartn_transf_matrix[3][3]   ? 
_atom_sites.Cartn_transf_vector[1]      ? 
_atom_sites.Cartn_transf_vector[2]      ? 
_atom_sites.Cartn_transf_vector[3]      ? 
_atom_sites.fract_transf_matrix[1][1]   0.00356933 
_atom_sites.fract_transf_matrix[1][2]   -0.01541653 
_atom_sites.fract_transf_matrix[1][3]   0.00646530 
_atom_sites.fract_transf_matrix[2][1]   0.01582109 
_atom_sites.fract_transf_matrix[2][2]   -0.00354190 
_atom_sites.fract_transf_matrix[2][3]   0.00541783 
_atom_sites.fract_transf_matrix[3][1]   -0.00396651 
_atom_sites.fract_transf_matrix[3][2]   0.00542719 
_atom_sites.fract_transf_matrix[3][3]   0.01513098 
_atom_sites.fract_transf_vector[1]      -1.266045 
_atom_sites.fract_transf_vector[2]      -1.639507 
_atom_sites.fract_transf_vector[3]      2.324945 
_atom_sites.solution_primary            ? 
_atom_sites.solution_secondary          ? 
_atom_sites.solution_hydrogens          ? 
_atom_sites.special_details             ? 
# 
loop_
_atom_type.symbol 
C 
N 
O 
P 
# 
loop_
_atom_site.group_PDB 
_atom_site.id 
_atom_site.type_symbol 
_atom_site.label_atom_id 
_atom_site.label_alt_id 
_atom_site.label_comp_id 
_atom_site.label_asym_id 
_atom_site.label_entity_id 
_atom_site.label_seq_id 
_atom_site.pdbx_PDB_ins_code 
_atom_site.Cartn_x 
_atom_site.Cartn_y 
_atom_site.Cartn_z 
_atom_site.occupancy 
_atom_site.B_iso_or_equiv 
_atom_site.pdbx_formal_charge 
_atom_site.auth_seq_id 
_atom_site.auth_comp_id 
_atom_site.auth_asym_id 
_atom_site.auth_atom_id 
_atom_site.pdbx_PDB_model_num 
ATOM 1   O "O5'" . DG A 1 1  ? 30.510  17.918  6.514   1.00 137.57 ? 1  DG A "O5'" 1 
ATOM 2   C "C5'" . DG A 1 1  ? 30.798  18.715  5.368   1.00 139.47 ? 1  DG A "C5'" 1 
ATOM 3   C "C4'" . DG A 1 1  ? 31.122  17.846  4.169   1.00 134.74 ? 1  DG A "C4'" 1 
ATOM 4   O "O4'" . DG A 1 1  ? 31.933  16.724  4.602   1.00 130.34 ? 1  DG A "O4'" 1 
ATOM 5   C "C3'" . DG A 1 1  ? 29.909  17.246  3.468   1.00 134.75 ? 1  DG A "C3'" 1 
ATOM 6   O "O3'" . DG A 1 1  ? 30.130  17.166  2.071   1.00 141.54 ? 1  DG A "O3'" 1 
ATOM 7   C "C2'" . DG A 1 1  ? 29.818  15.871  4.090   1.00 133.80 ? 1  DG A "C2'" 1 
ATOM 8   C "C1'" . DG A 1 1  ? 31.278  15.520  4.300   1.00 128.33 ? 1  DG A "C1'" 1 
ATOM 9   N N9    . DG A 1 1  ? 31.457  14.612  5.410   1.00 120.31 ? 1  DG A N9    1 
ATOM 10  C C8    . DG A 1 1  ? 31.097  14.827  6.711   1.00 115.96 ? 1  DG A C8    1 
ATOM 11  N N7    . DG A 1 1  ? 31.356  13.822  7.490   1.00 106.94 ? 1  DG A N7    1 
ATOM 12  C C5    . DG A 1 1  ? 31.913  12.880  6.645   1.00 111.64 ? 1  DG A C5    1 
ATOM 13  C C6    . DG A 1 1  ? 32.385  11.586  6.921   1.00 117.03 ? 1  DG A C6    1 
ATOM 14  O O6    . DG A 1 1  ? 32.415  11.001  8.007   1.00 117.33 ? 1  DG A O6    1 
ATOM 15  N N1    . DG A 1 1  ? 32.875  10.965  5.784   1.00 116.34 ? 1  DG A N1    1 
ATOM 16  C C2    . DG A 1 1  ? 32.905  11.529  4.539   1.00 123.16 ? 1  DG A C2    1 
ATOM 17  N N2    . DG A 1 1  ? 33.401  10.770  3.558   1.00 126.24 ? 1  DG A N2    1 
ATOM 18  N N3    . DG A 1 1  ? 32.449  12.736  4.262   1.00 121.69 ? 1  DG A N3    1 
ATOM 19  C C4    . DG A 1 1  ? 31.978  13.352  5.362   1.00 116.77 ? 1  DG A C4    1 
ATOM 20  P P     . DA A 1 2  ? 28.988  16.589  1.100   1.00 145.62 ? 2  DA A P     1 
ATOM 21  O OP1   . DA A 1 2  ? 29.142  17.271  -0.196  1.00 142.24 ? 2  DA A OP1   1 
ATOM 22  O OP2   . DA A 1 2  ? 27.683  16.635  1.791   1.00 138.00 ? 2  DA A OP2   1 
ATOM 23  O "O5'" . DA A 1 2  ? 29.400  15.064  0.893   1.00 134.95 ? 2  DA A "O5'" 1 
ATOM 24  C "C5'" . DA A 1 2  ? 30.580  14.763  0.185   1.00 131.18 ? 2  DA A "C5'" 1 
ATOM 25  C "C4'" . DA A 1 2  ? 30.777  13.268  0.050   1.00 134.24 ? 2  DA A "C4'" 1 
ATOM 26  O "O4'" . DA A 1 2  ? 30.990  12.682  1.353   1.00 131.30 ? 2  DA A "O4'" 1 
ATOM 27  C "C3'" . DA A 1 2  ? 29.614  12.512  -0.576  1.00 133.77 ? 2  DA A "C3'" 1 
ATOM 28  O "O3'" . DA A 1 2  ? 30.111  11.561  -1.482  1.00 134.90 ? 2  DA A "O3'" 1 
ATOM 29  C "C2'" . DA A 1 2  ? 28.948  11.843  0.620   1.00 129.62 ? 2  DA A "C2'" 1 
ATOM 30  C "C1'" . DA A 1 2  ? 30.132  11.584  1.527   1.00 129.01 ? 2  DA A "C1'" 1 
ATOM 31  N N9    . DA A 1 2  ? 29.775  11.538  2.930   1.00 123.58 ? 2  DA A N9    1 
ATOM 32  C C8    . DA A 1 2  ? 29.217  12.539  3.650   1.00 122.97 ? 2  DA A C8    1 
ATOM 33  N N7    . DA A 1 2  ? 29.010  12.241  4.903   1.00 117.22 ? 2  DA A N7    1 
ATOM 34  C C5    . DA A 1 2  ? 29.462  10.948  5.008   1.00 114.08 ? 2  DA A C5    1 
ATOM 35  C C6    . DA A 1 2  ? 29.517  10.058  6.084   1.00 113.67 ? 2  DA A C6    1 
ATOM 36  N N6    . DA A 1 2  ? 29.085  10.365  7.305   1.00 116.94 ? 2  DA A N6    1 
ATOM 37  N N1    . DA A 1 2  ? 30.026  8.834   5.859   1.00 114.55 ? 2  DA A N1    1 
ATOM 38  C C2    . DA A 1 2  ? 30.462  8.533   4.636   1.00 120.09 ? 2  DA A C2    1 
ATOM 39  N N3    . DA A 1 2  ? 30.456  9.289   3.541   1.00 123.13 ? 2  DA A N3    1 
ATOM 40  C C4    . DA A 1 2  ? 29.934  10.494  3.800   1.00 118.92 ? 2  DA A C4    1 
ATOM 41  P P     . DG A 1 3  ? 29.102  10.718  -2.397  1.00 152.51 ? 3  DG A P     1 
ATOM 42  O OP1   . DG A 1 3  ? 29.798  10.435  -3.665  1.00 145.38 ? 3  DG A OP1   1 
ATOM 43  O OP2   . DG A 1 3  ? 27.799  11.411  -2.419  1.00 145.87 ? 3  DG A OP2   1 
ATOM 44  O "O5'" . DG A 1 3  ? 28.937  9.348   -1.601  1.00 138.62 ? 3  DG A "O5'" 1 
ATOM 45  C "C5'" . DG A 1 3  ? 30.074  8.530   -1.374  1.00 133.90 ? 3  DG A "C5'" 1 
ATOM 46  C "C4'" . DG A 1 3  ? 29.711  7.260   -0.618  1.00 135.19 ? 3  DG A "C4'" 1 
ATOM 47  O "O4'" . DG A 1 3  ? 29.491  7.560   0.783   1.00 133.86 ? 3  DG A "O4'" 1 
ATOM 48  C "C3'" . DG A 1 3  ? 28.453  6.542   -1.094  1.00 132.18 ? 3  DG A "C3'" 1 
ATOM 49  O "O3'" . DG A 1 3  ? 28.664  5.154   -1.039  1.00 130.88 ? 3  DG A "O3'" 1 
ATOM 50  C "C2'" . DG A 1 3  ? 27.419  6.970   -0.063  1.00 136.11 ? 3  DG A "C2'" 1 
ATOM 51  C "C1'" . DG A 1 3  ? 28.267  6.997   1.189   1.00 131.44 ? 3  DG A "C1'" 1 
ATOM 52  N N9    . DG A 1 3  ? 27.720  7.829   2.247   1.00 125.98 ? 3  DG A N9    1 
ATOM 53  C C8    . DG A 1 3  ? 27.353  9.142   2.151   1.00 123.08 ? 3  DG A C8    1 
ATOM 54  N N7    . DG A 1 3  ? 26.909  9.641   3.265   1.00 119.70 ? 3  DG A N7    1 
ATOM 55  C C5    . DG A 1 3  ? 26.992  8.592   4.160   1.00 123.82 ? 3  DG A C5    1 
ATOM 56  C C6    . DG A 1 3  ? 26.645  8.538   5.518   1.00 122.38 ? 3  DG A C6    1 
ATOM 57  O O6    . DG A 1 3  ? 26.190  9.442   6.225   1.00 116.03 ? 3  DG A O6    1 
ATOM 58  N N1    . DG A 1 3  ? 26.885  7.285   6.059   1.00 121.72 ? 3  DG A N1    1 
ATOM 59  C C2    . DG A 1 3  ? 27.393  6.214   5.370   1.00 122.94 ? 3  DG A C2    1 
ATOM 60  N N2    . DG A 1 3  ? 27.549  5.082   6.064   1.00 126.27 ? 3  DG A N2    1 
ATOM 61  N N3    . DG A 1 3  ? 27.716  6.248   4.089   1.00 119.17 ? 3  DG A N3    1 
ATOM 62  C C4    . DG A 1 3  ? 27.492  7.468   3.552   1.00 123.62 ? 3  DG A C4    1 
ATOM 63  P P     . DC A 1 4  ? 27.807  4.169   -1.967  1.00 151.09 ? 4  DC A P     1 
ATOM 64  O OP1   . DC A 1 4  ? 28.223  4.413   -3.361  1.00 135.36 ? 4  DC A OP1   1 
ATOM 65  O OP2   . DC A 1 4  ? 26.385  4.268   -1.581  1.00 148.14 ? 4  DC A OP2   1 
ATOM 66  O "O5'" . DC A 1 4  ? 28.304  2.728   -1.527  1.00 136.65 ? 4  DC A "O5'" 1 
ATOM 67  C "C5'" . DC A 1 4  ? 28.922  2.567   -0.276  1.00 127.54 ? 4  DC A "C5'" 1 
ATOM 68  C "C4'" . DC A 1 4  ? 28.029  1.801   0.676   1.00 129.04 ? 4  DC A "C4'" 1 
ATOM 69  O "O4'" . DC A 1 4  ? 27.565  2.677   1.724   1.00 134.10 ? 4  DC A "O4'" 1 
ATOM 70  C "C3'" . DC A 1 4  ? 26.780  1.181   0.053   1.00 133.01 ? 4  DC A "C3'" 1 
ATOM 71  O "O3'" . DC A 1 4  ? 26.743  -0.186  0.391   1.00 139.24 ? 4  DC A "O3'" 1 
ATOM 72  C "C2'" . DC A 1 4  ? 25.631  1.965   0.692   1.00 129.39 ? 4  DC A "C2'" 1 
ATOM 73  C "C1'" . DC A 1 4  ? 26.229  2.376   2.014   1.00 129.69 ? 4  DC A "C1'" 1 
ATOM 74  N N1    . DC A 1 4  ? 25.620  3.586   2.583   1.00 128.04 ? 4  DC A N1    1 
ATOM 75  C C2    . DC A 1 4  ? 25.231  3.605   3.919   1.00 129.48 ? 4  DC A C2    1 
ATOM 76  O O2    . DC A 1 4  ? 25.387  2.592   4.603   1.00 135.93 ? 4  DC A O2    1 
ATOM 77  N N3    . DC A 1 4  ? 24.687  4.730   4.426   1.00 126.63 ? 4  DC A N3    1 
ATOM 78  C C4    . DC A 1 4  ? 24.538  5.799   3.655   1.00 128.05 ? 4  DC A C4    1 
ATOM 79  N N4    . DC A 1 4  ? 23.997  6.888   4.198   1.00 127.25 ? 4  DC A N4    1 
ATOM 80  C C5    . DC A 1 4  ? 24.923  5.796   2.287   1.00 126.45 ? 4  DC A C5    1 
ATOM 81  C C6    . DC A 1 4  ? 25.464  4.681   1.804   1.00 128.49 ? 4  DC A C6    1 
ATOM 82  P P     . DA A 1 5  ? 25.490  -1.114  0.014   1.00 145.52 ? 5  DA A P     1 
ATOM 83  O OP1   . DA A 1 5  ? 26.055  -2.456  -0.214  1.00 147.84 ? 5  DA A OP1   1 
ATOM 84  O OP2   . DA A 1 5  ? 24.651  -0.518  -1.044  1.00 133.84 ? 5  DA A OP2   1 
ATOM 85  O "O5'" . DA A 1 5  ? 24.677  -1.176  1.377   1.00 129.48 ? 5  DA A "O5'" 1 
ATOM 86  C "C5'" . DA A 1 5  ? 25.305  -1.727  2.515   1.00 128.81 ? 5  DA A "C5'" 1 
ATOM 87  C "C4'" . DA A 1 5  ? 24.308  -2.077  3.609   1.00 129.94 ? 5  DA A "C4'" 1 
ATOM 88  O "O4'" . DA A 1 5  ? 23.843  -0.879  4.255   1.00 128.46 ? 5  DA A "O4'" 1 
ATOM 89  C "C3'" . DA A 1 5  ? 23.070  -2.838  3.174   1.00 131.27 ? 5  DA A "C3'" 1 
ATOM 90  O "O3'" . DA A 1 5  ? 22.733  -3.771  4.167   1.00 126.29 ? 5  DA A "O3'" 1 
ATOM 91  C "C2'" . DA A 1 5  ? 22.005  -1.752  3.044   1.00 130.69 ? 5  DA A "C2'" 1 
ATOM 92  C "C1'" . DA A 1 5  ? 22.469  -0.686  4.025   1.00 127.56 ? 5  DA A "C1'" 1 
ATOM 93  N N9    . DA A 1 5  ? 22.306  0.662   3.521   1.00 120.09 ? 5  DA A N9    1 
ATOM 94  C C8    . DA A 1 5  ? 22.599  1.114   2.271   1.00 125.72 ? 5  DA A C8    1 
ATOM 95  N N7    . DA A 1 5  ? 22.369  2.391   2.105   1.00 124.09 ? 5  DA A N7    1 
ATOM 96  C C5    . DA A 1 5  ? 21.897  2.799   3.334   1.00 119.30 ? 5  DA A C5    1 
ATOM 97  C C6    . DA A 1 5  ? 21.478  4.044   3.820   1.00 123.61 ? 5  DA A C6    1 
ATOM 98  N N6    . DA A 1 5  ? 21.459  5.148   3.078   1.00 122.06 ? 5  DA A N6    1 
ATOM 99  N N1    . DA A 1 5  ? 21.063  4.111   5.102   1.00 131.97 ? 5  DA A N1    1 
ATOM 100 C C2    . DA A 1 5  ? 21.082  3.000   5.840   1.00 129.92 ? 5  DA A C2    1 
ATOM 101 N N3    . DA A 1 5  ? 21.458  1.775   5.491   1.00 125.49 ? 5  DA A N3    1 
ATOM 102 C C4    . DA A 1 5  ? 21.858  1.746   4.217   1.00 120.41 ? 5  DA A C4    1 
ATOM 103 P P     . DG A 1 6  ? 21.508  -4.780  3.953   1.00 142.84 ? 6  DG A P     1 
ATOM 104 O OP1   . DG A 1 6  ? 21.857  -6.021  4.669   1.00 138.36 ? 6  DG A OP1   1 
ATOM 105 O OP2   . DG A 1 6  ? 21.160  -4.838  2.522   1.00 149.34 ? 6  DG A OP2   1 
ATOM 106 O "O5'" . DG A 1 6  ? 20.315  -4.085  4.740   1.00 135.31 ? 6  DG A "O5'" 1 
ATOM 107 C "C5'" . DG A 1 6  ? 20.355  -4.054  6.143   1.00 133.89 ? 6  DG A "C5'" 1 
ATOM 108 C "C4'" . DG A 1 6  ? 19.341  -3.080  6.689   1.00 135.33 ? 6  DG A "C4'" 1 
ATOM 109 O "O4'" . DG A 1 6  ? 19.573  -1.782  6.119   1.00 130.89 ? 6  DG A "O4'" 1 
ATOM 110 C "C3'" . DG A 1 6  ? 17.886  -3.426  6.381   1.00 138.42 ? 6  DG A "C3'" 1 
ATOM 111 O "O3'" . DG A 1 6  ? 17.205  -3.709  7.586   1.00 139.89 ? 6  DG A "O3'" 1 
ATOM 112 C "C2'" . DG A 1 6  ? 17.335  -2.172  5.692   1.00 135.94 ? 6  DG A "C2'" 1 
ATOM 113 C "C1'" . DG A 1 6  ? 18.355  -1.109  6.045   1.00 132.80 ? 6  DG A "C1'" 1 
ATOM 114 N N9    . DG A 1 6  ? 18.480  -0.084  5.029   1.00 125.76 ? 6  DG A N9    1 
ATOM 115 C C8    . DG A 1 6  ? 18.926  -0.255  3.750   1.00 124.90 ? 6  DG A C8    1 
ATOM 116 N N7    . DG A 1 6  ? 18.943  0.841   3.059   1.00 120.37 ? 6  DG A N7    1 
ATOM 117 C C5    . DG A 1 6  ? 18.473  1.798   3.935   1.00 119.57 ? 6  DG A C5    1 
ATOM 118 C C6    . DG A 1 6  ? 18.276  3.170   3.742   1.00 120.50 ? 6  DG A C6    1 
ATOM 119 O O6    . DG A 1 6  ? 18.478  3.830   2.722   1.00 119.77 ? 6  DG A O6    1 
ATOM 120 N N1    . DG A 1 6  ? 17.787  3.787   4.880   1.00 126.07 ? 6  DG A N1    1 
ATOM 121 C C2    . DG A 1 6  ? 17.537  3.150   6.066   1.00 125.36 ? 6  DG A C2    1 
ATOM 122 N N2    . DG A 1 6  ? 17.061  3.909   7.059   1.00 128.96 ? 6  DG A N2    1 
ATOM 123 N N3    . DG A 1 6  ? 17.711  1.855   6.258   1.00 125.06 ? 6  DG A N3    1 
ATOM 124 C C4    . DG A 1 6  ? 18.190  1.248   5.155   1.00 122.83 ? 6  DG A C4    1 
ATOM 125 P P     . DA A 1 7  ? 15.651  -4.103  7.581   1.00 150.75 ? 7  DA A P     1 
ATOM 126 O OP1   . DA A 1 7  ? 15.422  -4.960  8.757   1.00 142.64 ? 7  DA A OP1   1 
ATOM 127 O OP2   . DA A 1 7  ? 15.257  -4.591  6.247   1.00 159.38 ? 7  DA A OP2   1 
ATOM 128 O "O5'" . DA A 1 7  ? 14.934  -2.718  7.860   1.00 134.41 ? 7  DA A "O5'" 1 
ATOM 129 C "C5'" . DA A 1 7  ? 15.434  -1.899  8.880   1.00 135.20 ? 7  DA A "C5'" 1 
ATOM 130 C "C4'" . DA A 1 7  ? 14.679  -0.598  8.931   1.00 140.83 ? 7  DA A "C4'" 1 
ATOM 131 O "O4'" . DA A 1 7  ? 15.184  0.291   7.910   1.00 135.39 ? 7  DA A "O4'" 1 
ATOM 132 C "C3'" . DA A 1 7  ? 13.181  -0.730  8.689   1.00 140.12 ? 7  DA A "C3'" 1 
ATOM 133 O "O3'" . DA A 1 7  ? 12.472  -0.048  9.694   1.00 146.02 ? 7  DA A "O3'" 1 
ATOM 134 C "C2'" . DA A 1 7  ? 12.976  -0.092  7.321   1.00 134.14 ? 7  DA A "C2'" 1 
ATOM 135 C "C1'" . DA A 1 7  ? 14.110  0.910   7.261   1.00 131.01 ? 7  DA A "C1'" 1 
ATOM 136 N N9    . DA A 1 7  ? 14.525  1.200   5.903   1.00 128.58 ? 7  DA A N9    1 
ATOM 137 C C8    . DA A 1 7  ? 15.010  0.309   5.003   1.00 129.13 ? 7  DA A C8    1 
ATOM 138 N N7    . DA A 1 7  ? 15.309  0.835   3.848   1.00 127.50 ? 7  DA A N7    1 
ATOM 139 C C5    . DA A 1 7  ? 14.992  2.165   4.001   1.00 123.06 ? 7  DA A C5    1 
ATOM 140 C C6    . DA A 1 7  ? 15.065  3.249   3.127   1.00 121.63 ? 7  DA A C6    1 
ATOM 141 N N6    . DA A 1 7  ? 15.527  3.144   1.886   1.00 118.08 ? 7  DA A N6    1 
ATOM 142 N N1    . DA A 1 7  ? 14.675  4.452   3.580   1.00 122.42 ? 7  DA A N1    1 
ATOM 143 C C2    . DA A 1 7  ? 14.222  4.551   4.835   1.00 125.12 ? 7  DA A C2    1 
ATOM 144 N N3    . DA A 1 7  ? 14.093  3.590   5.750   1.00 128.76 ? 7  DA A N3    1 
ATOM 145 C C4    . DA A 1 7  ? 14.500  2.411   5.261   1.00 126.86 ? 7  DA A C4    1 
ATOM 146 P P     . DC A 1 8  ? 10.875  -0.159  9.765   1.00 156.17 ? 8  DC A P     1 
ATOM 147 O OP1   . DC A 1 8  ? 10.483  0.006   11.177  1.00 146.91 ? 8  DC A OP1   1 
ATOM 148 O OP2   . DC A 1 8  ? 10.464  -1.373  9.032   1.00 146.12 ? 8  DC A OP2   1 
ATOM 149 O "O5'" . DC A 1 8  ? 10.380  1.111   8.946   1.00 146.88 ? 8  DC A "O5'" 1 
ATOM 150 C "C5'" . DC A 1 8  ? 10.959  2.369   9.210   1.00 139.39 ? 8  DC A "C5'" 1 
ATOM 151 C "C4'" . DC A 1 8  ? 10.588  3.370   8.138   1.00 140.18 ? 8  DC A "C4'" 1 
ATOM 152 O "O4'" . DC A 1 8  ? 11.350  3.113   6.942   1.00 135.33 ? 8  DC A "O4'" 1 
ATOM 153 C "C3'" . DC A 1 8  ? 9.115   3.346   7.709   1.00 148.09 ? 8  DC A "C3'" 1 
ATOM 154 O "O3'" . DC A 1 8  ? 8.504   4.584   8.018   1.00 144.68 ? 8  DC A "O3'" 1 
ATOM 155 C "C2'" . DC A 1 8  ? 9.169   3.113   6.194   1.00 139.14 ? 8  DC A "C2'" 1 
ATOM 156 C "C1'" . DC A 1 8  ? 10.581  3.535   5.857   1.00 133.28 ? 8  DC A "C1'" 1 
ATOM 157 N N1    . DC A 1 8  ? 11.093  2.907   4.643   1.00 127.76 ? 8  DC A N1    1 
ATOM 158 C C2    . DC A 1 8  ? 11.281  3.680   3.507   1.00 124.40 ? 8  DC A C2    1 
ATOM 159 O O2    . DC A 1 8  ? 11.017  4.882   3.559   1.00 122.25 ? 8  DC A O2    1 
ATOM 160 N N3    . DC A 1 8  ? 11.744  3.095   2.388   1.00 123.16 ? 8  DC A N3    1 
ATOM 161 C C4    . DC A 1 8  ? 12.015  1.795   2.385   1.00 124.56 ? 8  DC A C4    1 
ATOM 162 N N4    . DC A 1 8  ? 12.475  1.256   1.255   1.00 124.04 ? 8  DC A N4    1 
ATOM 163 C C5    . DC A 1 8  ? 11.822  0.984   3.538   1.00 120.26 ? 8  DC A C5    1 
ATOM 164 C C6    . DC A 1 8  ? 11.351  1.577   4.630   1.00 126.18 ? 8  DC A C6    1 
ATOM 165 P P     . DG A 1 9  ? 6.926   4.785   7.800   1.00 156.69 ? 9  DG A P     1 
ATOM 166 O OP1   . DG A 1 9  ? 6.475   5.687   8.876   1.00 139.35 ? 9  DG A OP1   1 
ATOM 167 O OP2   . DG A 1 9  ? 6.286   3.462   7.653   1.00 146.29 ? 9  DG A OP2   1 
ATOM 168 O "O5'" . DG A 1 9  ? 6.824   5.576   6.416   1.00 143.37 ? 9  DG A "O5'" 1 
ATOM 169 C "C5'" . DG A 1 9  ? 7.101   6.962   6.401   1.00 136.72 ? 9  DG A "C5'" 1 
ATOM 170 C "C4'" . DG A 1 9  ? 7.128   7.523   4.990   1.00 135.18 ? 9  DG A "C4'" 1 
ATOM 171 O "O4'" . DG A 1 9  ? 7.941   6.694   4.122   1.00 133.11 ? 9  DG A "O4'" 1 
ATOM 172 C "C3'" . DG A 1 9  ? 5.777   7.650   4.292   1.00 135.65 ? 9  DG A "C3'" 1 
ATOM 173 O "O3'" . DG A 1 9  ? 5.771   8.863   3.594   1.00 140.14 ? 9  DG A "O3'" 1 
ATOM 174 C "C2'" . DG A 1 9  ? 5.796   6.470   3.323   1.00 130.25 ? 9  DG A "C2'" 1 
ATOM 175 C "C1'" . DG A 1 9  ? 7.249   6.506   2.913   1.00 128.69 ? 9  DG A "C1'" 1 
ATOM 176 N N9    . DG A 1 9  ? 7.746   5.287   2.294   1.00 126.49 ? 9  DG A N9    1 
ATOM 177 C C8    . DG A 1 9  ? 8.065   4.120   2.929   1.00 126.21 ? 9  DG A C8    1 
ATOM 178 N N7    . DG A 1 9  ? 8.514   3.202   2.128   1.00 115.68 ? 9  DG A N7    1 
ATOM 179 C C5    . DG A 1 9  ? 8.517   3.808   0.888   1.00 108.38 ? 9  DG A C5    1 
ATOM 180 C C6    . DG A 1 9  ? 8.895   3.292   -0.357  1.00 108.38 ? 9  DG A C6    1 
ATOM 181 O O6    . DG A 1 9  ? 9.328   2.170   -0.611  1.00 108.38 ? 9  DG A O6    1 
ATOM 182 N N1    . DG A 1 9  ? 8.732   4.219   -1.367  1.00 108.38 ? 9  DG A N1    1 
ATOM 183 C C2    . DG A 1 9  ? 8.259   5.489   -1.194  1.00 108.38 ? 9  DG A C2    1 
ATOM 184 N N2    . DG A 1 9  ? 8.175   6.242   -2.293  1.00 108.38 ? 9  DG A N2    1 
ATOM 185 N N3    . DG A 1 9  ? 7.890   5.988   -0.025  1.00 115.07 ? 9  DG A N3    1 
ATOM 186 C C4    . DG A 1 9  ? 8.043   5.088   0.968   1.00 112.86 ? 9  DG A C4    1 
ATOM 187 P P     . DT A 1 10 ? 4.401   9.617   3.261   1.00 153.91 ? 10 DT A P     1 
ATOM 188 O OP1   . DT A 1 10 ? 4.287   10.753  4.197   1.00 149.80 ? 10 DT A OP1   1 
ATOM 189 O OP2   . DT A 1 10 ? 3.320   8.614   3.178   1.00 140.43 ? 10 DT A OP2   1 
ATOM 190 O "O5'" . DT A 1 10 ? 4.660   10.193  1.799   1.00 138.54 ? 10 DT A "O5'" 1 
ATOM 191 C "C5'" . DT A 1 10 ? 5.432   9.443   0.875   1.00 132.40 ? 10 DT A "C5'" 1 
ATOM 192 C "C4'" . DT A 1 10 ? 4.639   9.206   -0.384  1.00 133.87 ? 10 DT A "C4'" 1 
ATOM 193 O "O4'" . DT A 1 10 ? 5.145   8.025   -1.072  1.00 127.66 ? 10 DT A "O4'" 1 
ATOM 194 C "C3'" . DT A 1 10 ? 3.172   8.918   -0.129  1.00 132.98 ? 10 DT A "C3'" 1 
ATOM 195 O "O3'" . DT A 1 10 ? 2.416   9.342   -1.224  1.00 141.26 ? 10 DT A "O3'" 1 
ATOM 196 C "C2'" . DT A 1 10 ? 3.186   7.413   -0.032  1.00 128.54 ? 10 DT A "C2'" 1 
ATOM 197 C "C1'" . DT A 1 10 ? 4.085   7.112   -1.211  1.00 121.84 ? 10 DT A "C1'" 1 
ATOM 198 N N1    . DT A 1 10 ? 4.620   5.736   -1.226  1.00 111.56 ? 10 DT A N1    1 
ATOM 199 C C2    . DT A 1 10 ? 5.041   5.194   -2.408  1.00 109.12 ? 10 DT A C2    1 
ATOM 200 O O2    . DT A 1 10 ? 5.004   5.790   -3.460  1.00 113.54 ? 10 DT A O2    1 
ATOM 201 N N3    . DT A 1 10 ? 5.509   3.917   -2.311  1.00 110.15 ? 10 DT A N3    1 
ATOM 202 C C4    . DT A 1 10 ? 5.598   3.152   -1.178  1.00 114.64 ? 10 DT A C4    1 
ATOM 203 O O4    . DT A 1 10 ? 6.035   2.011   -1.191  1.00 108.12 ? 10 DT A O4    1 
ATOM 204 C C5    . DT A 1 10 ? 5.130   3.780   0.022   1.00 114.17 ? 10 DT A C5    1 
ATOM 205 C C7    . DT A 1 10 ? 5.162   3.040   1.319   1.00 117.00 ? 10 DT A C7    1 
ATOM 206 C C6    . DT A 1 10 ? 4.671   5.026   -0.059  1.00 112.78 ? 10 DT A C6    1 
ATOM 207 P P     . DG A 1 11 ? 1.445   10.605  -1.074  1.00 152.75 ? 11 DG A P     1 
ATOM 208 O OP1   . DG A 1 11 ? 2.277   11.819  -1.188  1.00 139.75 ? 11 DG A OP1   1 
ATOM 209 O OP2   . DG A 1 11 ? 0.609   10.389  0.123   1.00 141.69 ? 11 DG A OP2   1 
ATOM 210 O "O5'" . DG A 1 11 ? 0.525   10.518  -2.366  1.00 140.41 ? 11 DG A "O5'" 1 
ATOM 211 C "C5'" . DG A 1 11 ? 1.074   10.831  -3.621  1.00 135.86 ? 11 DG A "C5'" 1 
ATOM 212 C "C4'" . DG A 1 11 ? 0.775   9.745   -4.630  1.00 137.95 ? 11 DG A "C4'" 1 
ATOM 213 O "O4'" . DG A 1 11 ? 1.443   8.521   -4.246  1.00 136.38 ? 11 DG A "O4'" 1 
ATOM 214 C "C3'" . DG A 1 11 ? -0.704  9.382   -4.785  1.00 135.94 ? 11 DG A "C3'" 1 
ATOM 215 O "O3'" . DG A 1 11 ? -0.997  9.253   -6.152  1.00 140.51 ? 11 DG A "O3'" 1 
ATOM 216 C "C2'" . DG A 1 11 ? -0.793  8.035   -4.079  1.00 133.05 ? 11 DG A "C2'" 1 
ATOM 217 C "C1'" . DG A 1 11 ? 0.552   7.458   -4.436  1.00 128.47 ? 11 DG A "C1'" 1 
ATOM 218 N N9    . DG A 1 11 ? 0.958   6.359   -3.589  1.00 121.28 ? 11 DG A N9    1 
ATOM 219 C C8    . DG A 1 11 ? 0.831   6.280   -2.237  1.00 120.38 ? 11 DG A C8    1 
ATOM 220 N N7    . DG A 1 11 ? 1.301   5.177   -1.739  1.00 117.55 ? 11 DG A N7    1 
ATOM 221 C C5    . DG A 1 11 ? 1.750   4.476   -2.839  1.00 112.11 ? 11 DG A C5    1 
ATOM 222 C C6    . DG A 1 11 ? 2.356   3.216   -2.919  1.00 108.24 ? 11 DG A C6    1 
ATOM 223 O O6    . DG A 1 11 ? 2.609   2.435   -2.002  1.00 115.03 ? 11 DG A O6    1 
ATOM 224 N N1    . DG A 1 11 ? 2.652   2.871   -4.227  1.00 105.26 ? 11 DG A N1    1 
ATOM 225 C C2    . DG A 1 11 ? 2.406   3.659   -5.315  1.00 110.87 ? 11 DG A C2    1 
ATOM 226 N N2    . DG A 1 11 ? 2.767   3.167   -6.504  1.00 106.09 ? 11 DG A N2    1 
ATOM 227 N N3    . DG A 1 11 ? 1.842   4.849   -5.250  1.00 115.08 ? 11 DG A N3    1 
ATOM 228 C C4    . DG A 1 11 ? 1.551   5.194   -3.984  1.00 115.36 ? 11 DG A C4    1 
ATOM 229 P P     . DA A 1 12 ? -2.500  9.399   -6.690  1.00 153.61 ? 12 DA A P     1 
ATOM 230 O OP1   . DA A 1 12 ? -2.581  10.700  -7.381  1.00 151.99 ? 12 DA A OP1   1 
ATOM 231 O OP2   . DA A 1 12 ? -3.450  9.087   -5.603  1.00 150.36 ? 12 DA A OP2   1 
ATOM 232 O "O5'" . DA A 1 12 ? -2.607  8.243   -7.778  1.00 139.23 ? 12 DA A "O5'" 1 
ATOM 233 C "C5'" . DA A 1 12 ? -1.586  8.103   -8.754  1.00 132.07 ? 12 DA A "C5'" 1 
ATOM 234 C "C4'" . DA A 1 12 ? -1.426  6.654   -9.174  1.00 127.13 ? 12 DA A "C4'" 1 
ATOM 235 O "O4'" . DA A 1 12 ? -0.780  5.907   -8.107  1.00 117.25 ? 12 DA A "O4'" 1 
ATOM 236 C "C3'" . DA A 1 12 ? -2.736  5.920   -9.469  1.00 127.44 ? 12 DA A "C3'" 1 
ATOM 237 O "O3'" . DA A 1 12 ? -2.606  5.131   -10.639 1.00 136.25 ? 12 DA A "O3'" 1 
ATOM 238 C "C2'" . DA A 1 12 ? -2.900  5.046   -8.246  1.00 116.77 ? 12 DA A "C2'" 1 
ATOM 239 C "C1'" . DA A 1 12 ? -1.462  4.699   -7.949  1.00 111.93 ? 12 DA A "C1'" 1 
ATOM 240 N N9    . DA A 1 12 ? -1.283  4.218   -6.595  1.00 109.98 ? 12 DA A N9    1 
ATOM 241 C C8    . DA A 1 12 ? -1.634  4.862   -5.453  1.00 116.92 ? 12 DA A C8    1 
ATOM 242 N N7    . DA A 1 12 ? -1.391  4.179   -4.367  1.00 108.57 ? 12 DA A N7    1 
ATOM 243 C C5    . DA A 1 12 ? -0.848  3.005   -4.833  1.00 108.47 ? 12 DA A C5    1 
ATOM 244 C C6    . DA A 1 12 ? -0.390  1.861   -4.178  1.00 110.15 ? 12 DA A C6    1 
ATOM 245 N N6    . DA A 1 12 ? -0.400  1.735   -2.858  1.00 108.14 ? 12 DA A N6    1 
ATOM 246 N N1    . DA A 1 12 ? 0.090   0.853   -4.930  1.00 106.67 ? 12 DA A N1    1 
ATOM 247 C C2    . DA A 1 12 ? 0.101   0.990   -6.259  1.00 105.43 ? 12 DA A C2    1 
ATOM 248 N N3    . DA A 1 12 ? -0.322  2.021   -6.989  1.00 102.06 ? 12 DA A N3    1 
ATOM 249 C C4    . DA A 1 12 ? -0.779  3.006   -6.205  1.00 106.46 ? 12 DA A C4    1 
ATOM 250 P P     . DC A 1 13 ? -3.907  4.718   -11.486 1.00 145.85 ? 13 DC A P     1 
ATOM 251 O OP1   . DC A 1 13 ? -3.453  3.961   -12.667 1.00 130.90 ? 13 DC A OP1   1 
ATOM 252 O OP2   . DC A 1 13 ? -4.730  5.930   -11.652 1.00 135.77 ? 13 DC A OP2   1 
ATOM 253 O "O5'" . DC A 1 13 ? -4.705  3.720   -10.530 1.00 125.55 ? 13 DC A "O5'" 1 
ATOM 254 C "C5'" . DC A 1 13 ? -5.189  2.493   -11.030 1.00 126.21 ? 13 DC A "C5'" 1 
ATOM 255 C "C4'" . DC A 1 13 ? -4.318  1.346   -10.566 1.00 120.68 ? 13 DC A "C4'" 1 
ATOM 256 O "O4'" . DC A 1 13 ? -3.554  1.751   -9.408  1.00 115.29 ? 13 DC A "O4'" 1 
ATOM 257 C "C3'" . DC A 1 13 ? -5.068  0.130   -10.076 1.00 121.05 ? 13 DC A "C3'" 1 
ATOM 258 O "O3'" . DC A 1 13 ? -5.481  -0.691  -11.155 1.00 121.29 ? 13 DC A "O3'" 1 
ATOM 259 C "C2'" . DC A 1 13 ? -4.001  -0.560  -9.260  1.00 116.26 ? 13 DC A "C2'" 1 
ATOM 260 C "C1'" . DC A 1 13 ? -3.193  0.589   -8.676  1.00 112.50 ? 13 DC A "C1'" 1 
ATOM 261 N N1    . DC A 1 13 ? -3.407  0.844   -7.201  1.00 101.41 ? 13 DC A N1    1 
ATOM 262 C C2    . DC A 1 13 ? -3.063  -0.117  -6.216  1.00 108.60 ? 13 DC A C2    1 
ATOM 263 O O2    . DC A 1 13 ? -2.594  -1.212  -6.544  1.00 111.72 ? 13 DC A O2    1 
ATOM 264 N N3    . DC A 1 13 ? -3.260  0.191   -4.919  1.00 101.41 ? 13 DC A N3    1 
ATOM 265 C C4    . DC A 1 13 ? -3.754  1.372   -4.581  1.00 104.91 ? 13 DC A C4    1 
ATOM 266 N N4    . DC A 1 13 ? -3.930  1.628   -3.288  1.00 105.26 ? 13 DC A N4    1 
ATOM 267 C C5    . DC A 1 13 ? -4.095  2.347   -5.550  1.00 106.31 ? 13 DC A C5    1 
ATOM 268 C C6    . DC A 1 13 ? -3.913  2.038   -6.828  1.00 101.78 ? 13 DC A C6    1 
ATOM 269 P P     . DA A 1 14 ? -6.723  -1.691  -10.959 1.00 139.08 ? 14 DA A P     1 
ATOM 270 O OP1   . DA A 1 14 ? -7.773  -1.266  -11.900 1.00 146.23 ? 14 DA A OP1   1 
ATOM 271 O OP2   . DA A 1 14 ? -7.025  -1.786  -9.523  1.00 123.92 ? 14 DA A OP2   1 
ATOM 272 O "O5'" . DA A 1 14 ? -6.176  -3.123  -11.401 1.00 129.47 ? 14 DA A "O5'" 1 
ATOM 273 C "C5'" . DA A 1 14 ? -4.885  -3.548  -11.016 1.00 127.29 ? 14 DA A "C5'" 1 
ATOM 274 C "C4'" . DA A 1 14 ? -4.928  -4.408  -9.764  1.00 122.51 ? 14 DA A "C4'" 1 
ATOM 275 O "O4'" . DA A 1 14 ? -4.694  -3.606  -8.593  1.00 119.00 ? 14 DA A "O4'" 1 
ATOM 276 C "C3'" . DA A 1 14 ? -6.241  -5.135  -9.521  1.00 124.11 ? 14 DA A "C3'" 1 
ATOM 277 O "O3'" . DA A 1 14 ? -6.038  -6.516  -9.686  1.00 129.08 ? 14 DA A "O3'" 1 
ATOM 278 C "C2'" . DA A 1 14 ? -6.611  -4.786  -8.072  1.00 122.57 ? 14 DA A "C2'" 1 
ATOM 279 C "C1'" . DA A 1 14 ? -5.322  -4.215  -7.503  1.00 122.89 ? 14 DA A "C1'" 1 
ATOM 280 N N9    . DA A 1 14 ? -5.538  -3.193  -6.474  1.00 117.54 ? 14 DA A N9    1 
ATOM 281 C C8    . DA A 1 14 ? -5.845  -1.889  -6.689  1.00 116.13 ? 14 DA A C8    1 
ATOM 282 N N7    . DA A 1 14 ? -5.983  -1.185  -5.602  1.00 106.93 ? 14 DA A N7    1 
ATOM 283 C C5    . DA A 1 14 ? -5.754  -2.086  -4.594  1.00 104.57 ? 14 DA A C5    1 
ATOM 284 C C6    . DA A 1 14 ? -5.760  -1.948  -3.207  1.00 103.97 ? 14 DA A C6    1 
ATOM 285 N N6    . DA A 1 14 ? -6.013  -0.794  -2.602  1.00 103.97 ? 14 DA A N6    1 
ATOM 286 N N1    . DA A 1 14 ? -5.495  -3.032  -2.462  1.00 103.97 ? 14 DA A N1    1 
ATOM 287 C C2    . DA A 1 14 ? -5.230  -4.189  -3.082  1.00 106.33 ? 14 DA A C2    1 
ATOM 288 N N3    . DA A 1 14 ? -5.207  -4.444  -4.395  1.00 105.35 ? 14 DA A N3    1 
ATOM 289 C C4    . DA A 1 14 ? -5.478  -3.336  -5.101  1.00 104.28 ? 14 DA A C4    1 
ATOM 290 P P     . DG A 1 15 ? -7.278  -7.529  -9.633  1.00 150.33 ? 15 DG A P     1 
ATOM 291 O OP1   . DG A 1 15 ? -6.943  -8.691  -10.479 1.00 145.02 ? 15 DG A OP1   1 
ATOM 292 O OP2   . DG A 1 15 ? -8.515  -6.763  -9.881  1.00 152.95 ? 15 DG A OP2   1 
ATOM 293 O "O5'" . DG A 1 15 ? -7.288  -8.014  -8.121  1.00 131.21 ? 15 DG A "O5'" 1 
ATOM 294 C "C5'" . DG A 1 15 ? -6.103  -8.496  -7.541  1.00 125.15 ? 15 DG A "C5'" 1 
ATOM 295 C "C4'" . DG A 1 15 ? -6.346  -8.940  -6.115  1.00 127.32 ? 15 DG A "C4'" 1 
ATOM 296 O "O4'" . DG A 1 15 ? -6.389  -7.782  -5.246  1.00 126.90 ? 15 DG A "O4'" 1 
ATOM 297 C "C3'" . DG A 1 15 ? -7.646  -9.698  -5.886  1.00 123.26 ? 15 DG A "C3'" 1 
ATOM 298 O "O3'" . DG A 1 15 ? -7.404  -10.792 -5.032  1.00 130.39 ? 15 DG A "O3'" 1 
ATOM 299 C "C2'" . DG A 1 15 ? -8.542  -8.658  -5.219  1.00 120.89 ? 15 DG A "C2'" 1 
ATOM 300 C "C1'" . DG A 1 15 ? -7.533  -7.845  -4.430  1.00 121.48 ? 15 DG A "C1'" 1 
ATOM 301 N N9    . DG A 1 15 ? -7.959  -6.473  -4.148  1.00 117.96 ? 15 DG A N9    1 
ATOM 302 C C8    . DG A 1 15 ? -8.181  -5.480  -5.062  1.00 118.43 ? 15 DG A C8    1 
ATOM 303 N N7    . DG A 1 15 ? -8.535  -4.349  -4.530  1.00 107.22 ? 15 DG A N7    1 
ATOM 304 C C5    . DG A 1 15 ? -8.554  -4.606  -3.174  1.00 105.77 ? 15 DG A C5    1 
ATOM 305 C C6    . DG A 1 15 ? -8.861  -3.752  -2.101  1.00 106.96 ? 15 DG A C6    1 
ATOM 306 O O6    . DG A 1 15 ? -9.201  -2.566  -2.142  1.00 108.75 ? 15 DG A O6    1 
ATOM 307 N N1    . DG A 1 15 ? -8.752  -4.399  -0.881  1.00 105.77 ? 15 DG A N1    1 
ATOM 308 C C2    . DG A 1 15 ? -8.384  -5.709  -0.723  1.00 109.13 ? 15 DG A C2    1 
ATOM 309 N N2    . DG A 1 15 ? -8.332  -6.159  0.535   1.00 105.77 ? 15 DG A N2    1 
ATOM 310 N N3    . DG A 1 15 ? -8.091  -6.524  -1.724  1.00 112.62 ? 15 DG A N3    1 
ATOM 311 C C4    . DG A 1 15 ? -8.188  -5.905  -2.917  1.00 107.62 ? 15 DG A C4    1 
ATOM 312 P P     . DC A 1 16 ? -8.370  -12.072 -5.060  1.00 138.99 ? 16 DC A P     1 
ATOM 313 O OP1   . DC A 1 16 ? -7.560  -13.235 -5.465  1.00 131.26 ? 16 DC A OP1   1 
ATOM 314 O OP2   . DC A 1 16 ? -9.576  -11.717 -5.827  1.00 134.25 ? 16 DC A OP2   1 
ATOM 315 O "O5'" . DC A 1 16 ? -8.789  -12.249 -3.533  1.00 128.21 ? 16 DC A "O5'" 1 
ATOM 316 C "C5'" . DC A 1 16 ? -8.353  -11.298 -2.586  1.00 128.13 ? 16 DC A "C5'" 1 
ATOM 317 C "C4'" . DC A 1 16 ? -8.891  -11.608 -1.207  1.00 130.50 ? 16 DC A "C4'" 1 
ATOM 318 O "O4'" . DC A 1 16 ? -9.255  -10.369 -0.554  1.00 131.85 ? 16 DC A "O4'" 1 
ATOM 319 C "C3'" . DC A 1 16 ? -10.159 -12.424 -1.185  1.00 123.83 ? 16 DC A "C3'" 1 
ATOM 320 O "O3'" . DC A 1 16 ? -10.328 -12.968 0.098   1.00 124.72 ? 16 DC A "O3'" 1 
ATOM 321 C "C2'" . DC A 1 16 ? -11.194 -11.351 -1.456  1.00 125.92 ? 16 DC A "C2'" 1 
ATOM 322 C "C1'" . DC A 1 16 ? -10.657 -10.201 -0.607  1.00 121.17 ? 16 DC A "C1'" 1 
ATOM 323 N N1    . DC A 1 16 ? -10.941 -8.870  -1.182  1.00 114.49 ? 16 DC A N1    1 
ATOM 324 C C2    . DC A 1 16 ? -11.244 -7.800  -0.344  1.00 112.09 ? 16 DC A C2    1 
ATOM 325 O O2    . DC A 1 16 ? -11.284 -7.981  0.872   1.00 113.34 ? 16 DC A O2    1 
ATOM 326 N N3    . DC A 1 16 ? -11.503 -6.594  -0.895  1.00 110.59 ? 16 DC A N3    1 
ATOM 327 C C4    . DC A 1 16 ? -11.453 -6.441  -2.212  1.00 107.58 ? 16 DC A C4    1 
ATOM 328 N N4    . DC A 1 16 ? -11.712 -5.237  -2.717  1.00 110.10 ? 16 DC A N4    1 
ATOM 329 C C5    . DC A 1 16 ? -11.150 -7.521  -3.077  1.00 107.91 ? 16 DC A C5    1 
ATOM 330 C C6    . DC A 1 16 ? -10.898 -8.703  -2.524  1.00 111.98 ? 16 DC A C6    1 
ATOM 331 P P     . DA A 1 17 ? -11.113 -14.348 0.297   1.00 138.72 ? 17 DA A P     1 
ATOM 332 O OP1   . DA A 1 17 ? -10.115 -15.414 0.493   1.00 132.80 ? 17 DA A OP1   1 
ATOM 333 O OP2   . DA A 1 17 ? -12.107 -14.462 -0.789  1.00 130.75 ? 17 DA A OP2   1 
ATOM 334 O "O5'" . DA A 1 17 ? -11.909 -14.128 1.656   1.00 128.05 ? 17 DA A "O5'" 1 
ATOM 335 C "C5'" . DA A 1 17 ? -13.068 -13.333 1.651   1.00 117.24 ? 17 DA A "C5'" 1 
ATOM 336 C "C4'" . DA A 1 17 ? -13.243 -12.613 2.968   1.00 115.02 ? 17 DA A "C4'" 1 
ATOM 337 O "O4'" . DA A 1 17 ? -13.025 -11.204 2.757   1.00 117.93 ? 17 DA A "O4'" 1 
ATOM 338 C "C3'" . DA A 1 17 ? -14.642 -12.694 3.529   1.00 111.60 ? 17 DA A "C3'" 1 
ATOM 339 O "O3'" . DA A 1 17 ? -14.646 -12.387 4.896   1.00 111.53 ? 17 DA A "O3'" 1 
ATOM 340 C "C2'" . DA A 1 17 ? -15.342 -11.621 2.731   1.00 113.43 ? 17 DA A "C2'" 1 
ATOM 341 C "C1'" . DA A 1 17 ? -14.268 -10.546 2.644   1.00 109.10 ? 17 DA A "C1'" 1 
ATOM 342 N N9    . DA A 1 17 ? -14.296 -9.849  1.379   1.00 99.47  ? 17 DA A N9    1 
ATOM 343 C C8    . DA A 1 17 ? -14.115 -10.391 0.151   1.00 104.27 ? 17 DA A C8    1 
ATOM 344 N N7    . DA A 1 17 ? -14.204 -9.533  -0.823  1.00 99.47  ? 17 DA A N7    1 
ATOM 345 C C5    . DA A 1 17 ? -14.484 -8.350  -0.189  1.00 99.47  ? 17 DA A C5    1 
ATOM 346 C C6    . DA A 1 17 ? -14.695 -7.060  -0.670  1.00 99.50  ? 17 DA A C6    1 
ATOM 347 N N6    . DA A 1 17 ? -14.659 -6.753  -1.961  1.00 99.47  ? 17 DA A N6    1 
ATOM 348 N N1    . DA A 1 17 ? -14.949 -6.092  0.226   1.00 99.47  ? 17 DA A N1    1 
ATOM 349 C C2    . DA A 1 17 ? -14.973 -6.407  1.523   1.00 99.47  ? 17 DA A C2    1 
ATOM 350 N N3    . DA A 1 17 ? -14.794 -7.595  2.092   1.00 99.47  ? 17 DA A N3    1 
ATOM 351 C C4    . DA A 1 17 ? -14.540 -8.525  1.170   1.00 99.47  ? 17 DA A C4    1 
ATOM 352 P P     . DC A 1 18 ? -15.937 -12.746 5.773   1.00 121.39 ? 18 DC A P     1 
ATOM 353 O OP1   . DC A 1 18 ? -15.520 -12.797 7.185   1.00 114.71 ? 18 DC A OP1   1 
ATOM 354 O OP2   . DC A 1 18 ? -16.581 -13.912 5.146   1.00 118.49 ? 18 DC A OP2   1 
ATOM 355 O "O5'" . DC A 1 18 ? -16.908 -11.499 5.563   1.00 114.67 ? 18 DC A "O5'" 1 
ATOM 356 C "C5'" . DC A 1 18 ? -16.494 -10.233 6.000   1.00 119.72 ? 18 DC A "C5'" 1 
ATOM 357 C "C4'" . DC A 1 18 ? -17.395 -9.137  5.470   1.00 113.31 ? 18 DC A "C4'" 1 
ATOM 358 O "O4'" . DC A 1 18 ? -17.070 -8.844  4.107   1.00 108.43 ? 18 DC A "O4'" 1 
ATOM 359 C "C3'" . DC A 1 18 ? -18.890 -9.445  5.469   1.00 115.97 ? 18 DC A "C3'" 1 
ATOM 360 O "O3'" . DC A 1 18 ? -19.517 -8.731  6.520   1.00 113.26 ? 18 DC A "O3'" 1 
ATOM 361 C "C2'" . DC A 1 18 ? -19.365 -8.957  4.093   1.00 115.17 ? 18 DC A "C2'" 1 
ATOM 362 C "C1'" . DC A 1 18 ? -18.172 -8.190  3.566   1.00 103.46 ? 18 DC A "C1'" 1 
ATOM 363 N N1    . DC A 1 18 ? -18.060 -8.221  2.109   1.00 100.85 ? 18 DC A N1    1 
ATOM 364 C C2    . DC A 1 18 ? -18.245 -7.053  1.376   1.00 103.43 ? 18 DC A C2    1 
ATOM 365 O O2    . DC A 1 18 ? -18.484 -6.006  1.974   1.00 106.06 ? 18 DC A O2    1 
ATOM 366 N N3    . DC A 1 18 ? -18.126 -7.101  0.032   1.00 101.21 ? 18 DC A N3    1 
ATOM 367 C C4    . DC A 1 18 ? -17.859 -8.254  -0.567  1.00 105.38 ? 18 DC A C4    1 
ATOM 368 N N4    . DC A 1 18 ? -17.760 -8.266  -1.897  1.00 102.90 ? 18 DC A N4    1 
ATOM 369 C C5    . DC A 1 18 ? -17.684 -9.456  0.167   1.00 107.03 ? 18 DC A C5    1 
ATOM 370 C C6    . DC A 1 18 ? -17.796 -9.390  1.489   1.00 101.53 ? 18 DC A C6    1 
ATOM 371 P P     . DT A 1 19 ? -21.114 -8.731  6.697   1.00 127.86 ? 19 DT A P     1 
ATOM 372 O OP1   . DT A 1 19 ? -21.363 -8.490  8.128   1.00 119.26 ? 19 DT A OP1   1 
ATOM 373 O OP2   . DT A 1 19 ? -21.706 -9.921  6.059   1.00 115.41 ? 19 DT A OP2   1 
ATOM 374 O "O5'" . DT A 1 19 ? -21.574 -7.428  5.912   1.00 120.44 ? 19 DT A "O5'" 1 
ATOM 375 C "C5'" . DT A 1 19 ? -20.893 -6.223  6.144   1.00 115.89 ? 19 DT A "C5'" 1 
ATOM 376 C "C4'" . DT A 1 19 ? -21.459 -5.091  5.311   1.00 119.23 ? 19 DT A "C4'" 1 
ATOM 377 O "O4'" . DT A 1 19 ? -21.100 -5.267  3.923   1.00 117.19 ? 19 DT A "O4'" 1 
ATOM 378 C "C3'" . DT A 1 19 ? -22.972 -4.942  5.338   1.00 124.32 ? 19 DT A "C3'" 1 
ATOM 379 O "O3'" . DT A 1 19 ? -23.281 -3.576  5.419   1.00 133.98 ? 19 DT A "O3'" 1 
ATOM 380 C "C2'" . DT A 1 19 ? -23.397 -5.524  3.991   1.00 123.77 ? 19 DT A "C2'" 1 
ATOM 381 C "C1'" . DT A 1 19 ? -22.239 -5.087  3.122   1.00 116.41 ? 19 DT A "C1'" 1 
ATOM 382 N N1    . DT A 1 19 ? -22.039 -5.889  1.904   1.00 107.11 ? 19 DT A N1    1 
ATOM 383 C C2    . DT A 1 19 ? -21.989 -5.260  0.687   1.00 105.91 ? 19 DT A C2    1 
ATOM 384 O O2    . DT A 1 19 ? -22.149 -4.066  0.548   1.00 107.37 ? 19 DT A O2    1 
ATOM 385 N N3    . DT A 1 19 ? -21.758 -6.091  -0.370  1.00 108.56 ? 19 DT A N3    1 
ATOM 386 C C4    . DT A 1 19 ? -21.562 -7.447  -0.332  1.00 108.64 ? 19 DT A C4    1 
ATOM 387 O O4    . DT A 1 19 ? -21.362 -8.111  -1.336  1.00 109.35 ? 19 DT A O4    1 
ATOM 388 C C5    . DT A 1 19 ? -21.611 -8.039  0.969   1.00 104.91 ? 19 DT A C5    1 
ATOM 389 C C7    . DT A 1 19 ? -21.417 -9.514  1.116   1.00 108.79 ? 19 DT A C7    1 
ATOM 390 C C6    . DT A 1 19 ? -21.836 -7.240  2.017   1.00 101.85 ? 19 DT A C6    1 
ATOM 391 P P     . DC A 1 20 ? -24.673 -3.100  6.045   1.00 146.01 ? 20 DC A P     1 
ATOM 392 O OP1   . DC A 1 20 ? -24.398 -1.912  6.876   1.00 136.50 ? 20 DC A OP1   1 
ATOM 393 O OP2   . DC A 1 20 ? -25.322 -4.287  6.634   1.00 136.68 ? 20 DC A OP2   1 
ATOM 394 O "O5'" . DC A 1 20 ? -25.511 -2.635  4.773   1.00 141.93 ? 20 DC A "O5'" 1 
ATOM 395 C "C5'" . DC A 1 20 ? -25.018 -1.589  3.961   1.00 135.20 ? 20 DC A "C5'" 1 
ATOM 396 C "C4'" . DC A 1 20 ? -25.755 -1.536  2.636   1.00 138.81 ? 20 DC A "C4'" 1 
ATOM 397 O "O4'" . DC A 1 20 ? -25.254 -2.566  1.748   1.00 131.20 ? 20 DC A "O4'" 1 
ATOM 398 C "C3'" . DC A 1 20 ? -27.267 -1.754  2.723   1.00 139.15 ? 20 DC A "C3'" 1 
ATOM 399 O "O3'" . DC A 1 20 ? -27.925 -0.780  1.958   1.00 142.84 ? 20 DC A "O3'" 1 
ATOM 400 C "C2'" . DC A 1 20 ? -27.453 -3.140  2.118   1.00 133.66 ? 20 DC A "C2'" 1 
ATOM 401 C "C1'" . DC A 1 20 ? -26.346 -3.147  1.089   1.00 124.47 ? 20 DC A "C1'" 1 
ATOM 402 N N1    . DC A 1 20 ? -25.963 -4.497  0.635   1.00 120.97 ? 20 DC A N1    1 
ATOM 403 C C2    . DC A 1 20 ? -25.571 -4.692  -0.689  1.00 121.81 ? 20 DC A C2    1 
ATOM 404 O O2    . DC A 1 20 ? -25.546 -3.725  -1.456  1.00 120.70 ? 20 DC A O2    1 
ATOM 405 N N3    . DC A 1 20 ? -25.223 -5.936  -1.090  1.00 122.93 ? 20 DC A N3    1 
ATOM 406 C C4    . DC A 1 20 ? -25.263 -6.948  -0.227  1.00 115.32 ? 20 DC A C4    1 
ATOM 407 N N4    . DC A 1 20 ? -24.913 -8.158  -0.665  1.00 113.20 ? 20 DC A N4    1 
ATOM 408 C C5    . DC A 1 20 ? -25.665 -6.767  1.125   1.00 110.97 ? 20 DC A C5    1 
ATOM 409 C C6    . DC A 1 20 ? -26.006 -5.536  1.507   1.00 115.93 ? 20 DC A C6    1 
ATOM 410 P P     . DA A 1 21 ? -28.603 0.476   2.681   1.00 167.04 ? 21 DA A P     1 
ATOM 411 O OP1   . DA A 1 21 ? -27.536 1.256   3.344   1.00 155.42 ? 21 DA A OP1   1 
ATOM 412 O OP2   . DA A 1 21 ? -29.744 -0.038  3.462   1.00 158.76 ? 21 DA A OP2   1 
ATOM 413 O "O5'" . DA A 1 21 ? -29.168 1.338   1.473   1.00 139.41 ? 21 DA A "O5'" 1 
ATOM 414 C "C5'" . DA A 1 21 ? -28.318 1.659   0.400   1.00 135.92 ? 21 DA A "C5'" 1 
ATOM 415 C "C4'" . DA A 1 21 ? -28.892 1.156   -0.907  1.00 135.47 ? 21 DA A "C4'" 1 
ATOM 416 O "O4'" . DA A 1 21 ? -28.741 -0.278  -0.988  1.00 136.88 ? 21 DA A "O4'" 1 
ATOM 417 C "C3'" . DA A 1 21 ? -30.379 1.434   -1.109  1.00 138.68 ? 21 DA A "C3'" 1 
ATOM 418 O "O3'" . DA A 1 21 ? -30.596 1.929   -2.417  1.00 144.93 ? 21 DA A "O3'" 1 
ATOM 419 C "C2'" . DA A 1 21 ? -31.023 0.062   -0.924  1.00 134.81 ? 21 DA A "C2'" 1 
ATOM 420 C "C1'" . DA A 1 21 ? -29.938 -0.838  -1.455  1.00 132.18 ? 21 DA A "C1'" 1 
ATOM 421 N N9    . DA A 1 21 ? -30.011 -2.188  -0.950  1.00 126.37 ? 21 DA A N9    1 
ATOM 422 C C8    . DA A 1 21 ? -30.440 -2.582  0.279   1.00 124.97 ? 21 DA A C8    1 
ATOM 423 N N7    . DA A 1 21 ? -30.378 -3.875  0.466   1.00 123.94 ? 21 DA A N7    1 
ATOM 424 C C5    . DA A 1 21 ? -29.863 -4.354  -0.723  1.00 123.41 ? 21 DA A C5    1 
ATOM 425 C C6    . DA A 1 21 ? -29.551 -5.645  -1.168  1.00 121.78 ? 21 DA A C6    1 
ATOM 426 N N6    . DA A 1 21 ? -29.727 -6.738  -0.427  1.00 125.86 ? 21 DA A N6    1 
ATOM 427 N N1    . DA A 1 21 ? -29.050 -5.774  -2.412  1.00 116.25 ? 21 DA A N1    1 
ATOM 428 C C2    . DA A 1 21 ? -28.880 -4.681  -3.156  1.00 119.52 ? 21 DA A C2    1 
ATOM 429 N N3    . DA A 1 21 ? -29.134 -3.417  -2.842  1.00 118.59 ? 21 DA A N3    1 
ATOM 430 C C4    . DA A 1 21 ? -29.629 -3.324  -1.602  1.00 122.17 ? 21 DA A C4    1 
ATOM 431 P P     . DT B 2 1  ? -2.179  -1.769  7.505   1.00 126.29 ? 1  DT B P     1 
ATOM 432 O OP1   . DT B 2 1  ? -2.865  -1.962  8.794   1.00 108.97 ? 1  DT B OP1   1 
ATOM 433 O OP2   . DT B 2 1  ? -2.058  -0.421  6.933   1.00 114.36 ? 1  DT B OP2   1 
ATOM 434 O "O5'" . DT B 2 1  ? -2.927  -2.656  6.423   1.00 112.51 ? 1  DT B "O5'" 1 
ATOM 435 C "C5'" . DT B 2 1  ? -3.893  -3.585  6.836   1.00 101.97 ? 1  DT B "C5'" 1 
ATOM 436 C "C4'" . DT B 2 1  ? -4.138  -4.596  5.747   1.00 97.39  ? 1  DT B "C4'" 1 
ATOM 437 O "O4'" . DT B 2 1  ? -5.192  -4.134  4.886   1.00 87.00  ? 1  DT B "O4'" 1 
ATOM 438 C "C3'" . DT B 2 1  ? -2.972  -4.798  4.823   1.00 104.51 ? 1  DT B "C3'" 1 
ATOM 439 O "O3'" . DT B 2 1  ? -2.076  -5.717  5.385   1.00 110.96 ? 1  DT B "O3'" 1 
ATOM 440 C "C2'" . DT B 2 1  ? -3.648  -5.370  3.595   1.00 92.00  ? 1  DT B "C2'" 1 
ATOM 441 C "C1'" . DT B 2 1  ? -5.004  -4.666  3.593   1.00 85.95  ? 1  DT B "C1'" 1 
ATOM 442 N N1    . DT B 2 1  ? -5.111  -3.550  2.627   1.00 78.96  ? 1  DT B N1    1 
ATOM 443 C C2    . DT B 2 1  ? -5.145  -3.800  1.270   1.00 90.46  ? 1  DT B C2    1 
ATOM 444 O O2    . DT B 2 1  ? -5.075  -4.909  0.784   1.00 95.50  ? 1  DT B O2    1 
ATOM 445 N N3    . DT B 2 1  ? -5.252  -2.684  0.490   1.00 85.18  ? 1  DT B N3    1 
ATOM 446 C C4    . DT B 2 1  ? -5.341  -1.385  0.923   1.00 86.92  ? 1  DT B C4    1 
ATOM 447 O O4    . DT B 2 1  ? -5.437  -0.444  0.156   1.00 94.30  ? 1  DT B O4    1 
ATOM 448 C C5    . DT B 2 1  ? -5.315  -1.203  2.341   1.00 85.05  ? 1  DT B C5    1 
ATOM 449 C C7    . DT B 2 1  ? -5.402  0.171   2.917   1.00 88.44  ? 1  DT B C7    1 
ATOM 450 C C6    . DT B 2 1  ? -5.206  -2.280  3.114   1.00 81.02  ? 1  DT B C6    1 
ATOM 451 P P     . DG B 2 2  ? -0.503  -5.524  5.165   1.00 121.17 ? 2  DG B P     1 
ATOM 452 O OP1   . DG B 2 2  ? 0.182   -6.637  5.848   1.00 115.22 ? 2  DG B OP1   1 
ATOM 453 O OP2   . DG B 2 2  ? -0.185  -4.129  5.518   1.00 119.79 ? 2  DG B OP2   1 
ATOM 454 O "O5'" . DG B 2 2  ? -0.314  -5.700  3.593   1.00 103.87 ? 2  DG B "O5'" 1 
ATOM 455 C "C5'" . DG B 2 2  ? -0.104  -6.988  3.056   1.00 103.88 ? 2  DG B "C5'" 1 
ATOM 456 C "C4'" . DG B 2 2  ? -0.456  -7.023  1.585   1.00 110.10 ? 2  DG B "C4'" 1 
ATOM 457 O "O4'" . DG B 2 2  ? -1.455  -6.038  1.331   1.00 97.03  ? 2  DG B "O4'" 1 
ATOM 458 C "C3'" . DG B 2 2  ? 0.674   -6.664  0.644   1.00 115.32 ? 2  DG B "C3'" 1 
ATOM 459 O "O3'" . DG B 2 2  ? 1.385   -7.829  0.284   1.00 116.31 ? 2  DG B "O3'" 1 
ATOM 460 C "C2'" . DG B 2 2  ? -0.053  -6.074  -0.567  1.00 104.57 ? 2  DG B "C2'" 1 
ATOM 461 C "C1'" . DG B 2 2  ? -1.411  -5.662  -0.017  1.00 91.67  ? 2  DG B "C1'" 1 
ATOM 462 N N9    . DG B 2 2  ? -1.673  -4.242  -0.079  1.00 92.15  ? 2  DG B N9    1 
ATOM 463 C C8    . DG B 2 2  ? -1.844  -3.407  0.984   1.00 93.43  ? 2  DG B C8    1 
ATOM 464 N N7    . DG B 2 2  ? -2.092  -2.182  0.644   1.00 93.08  ? 2  DG B N7    1 
ATOM 465 C C5    . DG B 2 2  ? -2.088  -2.209  -0.735  1.00 90.42  ? 2  DG B C5    1 
ATOM 466 C C6    . DG B 2 2  ? -2.296  -1.169  -1.656  1.00 102.82 ? 2  DG B C6    1 
ATOM 467 O O6    . DG B 2 2  ? -2.532  0.017   -1.427  1.00 113.55 ? 2  DG B O6    1 
ATOM 468 N N1    . DG B 2 2  ? -2.209  -1.613  -2.962  1.00 98.89  ? 2  DG B N1    1 
ATOM 469 C C2    . DG B 2 2  ? -1.956  -2.902  -3.332  1.00 97.74  ? 2  DG B C2    1 
ATOM 470 N N2    . DG B 2 2  ? -1.912  -3.139  -4.646  1.00 105.90 ? 2  DG B N2    1 
ATOM 471 N N3    . DG B 2 2  ? -1.757  -3.893  -2.477  1.00 93.76  ? 2  DG B N3    1 
ATOM 472 C C4    . DG B 2 2  ? -1.839  -3.471  -1.199  1.00 87.73  ? 2  DG B C4    1 
ATOM 473 P P     . DT B 2 3  ? 2.916   -7.727  -0.175  1.00 118.55 ? 3  DT B P     1 
ATOM 474 O OP1   . DT B 2 3  ? 3.432   -9.105  -0.233  1.00 122.62 ? 3  DT B OP1   1 
ATOM 475 O OP2   . DT B 2 3  ? 3.572   -6.723  0.682   1.00 107.81 ? 3  DT B OP2   1 
ATOM 476 O "O5'" . DT B 2 3  ? 2.846   -7.147  -1.659  1.00 95.09  ? 3  DT B "O5'" 1 
ATOM 477 C "C5'" . DT B 2 3  ? 2.303   -7.943  -2.686  1.00 100.63 ? 3  DT B "C5'" 1 
ATOM 478 C "C4'" . DT B 2 3  ? 2.343   -7.224  -4.017  1.00 101.70 ? 3  DT B "C4'" 1 
ATOM 479 O "O4'" . DT B 2 3  ? 1.570   -6.008  -3.940  1.00 96.80  ? 3  DT B "O4'" 1 
ATOM 480 C "C3'" . DT B 2 3  ? 3.731   -6.817  -4.491  1.00 99.81  ? 3  DT B "C3'" 1 
ATOM 481 O "O3'" . DT B 2 3  ? 3.867   -7.113  -5.857  1.00 96.38  ? 3  DT B "O3'" 1 
ATOM 482 C "C2'" . DT B 2 3  ? 3.755   -5.317  -4.244  1.00 102.37 ? 3  DT B "C2'" 1 
ATOM 483 C "C1'" . DT B 2 3  ? 2.309   -4.946  -4.481  1.00 98.60  ? 3  DT B "C1'" 1 
ATOM 484 N N1    . DT B 2 3  ? 1.892   -3.723  -3.781  1.00 94.73  ? 3  DT B N1    1 
ATOM 485 C C2    . DT B 2 3  ? 1.505   -2.617  -4.497  1.00 98.04  ? 3  DT B C2    1 
ATOM 486 O O2    . DT B 2 3  ? 1.505   -2.575  -5.708  1.00 100.17 ? 3  DT B O2    1 
ATOM 487 N N3    . DT B 2 3  ? 1.129   -1.550  -3.727  1.00 96.85  ? 3  DT B N3    1 
ATOM 488 C C4    . DT B 2 3  ? 1.092   -1.492  -2.356  1.00 102.31 ? 3  DT B C4    1 
ATOM 489 O O4    . DT B 2 3  ? 0.744   -0.496  -1.746  1.00 105.93 ? 3  DT B O4    1 
ATOM 490 C C5    . DT B 2 3  ? 1.503   -2.681  -1.681  1.00 91.60  ? 3  DT B C5    1 
ATOM 491 C C7    . DT B 2 3  ? 1.506   -2.724  -0.188  1.00 94.79  ? 3  DT B C7    1 
ATOM 492 C C6    . DT B 2 3  ? 1.878   -3.726  -2.416  1.00 87.22  ? 3  DT B C6    1 
ATOM 493 P P     . DC B 2 4  ? 5.297   -6.998  -6.564  1.00 106.88 ? 4  DC B P     1 
ATOM 494 O OP1   . DC B 2 4  ? 5.326   -7.979  -7.662  1.00 97.18  ? 4  DC B OP1   1 
ATOM 495 O OP2   . DC B 2 4  ? 6.324   -7.039  -5.508  1.00 108.02 ? 4  DC B OP2   1 
ATOM 496 O "O5'" . DC B 2 4  ? 5.279   -5.542  -7.201  1.00 110.75 ? 4  DC B "O5'" 1 
ATOM 497 C "C5'" . DC B 2 4  ? 4.149   -5.127  -7.936  1.00 107.86 ? 4  DC B "C5'" 1 
ATOM 498 C "C4'" . DC B 2 4  ? 4.369   -3.782  -8.605  1.00 103.73 ? 4  DC B "C4'" 1 
ATOM 499 O "O4'" . DC B 2 4  ? 3.848   -2.719  -7.776  1.00 102.45 ? 4  DC B "O4'" 1 
ATOM 500 C "C3'" . DC B 2 4  ? 5.810   -3.413  -8.898  1.00 98.45  ? 4  DC B "C3'" 1 
ATOM 501 O "O3'" . DC B 2 4  ? 5.860   -2.741  -10.114 1.00 91.79  ? 4  DC B "O3'" 1 
ATOM 502 C "C2'" . DC B 2 4  ? 6.162   -2.479  -7.750  1.00 106.22 ? 4  DC B "C2'" 1 
ATOM 503 C "C1'" . DC B 2 4  ? 4.849   -1.760  -7.535  1.00 103.67 ? 4  DC B "C1'" 1 
ATOM 504 N N1    . DC B 2 4  ? 4.660   -1.303  -6.174  1.00 98.13  ? 4  DC B N1    1 
ATOM 505 C C2    . DC B 2 4  ? 4.114   -0.050  -5.935  1.00 97.13  ? 4  DC B C2    1 
ATOM 506 O O2    . DC B 2 4  ? 3.832   0.670   -6.888  1.00 99.21  ? 4  DC B O2    1 
ATOM 507 N N3    . DC B 2 4  ? 3.919   0.340   -4.660  1.00 97.61  ? 4  DC B N3    1 
ATOM 508 C C4    . DC B 2 4  ? 4.238   -0.474  -3.664  1.00 100.50 ? 4  DC B C4    1 
ATOM 509 N N4    . DC B 2 4  ? 4.033   -0.052  -2.418  1.00 107.79 ? 4  DC B N4    1 
ATOM 510 C C5    . DC B 2 4  ? 4.787   -1.759  -3.895  1.00 101.78 ? 4  DC B C5    1 
ATOM 511 C C6    . DC B 2 4  ? 4.975   -2.127  -5.155  1.00 98.62  ? 4  DC B C6    1 
ATOM 512 P P     . DA B 2 5  ? 6.936   -3.171  -11.211 1.00 114.15 ? 5  DA B P     1 
ATOM 513 O OP1   . DA B 2 5  ? 6.210   -3.610  -12.414 1.00 105.85 ? 5  DA B OP1   1 
ATOM 514 O OP2   . DA B 2 5  ? 7.901   -4.061  -10.544 1.00 110.99 ? 5  DA B OP2   1 
ATOM 515 O "O5'" . DA B 2 5  ? 7.666   -1.813  -11.546 1.00 92.75  ? 5  DA B "O5'" 1 
ATOM 516 C "C5'" . DA B 2 5  ? 6.903   -0.689  -11.833 1.00 88.16  ? 5  DA B "C5'" 1 
ATOM 517 C "C4'" . DA B 2 5  ? 7.594   0.547   -11.322 1.00 97.36  ? 5  DA B "C4'" 1 
ATOM 518 O "O4'" . DA B 2 5  ? 7.074   0.890   -10.035 1.00 106.88 ? 5  DA B "O4'" 1 
ATOM 519 C "C3'" . DA B 2 5  ? 9.067   0.378   -11.081 1.00 104.95 ? 5  DA B "C3'" 1 
ATOM 520 O "O3'" . DA B 2 5  ? 9.760   0.556   -12.286 1.00 96.92  ? 5  DA B "O3'" 1 
ATOM 521 C "C2'" . DA B 2 5  ? 9.365   1.496   -10.087 1.00 97.80  ? 5  DA B "C2'" 1 
ATOM 522 C "C1'" . DA B 2 5  ? 8.035   1.657   -9.349  1.00 103.35 ? 5  DA B "C1'" 1 
ATOM 523 N N9    . DA B 2 5  ? 8.066   1.209   -7.972  1.00 96.28  ? 5  DA B N9    1 
ATOM 524 C C8    . DA B 2 5  ? 8.570   0.042   -7.496  1.00 99.84  ? 5  DA B C8    1 
ATOM 525 N N7    . DA B 2 5  ? 8.439   -0.097  -6.202  1.00 93.90  ? 5  DA B N7    1 
ATOM 526 C C5    . DA B 2 5  ? 7.805   1.058   -5.815  1.00 91.01  ? 5  DA B C5    1 
ATOM 527 C C6    . DA B 2 5  ? 7.379   1.529   -4.571  1.00 93.42  ? 5  DA B C6    1 
ATOM 528 N N6    . DA B 2 5  ? 7.549   0.853   -3.441  1.00 97.69  ? 5  DA B N6    1 
ATOM 529 N N1    . DA B 2 5  ? 6.779   2.734   -4.528  1.00 99.81  ? 5  DA B N1    1 
ATOM 530 C C2    . DA B 2 5  ? 6.615   3.408   -5.666  1.00 105.33 ? 5  DA B C2    1 
ATOM 531 N N3    . DA B 2 5  ? 6.975   3.062   -6.893  1.00 101.32 ? 5  DA B N3    1 
ATOM 532 C C4    . DA B 2 5  ? 7.569   1.870   -6.895  1.00 95.08  ? 5  DA B C4    1 
ATOM 533 O "O5'" . DT C 3 1  ? -33.463 -18.378 1.241   1.00 141.11 ? 1  DT C "O5'" 1 
ATOM 534 C "C5'" . DT C 3 1  ? -34.066 -17.311 0.525   1.00 136.64 ? 1  DT C "C5'" 1 
ATOM 535 C "C4'" . DT C 3 1  ? -33.516 -17.229 -0.879  1.00 130.15 ? 1  DT C "C4'" 1 
ATOM 536 O "O4'" . DT C 3 1  ? -34.029 -16.032 -1.520  1.00 131.00 ? 1  DT C "O4'" 1 
ATOM 537 C "C3'" . DT C 3 1  ? -32.008 -17.090 -0.954  1.00 128.53 ? 1  DT C "C3'" 1 
ATOM 538 O "O3'" . DT C 3 1  ? -31.557 -17.531 -2.214  1.00 139.39 ? 1  DT C "O3'" 1 
ATOM 539 C "C2'" . DT C 3 1  ? -31.852 -15.592 -0.821  1.00 128.75 ? 1  DT C "C2'" 1 
ATOM 540 C "C1'" . DT C 3 1  ? -32.963 -15.137 -1.745  1.00 127.24 ? 1  DT C "C1'" 1 
ATOM 541 N N1    . DT C 3 1  ? -33.427 -13.769 -1.477  1.00 121.62 ? 1  DT C N1    1 
ATOM 542 C C2    . DT C 3 1  ? -33.724 -12.949 -2.530  1.00 121.02 ? 1  DT C C2    1 
ATOM 543 O O2    . DT C 3 1  ? -33.628 -13.295 -3.690  1.00 124.13 ? 1  DT C O2    1 
ATOM 544 N N3    . DT C 3 1  ? -34.146 -11.703 -2.183  1.00 122.27 ? 1  DT C N3    1 
ATOM 545 C C4    . DT C 3 1  ? -34.293 -11.204 -0.911  1.00 119.48 ? 1  DT C C4    1 
ATOM 546 O O4    . DT C 3 1  ? -34.679 -10.064 -0.698  1.00 120.47 ? 1  DT C O4    1 
ATOM 547 C C5    . DT C 3 1  ? -33.962 -12.114 0.149   1.00 120.83 ? 1  DT C C5    1 
ATOM 548 C C7    . DT C 3 1  ? -34.081 -11.677 1.573   1.00 124.44 ? 1  DT C C7    1 
ATOM 549 C C6    . DT C 3 1  ? -33.547 -13.340 -0.180  1.00 120.51 ? 1  DT C C6    1 
ATOM 550 P P     . DC C 3 2  ? -30.024 -17.955 -2.419  1.00 146.22 ? 2  DC C P     1 
ATOM 551 O OP1   . DC C 3 2  ? -29.775 -19.146 -1.587  1.00 135.28 ? 2  DC C OP1   1 
ATOM 552 O OP2   . DC C 3 2  ? -29.166 -16.765 -2.283  1.00 138.12 ? 2  DC C OP2   1 
ATOM 553 O "O5'" . DC C 3 2  ? -29.954 -18.378 -3.947  1.00 131.70 ? 2  DC C "O5'" 1 
ATOM 554 C "C5'" . DC C 3 2  ? -28.799 -18.092 -4.684  1.00 133.64 ? 2  DC C "C5'" 1 
ATOM 555 C "C4'" . DC C 3 2  ? -29.053 -16.969 -5.665  1.00 132.58 ? 2  DC C "C4'" 1 
ATOM 556 O "O4'" . DC C 3 2  ? -29.855 -15.929 -5.041  1.00 128.07 ? 2  DC C "O4'" 1 
ATOM 557 C "C3'" . DC C 3 2  ? -27.789 -16.268 -6.178  1.00 136.49 ? 2  DC C "C3'" 1 
ATOM 558 O "O3'" . DC C 3 2  ? -27.829 -16.163 -7.580  1.00 137.38 ? 2  DC C "O3'" 1 
ATOM 559 C "C2'" . DC C 3 2  ? -27.874 -14.896 -5.525  1.00 132.97 ? 2  DC C "C2'" 1 
ATOM 560 C "C1'" . DC C 3 2  ? -29.369 -14.704 -5.509  1.00 129.78 ? 2  DC C "C1'" 1 
ATOM 561 N N1    . DC C 3 2  ? -29.813 -13.603 -4.627  1.00 126.63 ? 2  DC C N1    1 
ATOM 562 C C2    . DC C 3 2  ? -30.097 -12.358 -5.189  1.00 125.04 ? 2  DC C C2    1 
ATOM 563 O O2    . DC C 3 2  ? -29.992 -12.214 -6.410  1.00 130.49 ? 2  DC C O2    1 
ATOM 564 N N3    . DC C 3 2  ? -30.485 -11.347 -4.384  1.00 119.40 ? 2  DC C N3    1 
ATOM 565 C C4    . DC C 3 2  ? -30.585 -11.546 -3.076  1.00 122.27 ? 2  DC C C4    1 
ATOM 566 N N4    . DC C 3 2  ? -30.972 -10.520 -2.320  1.00 123.04 ? 2  DC C N4    1 
ATOM 567 C C5    . DC C 3 2  ? -30.288 -12.804 -2.483  1.00 118.43 ? 2  DC C C5    1 
ATOM 568 C C6    . DC C 3 2  ? -29.906 -13.795 -3.290  1.00 122.83 ? 2  DC C C6    1 
ATOM 569 P P     . DT C 3 3  ? -26.507 -15.743 -8.385  1.00 153.69 ? 3  DT C P     1 
ATOM 570 O OP1   . DT C 3 3  ? -26.644 -16.234 -9.769  1.00 146.88 ? 3  DT C OP1   1 
ATOM 571 O OP2   . DT C 3 3  ? -25.349 -16.144 -7.564  1.00 145.23 ? 3  DT C OP2   1 
ATOM 572 O "O5'" . DT C 3 3  ? -26.556 -14.150 -8.404  1.00 140.43 ? 3  DT C "O5'" 1 
ATOM 573 C "C5'" . DT C 3 3  ? -27.703 -13.495 -8.891  1.00 126.79 ? 3  DT C "C5'" 1 
ATOM 574 C "C4'" . DT C 3 3  ? -27.398 -12.051 -9.223  1.00 130.07 ? 3  DT C "C4'" 1 
ATOM 575 O "O4'" . DT C 3 3  ? -27.883 -11.184 -8.172  1.00 125.17 ? 3  DT C "O4'" 1 
ATOM 576 C "C3'" . DT C 3 3  ? -25.917 -11.709 -9.389  1.00 140.35 ? 3  DT C "C3'" 1 
ATOM 577 O "O3'" . DT C 3 3  ? -25.780 -10.843 -10.495 1.00 151.27 ? 3  DT C "O3'" 1 
ATOM 578 C "C2'" . DT C 3 3  ? -25.597 -10.986 -8.084  1.00 129.88 ? 3  DT C "C2'" 1 
ATOM 579 C "C1'" . DT C 3 3  ? -26.887 -10.237 -7.885  1.00 125.60 ? 3  DT C "C1'" 1 
ATOM 580 N N1    . DT C 3 3  ? -27.099 -9.741  -6.519  1.00 126.00 ? 3  DT C N1    1 
ATOM 581 C C2    . DT C 3 3  ? -27.429 -8.424  -6.337  1.00 126.28 ? 3  DT C C2    1 
ATOM 582 O O2    . DT C 3 3  ? -27.547 -7.635  -7.254  1.00 128.19 ? 3  DT C O2    1 
ATOM 583 N N3    . DT C 3 3  ? -27.623 -8.057  -5.039  1.00 119.05 ? 3  DT C N3    1 
ATOM 584 C C4    . DT C 3 3  ? -27.520 -8.863  -3.928  1.00 122.92 ? 3  DT C C4    1 
ATOM 585 O O4    . DT C 3 3  ? -27.712 -8.441  -2.796  1.00 120.08 ? 3  DT C O4    1 
ATOM 586 C C5    . DT C 3 3  ? -27.174 -10.235 -4.189  1.00 122.29 ? 3  DT C C5    1 
ATOM 587 C C7    . DT C 3 3  ? -27.034 -11.201 -3.055  1.00 109.45 ? 3  DT C C7    1 
ATOM 588 C C6    . DT C 3 3  ? -26.983 -10.605 -5.459  1.00 123.01 ? 3  DT C C6    1 
ATOM 589 P P     . DG C 3 4  ? -24.334 -10.486 -11.087 1.00 150.28 ? 4  DG C P     1 
ATOM 590 O OP1   . DG C 3 4  ? -24.445 -10.609 -12.554 1.00 138.85 ? 4  DG C OP1   1 
ATOM 591 O OP2   . DG C 3 4  ? -23.304 -11.263 -10.371 1.00 154.68 ? 4  DG C OP2   1 
ATOM 592 O "O5'" . DG C 3 4  ? -24.161 -8.939  -10.739 1.00 136.92 ? 4  DG C "O5'" 1 
ATOM 593 C "C5'" . DG C 3 4  ? -24.669 -7.968  -11.631 1.00 129.89 ? 4  DG C "C5'" 1 
ATOM 594 C "C4'" . DG C 3 4  ? -24.585 -6.574  -11.041 1.00 129.35 ? 4  DG C "C4'" 1 
ATOM 595 O "O4'" . DG C 3 4  ? -24.899 -6.625  -9.632  1.00 132.21 ? 4  DG C "O4'" 1 
ATOM 596 C "C3'" . DG C 3 4  ? -23.224 -5.905  -11.135 1.00 128.22 ? 4  DG C "C3'" 1 
ATOM 597 O "O3'" . DG C 3 4  ? -23.405 -4.517  -11.265 1.00 132.57 ? 4  DG C "O3'" 1 
ATOM 598 C "C2'" . DG C 3 4  ? -22.606 -6.250  -9.792  1.00 125.61 ? 4  DG C "C2'" 1 
ATOM 599 C "C1'" . DG C 3 4  ? -23.813 -6.128  -8.885  1.00 123.37 ? 4  DG C "C1'" 1 
ATOM 600 N N9    . DG C 3 4  ? -23.716 -6.920  -7.675  1.00 121.86 ? 4  DG C N9    1 
ATOM 601 C C8    . DG C 3 4  ? -23.353 -8.234  -7.584  1.00 124.11 ? 4  DG C C8    1 
ATOM 602 N N7    . DG C 3 4  ? -23.372 -8.692  -6.368  1.00 116.89 ? 4  DG C N7    1 
ATOM 603 C C5    . DG C 3 4  ? -23.786 -7.615  -5.609  1.00 113.38 ? 4  DG C C5    1 
ATOM 604 C C6    . DG C 3 4  ? -23.999 -7.516  -4.224  1.00 115.35 ? 4  DG C C6    1 
ATOM 605 O O6    . DG C 3 4  ? -23.848 -8.388  -3.366  1.00 111.13 ? 4  DG C O6    1 
ATOM 606 N N1    . DG C 3 4  ? -24.411 -6.248  -3.857  1.00 114.60 ? 4  DG C N1    1 
ATOM 607 C C2    . DG C 3 4  ? -24.605 -5.207  -4.723  1.00 115.25 ? 4  DG C C2    1 
ATOM 608 N N2    . DG C 3 4  ? -25.014 -4.053  -4.185  1.00 116.48 ? 4  DG C N2    1 
ATOM 609 N N3    . DG C 3 4  ? -24.412 -5.287  -6.029  1.00 112.00 ? 4  DG C N3    1 
ATOM 610 C C4    . DG C 3 4  ? -24.009 -6.519  -6.399  1.00 115.01 ? 4  DG C C4    1 
ATOM 611 P P     . DA C 3 5  ? -22.208 -3.583  -11.777 1.00 149.79 ? 5  DA C P     1 
ATOM 612 O OP1   . DA C 3 5  ? -22.718 -2.815  -12.928 1.00 138.29 ? 5  DA C OP1   1 
ATOM 613 O OP2   . DA C 3 5  ? -20.987 -4.398  -11.927 1.00 143.04 ? 5  DA C OP2   1 
ATOM 614 O "O5'" . DA C 3 5  ? -21.996 -2.567  -10.571 1.00 129.64 ? 5  DA C "O5'" 1 
ATOM 615 C "C5'" . DA C 3 5  ? -22.992 -1.609  -10.293 1.00 125.55 ? 5  DA C "C5'" 1 
ATOM 616 C "C4'" . DA C 3 5  ? -22.808 -1.023  -8.912  1.00 129.09 ? 5  DA C "C4'" 1 
ATOM 617 O "O4'" . DA C 3 5  ? -22.926 -2.073  -7.928  1.00 118.74 ? 5  DA C "O4'" 1 
ATOM 618 C "C3'" . DA C 3 5  ? -21.456 -0.362  -8.669  1.00 128.10 ? 5  DA C "C3'" 1 
ATOM 619 O "O3'" . DA C 3 5  ? -21.631 0.855   -7.998  1.00 131.84 ? 5  DA C "O3'" 1 
ATOM 620 C "C2'" . DA C 3 5  ? -20.727 -1.366  -7.794  1.00 120.57 ? 5  DA C "C2'" 1 
ATOM 621 C "C1'" . DA C 3 5  ? -21.872 -1.965  -7.015  1.00 113.16 ? 5  DA C "C1'" 1 
ATOM 622 N N9    . DA C 3 5  ? -21.576 -3.287  -6.523  1.00 109.97 ? 5  DA C N9    1 
ATOM 623 C C8    . DA C 3 5  ? -21.192 -4.358  -7.259  1.00 115.64 ? 5  DA C C8    1 
ATOM 624 N N7    . DA C 3 5  ? -20.986 -5.437  -6.553  1.00 114.04 ? 5  DA C N7    1 
ATOM 625 C C5    . DA C 3 5  ? -21.247 -5.033  -5.263  1.00 106.50 ? 5  DA C C5    1 
ATOM 626 C C6    . DA C 3 5  ? -21.207 -5.709  -4.042  1.00 103.41 ? 5  DA C C6    1 
ATOM 627 N N6    . DA C 3 5  ? -20.869 -6.988  -3.932  1.00 109.15 ? 5  DA C N6    1 
ATOM 628 N N1    . DA C 3 5  ? -21.528 -5.019  -2.931  1.00 102.31 ? 5  DA C N1    1 
ATOM 629 C C2    . DA C 3 5  ? -21.872 -3.738  -3.051  1.00 106.95 ? 5  DA C C2    1 
ATOM 630 N N3    . DA C 3 5  ? -21.935 -2.994  -4.150  1.00 105.16 ? 5  DA C N3    1 
ATOM 631 C C4    . DA C 3 5  ? -21.614 -3.712  -5.228  1.00 107.64 ? 5  DA C C4    1 
ATOM 632 P P     . DG C 3 6  ? -20.598 2.050   -8.254  1.00 146.53 ? 6  DG C P     1 
ATOM 633 O OP1   . DG C 3 6  ? -21.327 3.156   -8.903  1.00 156.62 ? 6  DG C OP1   1 
ATOM 634 O OP2   . DG C 3 6  ? -19.408 1.463   -8.898  1.00 135.43 ? 6  DG C OP2   1 
ATOM 635 O "O5'" . DG C 3 6  ? -20.166 2.503   -6.794  1.00 127.32 ? 6  DG C "O5'" 1 
ATOM 636 C "C5'" . DG C 3 6  ? -19.486 1.602   -5.965  1.00 120.56 ? 6  DG C "C5'" 1 
ATOM 637 C "C4'" . DG C 3 6  ? -19.943 1.755   -4.534  1.00 124.30 ? 6  DG C "C4'" 1 
ATOM 638 O "O4'" . DG C 3 6  ? -20.332 0.461   -4.026  1.00 114.73 ? 6  DG C "O4'" 1 
ATOM 639 C "C3'" . DG C 3 6  ? -18.880 2.263   -3.581  1.00 122.94 ? 6  DG C "C3'" 1 
ATOM 640 O "O3'" . DG C 3 6  ? -19.479 2.922   -2.486  1.00 126.81 ? 6  DG C "O3'" 1 
ATOM 641 C "C2'" . DG C 3 6  ? -18.210 0.977   -3.145  1.00 119.46 ? 6  DG C "C2'" 1 
ATOM 642 C "C1'" . DG C 3 6  ? -19.385 0.009   -3.087  1.00 107.82 ? 6  DG C "C1'" 1 
ATOM 643 N N9    . DG C 3 6  ? -19.021 -1.352  -3.436  1.00 101.40 ? 6  DG C N9    1 
ATOM 644 C C8    . DG C 3 6  ? -18.813 -1.848  -4.692  1.00 102.74 ? 6  DG C C8    1 
ATOM 645 N N7    . DG C 3 6  ? -18.494 -3.108  -4.701  1.00 95.99  ? 6  DG C N7    1 
ATOM 646 C C5    . DG C 3 6  ? -18.494 -3.465  -3.369  1.00 89.08  ? 6  DG C C5    1 
ATOM 647 C C6    . DG C 3 6  ? -18.227 -4.704  -2.769  1.00 94.23  ? 6  DG C C6    1 
ATOM 648 O O6    . DG C 3 6  ? -17.925 -5.764  -3.315  1.00 102.63 ? 6  DG C O6    1 
ATOM 649 N N1    . DG C 3 6  ? -18.338 -4.642  -1.389  1.00 95.88  ? 6  DG C N1    1 
ATOM 650 C C2    . DG C 3 6  ? -18.671 -3.518  -0.682  1.00 98.00  ? 6  DG C C2    1 
ATOM 651 N N2    . DG C 3 6  ? -18.731 -3.643  0.648   1.00 107.30 ? 6  DG C N2    1 
ATOM 652 N N3    . DG C 3 6  ? -18.924 -2.347  -1.238  1.00 92.87  ? 6  DG C N3    1 
ATOM 653 C C4    . DG C 3 6  ? -18.815 -2.395  -2.578  1.00 91.64  ? 6  DG C C4    1 
ATOM 654 P P     . DT C 3 7  ? -18.608 3.915   -1.579  1.00 145.22 ? 7  DT C P     1 
ATOM 655 O OP1   . DT C 3 7  ? -19.523 4.845   -0.892  1.00 137.26 ? 7  DT C OP1   1 
ATOM 656 O OP2   . DT C 3 7  ? -17.519 4.433   -2.428  1.00 128.25 ? 7  DT C OP2   1 
ATOM 657 O "O5'" . DT C 3 7  ? -17.953 2.963   -0.486  1.00 129.40 ? 7  DT C "O5'" 1 
ATOM 658 C "C5'" . DT C 3 7  ? -18.780 2.184   0.356   1.00 117.29 ? 7  DT C "C5'" 1 
ATOM 659 C "C4'" . DT C 3 7  ? -17.956 1.418   1.376   1.00 114.62 ? 7  DT C "C4'" 1 
ATOM 660 O "O4'" . DT C 3 7  ? -17.731 0.055   0.918   1.00 112.86 ? 7  DT C "O4'" 1 
ATOM 661 C "C3'" . DT C 3 7  ? -16.569 1.989   1.657   1.00 109.59 ? 7  DT C "C3'" 1 
ATOM 662 O "O3'" . DT C 3 7  ? -16.270 1.821   3.021   1.00 107.74 ? 7  DT C "O3'" 1 
ATOM 663 C "C2'" . DT C 3 7  ? -15.690 1.093   0.806   1.00 107.20 ? 7  DT C "C2'" 1 
ATOM 664 C "C1'" . DT C 3 7  ? -16.365 -0.232  1.052   1.00 102.84 ? 7  DT C "C1'" 1 
ATOM 665 N N1    . DT C 3 7  ? -15.983 -1.270  0.082   1.00 94.06  ? 7  DT C N1    1 
ATOM 666 C C2    . DT C 3 7  ? -15.698 -2.533  0.526   1.00 96.21  ? 7  DT C C2    1 
ATOM 667 O O2    . DT C 3 7  ? -15.768 -2.859  1.690   1.00 95.88  ? 7  DT C O2    1 
ATOM 668 N N3    . DT C 3 7  ? -15.343 -3.409  -0.454  1.00 96.26  ? 7  DT C N3    1 
ATOM 669 C C4    . DT C 3 7  ? -15.237 -3.152  -1.796  1.00 93.89  ? 7  DT C C4    1 
ATOM 670 O O4    . DT C 3 7  ? -14.908 -4.003  -2.603  1.00 95.60  ? 7  DT C O4    1 
ATOM 671 C C5    . DT C 3 7  ? -15.535 -1.810  -2.188  1.00 90.27  ? 7  DT C C5    1 
ATOM 672 C C7    . DT C 3 7  ? -15.447 -1.420  -3.625  1.00 90.85  ? 7  DT C C7    1 
ATOM 673 C C6    . DT C 3 7  ? -15.883 -0.941  -1.241  1.00 90.18  ? 7  DT C C6    1 
ATOM 674 P P     . DG C 3 8  ? -15.121 2.691   3.721   1.00 123.69 ? 8  DG C P     1 
ATOM 675 O OP1   . DG C 3 8  ? -15.642 4.063   3.843   1.00 116.73 ? 8  DG C OP1   1 
ATOM 676 O OP2   . DG C 3 8  ? -13.825 2.443   3.064   1.00 116.89 ? 8  DG C OP2   1 
ATOM 677 O "O5'" . DG C 3 8  ? -15.009 2.044   5.165   1.00 109.51 ? 8  DG C "O5'" 1 
ATOM 678 C "C5'" . DG C 3 8  ? -15.658 0.824   5.423   1.00 105.23 ? 8  DG C "C5'" 1 
ATOM 679 C "C4'" . DG C 3 8  ? -14.679 -0.251  5.867   1.00 98.84  ? 8  DG C "C4'" 1 
ATOM 680 O "O4'" . DG C 3 8  ? -14.388 -1.142  4.767   1.00 98.16  ? 8  DG C "O4'" 1 
ATOM 681 C "C3'" . DG C 3 8  ? -13.330 0.231   6.378   1.00 100.19 ? 8  DG C "C3'" 1 
ATOM 682 O "O3'" . DG C 3 8  ? -12.926 -0.615  7.427   1.00 92.88  ? 8  DG C "O3'" 1 
ATOM 683 C "C2'" . DG C 3 8  ? -12.438 0.054   5.156   1.00 100.74 ? 8  DG C "C2'" 1 
ATOM 684 C "C1'" . DG C 3 8  ? -12.997 -1.229  4.586   1.00 98.03  ? 8  DG C "C1'" 1 
ATOM 685 N N9    . DG C 3 8  ? -12.770 -1.388  3.169   1.00 94.80  ? 8  DG C N9    1 
ATOM 686 C C8    . DG C 3 8  ? -12.971 -0.451  2.204   1.00 96.98  ? 8  DG C C8    1 
ATOM 687 N N7    . DG C 3 8  ? -12.721 -0.881  1.005   1.00 89.34  ? 8  DG C N7    1 
ATOM 688 C C5    . DG C 3 8  ? -12.340 -2.191  1.194   1.00 86.41  ? 8  DG C C5    1 
ATOM 689 C C6    . DG C 3 8  ? -11.936 -3.149  0.261   1.00 95.84  ? 8  DG C C6    1 
ATOM 690 O O6    . DG C 3 8  ? -11.850 -3.029  -0.959  1.00 103.47 ? 8  DG C O6    1 
ATOM 691 N N1    . DG C 3 8  ? -11.620 -4.351  0.864   1.00 99.38  ? 8  DG C N1    1 
ATOM 692 C C2    . DG C 3 8  ? -11.685 -4.591  2.209   1.00 91.01  ? 8  DG C C2    1 
ATOM 693 N N2    . DG C 3 8  ? -11.344 -5.817  2.609   1.00 101.01 ? 8  DG C N2    1 
ATOM 694 N N3    . DG C 3 8  ? -12.053 -3.691  3.101   1.00 81.56  ? 8  DG C N3    1 
ATOM 695 C C4    . DG C 3 8  ? -12.361 -2.518  2.522   1.00 84.56  ? 8  DG C C4    1 
ATOM 696 P P     . DC C 3 9  ? -11.606 -0.296  8.270   1.00 102.16 ? 9  DC C P     1 
ATOM 697 O OP1   . DC C 3 9  ? -11.890 -0.741  9.644   1.00 78.77  ? 9  DC C OP1   1 
ATOM 698 O OP2   . DC C 3 9  ? -11.206 1.101   8.021   1.00 90.06  ? 9  DC C OP2   1 
ATOM 699 O "O5'" . DC C 3 9  ? -10.513 -1.278  7.650   1.00 94.53  ? 9  DC C "O5'" 1 
ATOM 700 C "C5'" . DC C 3 9  ? -10.561 -2.649  7.976   1.00 93.14  ? 9  DC C "C5'" 1 
ATOM 701 C "C4'" . DC C 3 9  ? -9.528  -3.444  7.202   1.00 96.99  ? 9  DC C "C4'" 1 
ATOM 702 O "O4'" . DC C 3 9  ? -9.784  -3.345  5.780   1.00 99.67  ? 9  DC C "O4'" 1 
ATOM 703 C "C3'" . DC C 3 9  ? -8.083  -3.005  7.400   1.00 84.39  ? 9  DC C "C3'" 1 
ATOM 704 O "O3'" . DC C 3 9  ? -7.281  -4.132  7.617   1.00 87.98  ? 9  DC C "O3'" 1 
ATOM 705 C "C2'" . DC C 3 9  ? -7.740  -2.353  6.068   1.00 86.38  ? 9  DC C "C2'" 1 
ATOM 706 C "C1'" . DC C 3 9  ? -8.560  -3.198  5.125   1.00 83.49  ? 9  DC C "C1'" 1 
ATOM 707 N N1    . DC C 3 9  ? -8.796  -2.559  3.825   1.00 85.26  ? 9  DC C N1    1 
ATOM 708 C C2    . DC C 3 9  ? -8.574  -3.277  2.656   1.00 91.07  ? 9  DC C C2    1 
ATOM 709 O O2    . DC C 3 9  ? -8.193  -4.443  2.737   1.00 92.55  ? 9  DC C O2    1 
ATOM 710 N N3    . DC C 3 9  ? -8.790  -2.676  1.469   1.00 86.68  ? 9  DC C N3    1 
ATOM 711 C C4    . DC C 3 9  ? -9.196  -1.413  1.433   1.00 86.96  ? 9  DC C C4    1 
ATOM 712 N N4    . DC C 3 9  ? -9.405  -0.858  0.241   1.00 90.69  ? 9  DC C N4    1 
ATOM 713 C C5    . DC C 3 9  ? -9.433  -0.666  2.614   1.00 75.54  ? 9  DC C C5    1 
ATOM 714 C C6    . DC C 3 9  ? -9.216  -1.273  3.777   1.00 84.58  ? 9  DC C C6    1 
ATOM 715 P P     . DC D 4 1  ? 14.820  3.196   -8.604  1.00 116.93 ? 10 DC D P     1 
ATOM 716 O OP1   . DC D 4 1  ? 15.293  3.720   -9.894  1.00 115.35 ? 10 DC D OP1   1 
ATOM 717 O OP2   . DC D 4 1  ? 15.249  1.866   -8.162  1.00 113.73 ? 10 DC D OP2   1 
ATOM 718 O "O5'" . DC D 4 1  ? 13.243  3.122   -8.725  1.00 104.74 ? 10 DC D "O5'" 1 
ATOM 719 C "C5'" . DC D 4 1  ? 12.596  3.862   -9.725  1.00 107.63 ? 10 DC D "C5'" 1 
ATOM 720 C "C4'" . DC D 4 1  ? 11.669  4.882   -9.112  1.00 103.37 ? 10 DC D "C4'" 1 
ATOM 721 O "O4'" . DC D 4 1  ? 10.583  4.197   -8.451  1.00 102.96 ? 10 DC D "O4'" 1 
ATOM 722 C "C3'" . DC D 4 1  ? 12.296  5.732   -8.036  1.00 109.18 ? 10 DC D "C3'" 1 
ATOM 723 O "O3'" . DC D 4 1  ? 12.931  6.840   -8.615  1.00 114.48 ? 10 DC D "O3'" 1 
ATOM 724 C "C2'" . DC D 4 1  ? 11.088  6.152   -7.225  1.00 100.97 ? 10 DC D "C2'" 1 
ATOM 725 C "C1'" . DC D 4 1  ? 10.197  4.912   -7.294  1.00 94.97  ? 10 DC D "C1'" 1 
ATOM 726 N N1    . DC D 4 1  ? 10.321  3.997   -6.130  1.00 95.22  ? 10 DC D N1    1 
ATOM 727 C C2    . DC D 4 1  ? 9.792   4.349   -4.883  1.00 101.33 ? 10 DC D C2    1 
ATOM 728 O O2    . DC D 4 1  ? 9.228   5.437   -4.744  1.00 98.76  ? 10 DC D O2    1 
ATOM 729 N N3    . DC D 4 1  ? 9.921   3.483   -3.856  1.00 96.35  ? 10 DC D N3    1 
ATOM 730 C C4    . DC D 4 1  ? 10.532  2.322   -4.040  1.00 92.34  ? 10 DC D C4    1 
ATOM 731 N N4    . DC D 4 1  ? 10.636  1.497   -3.004  1.00 92.34  ? 10 DC D N4    1 
ATOM 732 C C5    . DC D 4 1  ? 11.060  1.946   -5.296  1.00 92.34  ? 10 DC D C5    1 
ATOM 733 C C6    . DC D 4 1  ? 10.928  2.801   -6.302  1.00 94.77  ? 10 DC D C6    1 
ATOM 734 P P     . DG D 4 2  ? 14.227  7.465   -7.916  1.00 117.15 ? 11 DG D P     1 
ATOM 735 O OP1   . DG D 4 2  ? 14.693  8.572   -8.767  1.00 117.14 ? 11 DG D OP1   1 
ATOM 736 O OP2   . DG D 4 2  ? 15.134  6.350   -7.594  1.00 109.69 ? 11 DG D OP2   1 
ATOM 737 O "O5'" . DG D 4 2  ? 13.678  8.066   -6.543  1.00 107.62 ? 11 DG D "O5'" 1 
ATOM 738 C "C5'" . DG D 4 2  ? 13.241  9.410   -6.488  1.00 112.07 ? 11 DG D "C5'" 1 
ATOM 739 C "C4'" . DG D 4 2  ? 12.420  9.656   -5.241  1.00 114.42 ? 11 DG D "C4'" 1 
ATOM 740 O "O4'" . DG D 4 2  ? 11.681  8.464   -4.944  1.00 107.24 ? 11 DG D "O4'" 1 
ATOM 741 C "C3'" . DG D 4 2  ? 13.228  9.942   -3.989  1.00 118.56 ? 11 DG D "C3'" 1 
ATOM 742 O "O3'" . DG D 4 2  ? 13.422  11.332  -3.846  1.00 123.93 ? 11 DG D "O3'" 1 
ATOM 743 C "C2'" . DG D 4 2  ? 12.343  9.406   -2.873  1.00 115.38 ? 11 DG D "C2'" 1 
ATOM 744 C "C1'" . DG D 4 2  ? 11.549  8.306   -3.552  1.00 109.22 ? 11 DG D "C1'" 1 
ATOM 745 N N9    . DG D 4 2  ? 11.964  6.958   -3.205  1.00 107.30 ? 11 DG D N9    1 
ATOM 746 C C8    . DG D 4 2  ? 12.520  6.036   -4.045  1.00 110.81 ? 11 DG D C8    1 
ATOM 747 N N7    . DG D 4 2  ? 12.756  4.894   -3.474  1.00 105.67 ? 11 DG D N7    1 
ATOM 748 C C5    . DG D 4 2  ? 12.331  5.073   -2.174  1.00 103.44 ? 11 DG D C5    1 
ATOM 749 C C6    . DG D 4 2  ? 12.342  4.180   -1.094  1.00 103.65 ? 11 DG D C6    1 
ATOM 750 O O6    . DG D 4 2  ? 12.750  3.017   -1.073  1.00 110.39 ? 11 DG D O6    1 
ATOM 751 N N1    . DG D 4 2  ? 11.819  4.752   0.050   1.00 105.25 ? 11 DG D N1    1 
ATOM 752 C C2    . DG D 4 2  ? 11.342  6.030   0.136   1.00 108.92 ? 11 DG D C2    1 
ATOM 753 N N2    . DG D 4 2  ? 10.875  6.413   1.325   1.00 110.82 ? 11 DG D N2    1 
ATOM 754 N N3    . DG D 4 2  ? 11.325  6.879   -0.874  1.00 103.44 ? 11 DG D N3    1 
ATOM 755 C C4    . DG D 4 2  ? 11.832  6.334   -1.993  1.00 103.44 ? 11 DG D C4    1 
ATOM 756 P P     . DT D 4 3  ? 14.639  11.880  -2.959  1.00 141.29 ? 12 DT D P     1 
ATOM 757 O OP1   . DT D 4 3  ? 14.750  13.325  -3.223  1.00 141.67 ? 12 DT D OP1   1 
ATOM 758 O OP2   . DT D 4 3  ? 15.793  10.996  -3.197  1.00 127.48 ? 12 DT D OP2   1 
ATOM 759 O "O5'" . DT D 4 3  ? 14.167  11.666  -1.447  1.00 110.70 ? 12 DT D "O5'" 1 
ATOM 760 C "C5'" . DT D 4 3  ? 13.131  12.462  -0.917  1.00 113.74 ? 12 DT D "C5'" 1 
ATOM 761 C "C4'" . DT D 4 3  ? 12.823  12.077  0.517   1.00 122.49 ? 12 DT D "C4'" 1 
ATOM 762 O "O4'" . DT D 4 3  ? 12.652  10.644  0.608   1.00 117.26 ? 12 DT D "O4'" 1 
ATOM 763 C "C3'" . DT D 4 3  ? 13.900  12.437  1.537   1.00 123.04 ? 12 DT D "C3'" 1 
ATOM 764 O "O3'" . DT D 4 3  ? 13.299  12.878  2.733   1.00 126.40 ? 12 DT D "O3'" 1 
ATOM 765 C "C2'" . DT D 4 3  ? 14.620  11.117  1.746   1.00 122.25 ? 12 DT D "C2'" 1 
ATOM 766 C "C1'" . DT D 4 3  ? 13.468  10.140  1.636   1.00 119.59 ? 12 DT D "C1'" 1 
ATOM 767 N N1    . DT D 4 3  ? 13.895  8.800   1.246   1.00 118.23 ? 12 DT D N1    1 
ATOM 768 C C2    . DT D 4 3  ? 13.815  7.771   2.149   1.00 117.88 ? 12 DT D C2    1 
ATOM 769 O O2    . DT D 4 3  ? 13.412  7.913   3.284   1.00 122.43 ? 12 DT D O2    1 
ATOM 770 N N3    . DT D 4 3  ? 14.248  6.567   1.673   1.00 108.86 ? 12 DT D N3    1 
ATOM 771 C C4    . DT D 4 3  ? 14.730  6.302   0.411   1.00 112.90 ? 12 DT D C4    1 
ATOM 772 O O4    . DT D 4 3  ? 15.090  5.192   0.065   1.00 114.29 ? 12 DT D O4    1 
ATOM 773 C C5    . DT D 4 3  ? 14.778  7.425   -0.479  1.00 109.65 ? 12 DT D C5    1 
ATOM 774 C C7    . DT D 4 3  ? 15.284  7.254   -1.872  1.00 112.13 ? 12 DT D C7    1 
ATOM 775 C C6    . DT D 4 3  ? 14.366  8.605   -0.023  1.00 111.23 ? 12 DT D C6    1 
ATOM 776 P P     . DC D 4 4  ? 14.192  13.567  3.873   1.00 134.61 ? 13 DC D P     1 
ATOM 777 O OP1   . DC D 4 4  ? 13.326  14.506  4.607   1.00 128.40 ? 13 DC D OP1   1 
ATOM 778 O OP2   . DC D 4 4  ? 15.434  14.032  3.231   1.00 123.40 ? 13 DC D OP2   1 
ATOM 779 O "O5'" . DC D 4 4  ? 14.560  12.368  4.853   1.00 122.84 ? 13 DC D "O5'" 1 
ATOM 780 C "C5'" . DC D 4 4  ? 13.557  11.456  5.232   1.00 119.40 ? 13 DC D "C5'" 1 
ATOM 781 C "C4'" . DC D 4 4  ? 13.830  10.831  6.589   1.00 126.50 ? 13 DC D "C4'" 1 
ATOM 782 O "O4'" . DC D 4 4  ? 14.144  9.432   6.426   1.00 127.69 ? 13 DC D "O4'" 1 
ATOM 783 C "C3'" . DC D 4 4  ? 14.975  11.418  7.389   1.00 125.33 ? 13 DC D "C3'" 1 
ATOM 784 O "O3'" . DC D 4 4  ? 14.689  11.287  8.769   1.00 124.86 ? 13 DC D "O3'" 1 
ATOM 785 C "C2'" . DC D 4 4  ? 16.154  10.543  6.979   1.00 126.91 ? 13 DC D "C2'" 1 
ATOM 786 C "C1'" . DC D 4 4  ? 15.503  9.192   6.715   1.00 127.04 ? 13 DC D "C1'" 1 
ATOM 787 N N1    . DC D 4 4  ? 16.079  8.497   5.556   1.00 125.67 ? 13 DC D N1    1 
ATOM 788 C C2    . DC D 4 4  ? 16.374  7.137   5.635   1.00 126.68 ? 13 DC D C2    1 
ATOM 789 O O2    . DC D 4 4  ? 16.152  6.533   6.687   1.00 129.78 ? 13 DC D O2    1 
ATOM 790 N N3    . DC D 4 4  ? 16.894  6.519   4.550   1.00 129.60 ? 13 DC D N3    1 
ATOM 791 C C4    . DC D 4 4  ? 17.112  7.209   3.436   1.00 121.90 ? 13 DC D C4    1 
ATOM 792 N N4    . DC D 4 4  ? 17.624  6.564   2.388   1.00 123.66 ? 13 DC D N4    1 
ATOM 793 C C5    . DC D 4 4  ? 16.824  8.596   3.343   1.00 122.06 ? 13 DC D C5    1 
ATOM 794 C C6    . DC D 4 4  ? 16.299  9.188   4.411   1.00 122.25 ? 13 DC D C6    1 
ATOM 795 P P     . DT D 4 5  ? 15.728  11.797  9.879   1.00 141.05 ? 14 DT D P     1 
ATOM 796 O OP1   . DT D 4 5  ? 14.934  12.161  11.067  1.00 131.71 ? 14 DT D OP1   1 
ATOM 797 O OP2   . DT D 4 5  ? 16.624  12.801  9.276   1.00 129.75 ? 14 DT D OP2   1 
ATOM 798 O "O5'" . DT D 4 5  ? 16.579  10.494  10.233  1.00 133.11 ? 14 DT D "O5'" 1 
ATOM 799 C "C5'" . DT D 4 5  ? 15.910  9.283   10.534  1.00 123.52 ? 14 DT D "C5'" 1 
ATOM 800 C "C4'" . DT D 4 5  ? 16.887  8.177   10.897  1.00 123.47 ? 14 DT D "C4'" 1 
ATOM 801 O "O4'" . DT D 4 5  ? 17.325  7.482   9.702   1.00 129.28 ? 14 DT D "O4'" 1 
ATOM 802 C "C3'" . DT D 4 5  ? 18.157  8.625   11.606  1.00 133.14 ? 14 DT D "C3'" 1 
ATOM 803 O "O3'" . DT D 4 5  ? 18.481  7.695   12.605  1.00 136.44 ? 14 DT D "O3'" 1 
ATOM 804 C "C2'" . DT D 4 5  ? 19.191  8.603   10.488  1.00 139.73 ? 14 DT D "C2'" 1 
ATOM 805 C "C1'" . DT D 4 5  ? 18.731  7.402   9.694   1.00 132.02 ? 14 DT D "C1'" 1 
ATOM 806 N N1    . DT D 4 5  ? 19.170  7.413   8.285   1.00 128.72 ? 14 DT D N1    1 
ATOM 807 C C2    . DT D 4 5  ? 19.519  6.234   7.681   1.00 131.43 ? 14 DT D C2    1 
ATOM 808 O O2    . DT D 4 5  ? 19.509  5.163   8.257   1.00 125.83 ? 14 DT D O2    1 
ATOM 809 N N3    . DT D 4 5  ? 19.881  6.353   6.369   1.00 130.66 ? 14 DT D N3    1 
ATOM 810 C C4    . DT D 4 5  ? 19.927  7.507   5.622   1.00 126.20 ? 14 DT D C4    1 
ATOM 811 O O4    . DT D 4 5  ? 20.268  7.516   4.447   1.00 126.68 ? 14 DT D O4    1 
ATOM 812 C C5    . DT D 4 5  ? 19.546  8.703   6.314   1.00 125.27 ? 14 DT D C5    1 
ATOM 813 C C7    . DT D 4 5  ? 19.566  10.015  5.600   1.00 122.93 ? 14 DT D C7    1 
ATOM 814 C C6    . DT D 4 5  ? 19.186  8.601   7.597   1.00 124.91 ? 14 DT D C6    1 
ATOM 815 P P     . DG D 4 6  ? 18.567  8.168   14.130  1.00 141.71 ? 15 DG D P     1 
ATOM 816 O OP1   . DG D 4 6  ? 17.342  7.719   14.817  1.00 138.69 ? 15 DG D OP1   1 
ATOM 817 O OP2   . DG D 4 6  ? 18.936  9.595   14.113  1.00 139.38 ? 15 DG D OP2   1 
ATOM 818 O "O5'" . DG D 4 6  ? 19.802  7.356   14.711  1.00 142.65 ? 15 DG D "O5'" 1 
ATOM 819 C "C5'" . DG D 4 6  ? 19.942  5.979   14.428  1.00 143.33 ? 15 DG D "C5'" 1 
ATOM 820 C "C4'" . DG D 4 6  ? 21.366  5.684   14.027  1.00 139.19 ? 15 DG D "C4'" 1 
ATOM 821 O "O4'" . DG D 4 6  ? 21.487  5.849   12.606  1.00 142.29 ? 15 DG D "O4'" 1 
ATOM 822 C "C3'" . DG D 4 6  ? 22.375  6.654   14.618  1.00 151.18 ? 15 DG D "C3'" 1 
ATOM 823 O "O3'" . DG D 4 6  ? 22.988  6.180   15.867  1.00 156.30 ? 15 DG D "O3'" 1 
ATOM 824 C "C2'" . DG D 4 6  ? 23.397  6.897   13.506  1.00 149.98 ? 15 DG D "C2'" 1 
ATOM 825 C "C1'" . DG D 4 6  ? 22.814  6.174   12.293  1.00 142.31 ? 15 DG D "C1'" 1 
ATOM 826 N N9    . DG D 4 6  ? 22.814  7.006   11.103  1.00 135.03 ? 15 DG D N9    1 
ATOM 827 C C8    . DG D 4 6  ? 22.585  8.352   11.050  1.00 134.26 ? 15 DG D C8    1 
ATOM 828 N N7    . DG D 4 6  ? 22.650  8.842   9.851   1.00 129.58 ? 15 DG D N7    1 
ATOM 829 C C5    . DG D 4 6  ? 22.955  7.753   9.058   1.00 125.32 ? 15 DG D C5    1 
ATOM 830 C C6    . DG D 4 6  ? 23.153  7.678   7.671   1.00 127.19 ? 15 DG D C6    1 
ATOM 831 O O6    . DG D 4 6  ? 23.094  8.590   6.842   1.00 126.74 ? 15 DG D O6    1 
ATOM 832 N N1    . DG D 4 6  ? 23.444  6.386   7.264   1.00 125.77 ? 15 DG D N1    1 
ATOM 833 C C2    . DG D 4 6  ? 23.534  5.306   8.099   1.00 124.27 ? 15 DG D C2    1 
ATOM 834 N N2    . DG D 4 6  ? 23.827  4.136   7.520   1.00 117.20 ? 15 DG D N2    1 
ATOM 835 N N3    . DG D 4 6  ? 23.351  5.364   9.408   1.00 122.59 ? 15 DG D N3    1 
ATOM 836 C C4    . DG D 4 6  ? 23.065  6.615   9.815   1.00 125.20 ? 15 DG D C4    1 
ATOM 837 P P     . DC D 4 7  ? 23.388  4.647   16.180  1.00 149.22 ? 16 DC D P     1 
ATOM 838 O OP1   . DC D 4 7  ? 22.206  3.836   16.530  1.00 140.26 ? 16 DC D OP1   1 
ATOM 839 O OP2   . DC D 4 7  ? 24.464  4.759   17.179  1.00 145.81 ? 16 DC D OP2   1 
ATOM 840 O "O5'" . DC D 4 7  ? 24.100  4.098   14.867  1.00 159.56 ? 16 DC D "O5'" 1 
ATOM 841 C "C5'" . DC D 4 7  ? 25.510  4.195   14.735  1.00 155.88 ? 16 DC D "C5'" 1 
ATOM 842 C "C4'" . DC D 4 7  ? 25.970  3.494   13.472  1.00 152.01 ? 16 DC D "C4'" 1 
ATOM 843 O "O4'" . DC D 4 7  ? 25.595  4.279   12.312  1.00 147.93 ? 16 DC D "O4'" 1 
ATOM 844 C "C3'" . DC D 4 7  ? 27.473  3.276   13.370  1.00 150.05 ? 16 DC D "C3'" 1 
ATOM 845 O "O3'" . DC D 4 7  ? 27.731  1.970   12.885  1.00 146.88 ? 16 DC D "O3'" 1 
ATOM 846 C "C2'" . DC D 4 7  ? 27.918  4.345   12.375  1.00 138.27 ? 16 DC D "C2'" 1 
ATOM 847 C "C1'" . DC D 4 7  ? 26.708  4.450   11.471  1.00 134.01 ? 16 DC D "C1'" 1 
ATOM 848 N N1    . DC D 4 7  ? 26.580  5.763   10.833  1.00 125.51 ? 16 DC D N1    1 
ATOM 849 C C2    . DC D 4 7  ? 26.659  5.879   9.449   1.00 125.16 ? 16 DC D C2    1 
ATOM 850 O O2    . DC D 4 7  ? 26.844  4.868   8.769   1.00 125.31 ? 16 DC D O2    1 
ATOM 851 N N3    . DC D 4 7  ? 26.532  7.102   8.889   1.00 123.61 ? 16 DC D N3    1 
ATOM 852 C C4    . DC D 4 7  ? 26.335  8.165   9.656   1.00 121.27 ? 16 DC D C4    1 
ATOM 853 N N4    . DC D 4 7  ? 26.217  9.352   9.066   1.00 110.99 ? 16 DC D N4    1 
ATOM 854 C C5    . DC D 4 7  ? 26.251  8.062   11.067  1.00 128.57 ? 16 DC D C5    1 
ATOM 855 C C6    . DC D 4 7  ? 26.380  6.854   11.605  1.00 130.25 ? 16 DC D C6    1 
# 
loop_
_pdbx_poly_seq_scheme.asym_id 
_pdbx_poly_seq_scheme.entity_id 
_pdbx_poly_seq_scheme.seq_id 
_pdbx_poly_seq_scheme.mon_id 
_pdbx_poly_seq_scheme.ndb_seq_num 
_pdbx_poly_seq_scheme.pdb_seq_num 
_pdbx_poly_seq_scheme.auth_seq_num 
_pdbx_poly_seq_scheme.pdb_mon_id 
_pdbx_poly_seq_scheme.auth_mon_id 
_pdbx_poly_seq_scheme.pdb_strand_id 
_pdbx_poly_seq_scheme.pdb_ins_code 
_pdbx_poly_seq_scheme.hetero 
A 1 1  DG 1  1  1  DG DG A . n 
A 1 2  DA 2  2  2  DA DA A . n 
A 1 3  DG 3  3  3  DG DG A . n 
A 1 4  DC 4  4  4  DC DC A . n 
A 1 5  DA 5  5  5  DA DA A . n 
A 1 6  DG 6  6  6  DG DG A . n 
A 1 7  DA 7  7  7  DA DA A . n 
A 1 8  DC 8  8  8  DC DC A . n 
A 1 9  DG 9  9  9  DG DG A . n 
A 1 10 DT 10 10 10 DT DT A . n 
A 1 11 DG 11 11 11 DG DG A . n 
A 1 12 DA 12 12 12 DA DA A . n 
A 1 13 DC 13 13 13 DC DC A . n 
A 1 14 DA 14 14 14 DA DA A . n 
A 1 15 DG 15 15 15 DG DG A . n 
A 1 16 DC 16 16 16 DC DC A . n 
A 1 17 DA 17 17 17 DA DA A . n 
A 1 18 DC 18 18 18 DC DC A . n 
A 1 19 DT 19 19 19 DT DT A . n 
A 1 20 DC 20 20 20 DC DC A . n 
A 1 21 DA 21 21 21 DA DA A . n 
B 2 1  DT 1  1  1  DT DT B . n 
B 2 2  DG 2  2  2  DG DG B . n 
B 2 3  DT 3  3  3  DT DT B . n 
B 2 4  DC 4  4  4  DC DC B . n 
B 2 5  DA 5  5  5  DA DA B . n 
C 3 1  DT 1  1  1  DT DT C . n 
C 3 2  DC 2  2  2  DC DC C . n 
C 3 3  DT 3  3  3  DT DT C . n 
C 3 4  DG 4  4  4  DG DG C . n 
C 3 5  DA 5  5  5  DA DA C . n 
C 3 6  DG 6  6  6  DG DG C . n 
C 3 7  DT 7  7  7  DT DT C . n 
C 3 8  DG 8  8  8  DG DG C . n 
C 3 9  DC 9  9  9  DC DC C . n 
D 4 1  DC 1  10 10 DC DC D . n 
D 4 2  DG 2  11 11 DG DG D . n 
D 4 3  DT 3  12 12 DT DT D . n 
D 4 4  DC 4  13 13 DC DC D . n 
D 4 5  DT 5  14 14 DT DT D . n 
D 4 6  DG 6  15 15 DG DG D . n 
D 4 7  DC 7  16 16 DC DC D . n 
# 
_pdbx_struct_assembly.id                   1 
_pdbx_struct_assembly.details              author_defined_assembly 
_pdbx_struct_assembly.method_details       ? 
_pdbx_struct_assembly.oligomeric_details   tetrameric 
_pdbx_struct_assembly.oligomeric_count     4 
# 
_pdbx_struct_assembly_gen.assembly_id       1 
_pdbx_struct_assembly_gen.oper_expression   1 
_pdbx_struct_assembly_gen.asym_id_list      A,B,C,D 
# 
_pdbx_struct_oper_list.id                   1 
_pdbx_struct_oper_list.type                 'identity operation' 
_pdbx_struct_oper_list.name                 1_555 
_pdbx_struct_oper_list.symmetry_operation   x,y,z 
_pdbx_struct_oper_list.matrix[1][1]         1.0000000000 
_pdbx_struct_oper_list.matrix[1][2]         0.0000000000 
_pdbx_struct_oper_list.matrix[1][3]         0.0000000000 
_pdbx_struct_oper_list.vector[1]            0.0000000000 
_pdbx_struct_oper_list.matrix[2][1]         0.0000000000 
_pdbx_struct_oper_list.matrix[2][2]         1.0000000000 
_pdbx_struct_oper_list.matrix[2][3]         0.0000000000 
_pdbx_struct_oper_list.vector[2]            0.0000000000 
_pdbx_struct_oper_list.matrix[3][1]         0.0000000000 
_pdbx_struct_oper_list.matrix[3][2]         0.0000000000 
_pdbx_struct_oper_list.matrix[3][3]         1.0000000000 
_pdbx_struct_oper_list.vector[3]            0.0000000000 
# 
loop_
_pdbx_audit_revision_history.ordinal 
_pdbx_audit_revision_history.data_content_type 
_pdbx_audit_revision_history.major_revision 
_pdbx_audit_revision_history.minor_revision 
_pdbx_audit_revision_history.revision_date 
1 'Structure model' 1 0 2021-07-14 
2 'Structure model' 1 1 2022-07-06 
3 'Structure model' 1 2 2023-10-18 
# 
_pdbx_audit_revision_details.ordinal             1 
_pdbx_audit_revision_details.revision_ordinal    1 
_pdbx_audit_revision_details.data_content_type   'Structure model' 
_pdbx_audit_revision_details.provider            repository 
_pdbx_audit_revision_details.type                'Initial release' 
_pdbx_audit_revision_details.description         ? 
_pdbx_audit_revision_details.details             ? 
# 
loop_
_pdbx_audit_revision_group.ordinal 
_pdbx_audit_revision_group.revision_ordinal 
_pdbx_audit_revision_group.data_content_type 
_pdbx_audit_revision_group.group 
1 2 'Structure model' 'Database references'    
2 3 'Structure model' 'Data collection'        
3 3 'Structure model' 'Refinement description' 
# 
loop_
_pdbx_audit_revision_category.ordinal 
_pdbx_audit_revision_category.revision_ordinal 
_pdbx_audit_revision_category.data_content_type 
_pdbx_audit_revision_category.category 
1 2 'Structure model' citation                      
2 2 'Structure model' citation_author               
3 2 'Structure model' database_2                    
4 3 'Structure model' chem_comp_atom                
5 3 'Structure model' chem_comp_bond                
6 3 'Structure model' pdbx_initial_refinement_model 
# 
loop_
_pdbx_audit_revision_item.ordinal 
_pdbx_audit_revision_item.revision_ordinal 
_pdbx_audit_revision_item.data_content_type 
_pdbx_audit_revision_item.item 
1  2 'Structure model' '_citation.country'                   
2  2 'Structure model' '_citation.journal_abbrev'            
3  2 'Structure model' '_citation.journal_id_CSD'            
4  2 'Structure model' '_citation.journal_id_ISSN'           
5  2 'Structure model' '_citation.journal_volume'            
6  2 'Structure model' '_citation.page_first'                
7  2 'Structure model' '_citation.page_last'                 
8  2 'Structure model' '_citation.pdbx_database_id_DOI'      
9  2 'Structure model' '_citation.pdbx_database_id_PubMed'   
10 2 'Structure model' '_citation.title'                     
11 2 'Structure model' '_citation.year'                      
12 2 'Structure model' '_database_2.pdbx_DOI'                
13 2 'Structure model' '_database_2.pdbx_database_accession' 
# 
loop_
_software.citation_id 
_software.classification 
_software.compiler_name 
_software.compiler_version 
_software.contact_author 
_software.contact_author_email 
_software.date 
_software.description 
_software.dependencies 
_software.hardware 
_software.language 
_software.location 
_software.mods 
_software.name 
_software.os 
_software.os_version 
_software.type 
_software.version 
_software.pdbx_ordinal 
? refinement        ? ? ? ? ? ? ? ? ? ? ? PHENIX      ? ? ? 1.11.1_2575 1 
? 'data reduction'  ? ? ? ? ? ? ? ? ? ? ? HKL-2000    ? ? ? .           2 
? 'data scaling'    ? ? ? ? ? ? ? ? ? ? ? HKL-2000    ? ? ? .           3 
? 'data extraction' ? ? ? ? ? ? ? ? ? ? ? PDB_EXTRACT ? ? ? 3.25        4 
? phasing           ? ? ? ? ? ? ? ? ? ? ? PHASER      ? ? ? .           5 
# 
_pdbx_validate_rmsd_angle.id                         1 
_pdbx_validate_rmsd_angle.PDB_model_num              1 
_pdbx_validate_rmsd_angle.auth_atom_id_1             "O4'" 
_pdbx_validate_rmsd_angle.auth_asym_id_1             C 
_pdbx_validate_rmsd_angle.auth_comp_id_1             DC 
_pdbx_validate_rmsd_angle.auth_seq_id_1              2 
_pdbx_validate_rmsd_angle.PDB_ins_code_1             ? 
_pdbx_validate_rmsd_angle.label_alt_id_1             ? 
_pdbx_validate_rmsd_angle.auth_atom_id_2             "C1'" 
_pdbx_validate_rmsd_angle.auth_asym_id_2             C 
_pdbx_validate_rmsd_angle.auth_comp_id_2             DC 
_pdbx_validate_rmsd_angle.auth_seq_id_2              2 
_pdbx_validate_rmsd_angle.PDB_ins_code_2             ? 
_pdbx_validate_rmsd_angle.label_alt_id_2             ? 
_pdbx_validate_rmsd_angle.auth_atom_id_3             N1 
_pdbx_validate_rmsd_angle.auth_asym_id_3             C 
_pdbx_validate_rmsd_angle.auth_comp_id_3             DC 
_pdbx_validate_rmsd_angle.auth_seq_id_3              2 
_pdbx_validate_rmsd_angle.PDB_ins_code_3             ? 
_pdbx_validate_rmsd_angle.label_alt_id_3             ? 
_pdbx_validate_rmsd_angle.angle_value                110.38 
_pdbx_validate_rmsd_angle.angle_target_value         108.30 
_pdbx_validate_rmsd_angle.angle_deviation            2.08 
_pdbx_validate_rmsd_angle.angle_standard_deviation   0.30 
_pdbx_validate_rmsd_angle.linker_flag                N 
# 
loop_
_chem_comp_atom.comp_id 
_chem_comp_atom.atom_id 
_chem_comp_atom.type_symbol 
_chem_comp_atom.pdbx_aromatic_flag 
_chem_comp_atom.pdbx_stereo_config 
_chem_comp_atom.pdbx_ordinal 
DA OP3    O N N 1   
DA P      P N N 2   
DA OP1    O N N 3   
DA OP2    O N N 4   
DA "O5'"  O N N 5   
DA "C5'"  C N N 6   
DA "C4'"  C N R 7   
DA "O4'"  O N N 8   
DA "C3'"  C N S 9   
DA "O3'"  O N N 10  
DA "C2'"  C N N 11  
DA "C1'"  C N R 12  
DA N9     N Y N 13  
DA C8     C Y N 14  
DA N7     N Y N 15  
DA C5     C Y N 16  
DA C6     C Y N 17  
DA N6     N N N 18  
DA N1     N Y N 19  
DA C2     C Y N 20  
DA N3     N Y N 21  
DA C4     C Y N 22  
DA HOP3   H N N 23  
DA HOP2   H N N 24  
DA "H5'"  H N N 25  
DA "H5''" H N N 26  
DA "H4'"  H N N 27  
DA "H3'"  H N N 28  
DA "HO3'" H N N 29  
DA "H2'"  H N N 30  
DA "H2''" H N N 31  
DA "H1'"  H N N 32  
DA H8     H N N 33  
DA H61    H N N 34  
DA H62    H N N 35  
DA H2     H N N 36  
DC OP3    O N N 37  
DC P      P N N 38  
DC OP1    O N N 39  
DC OP2    O N N 40  
DC "O5'"  O N N 41  
DC "C5'"  C N N 42  
DC "C4'"  C N R 43  
DC "O4'"  O N N 44  
DC "C3'"  C N S 45  
DC "O3'"  O N N 46  
DC "C2'"  C N N 47  
DC "C1'"  C N R 48  
DC N1     N N N 49  
DC C2     C N N 50  
DC O2     O N N 51  
DC N3     N N N 52  
DC C4     C N N 53  
DC N4     N N N 54  
DC C5     C N N 55  
DC C6     C N N 56  
DC HOP3   H N N 57  
DC HOP2   H N N 58  
DC "H5'"  H N N 59  
DC "H5''" H N N 60  
DC "H4'"  H N N 61  
DC "H3'"  H N N 62  
DC "HO3'" H N N 63  
DC "H2'"  H N N 64  
DC "H2''" H N N 65  
DC "H1'"  H N N 66  
DC H41    H N N 67  
DC H42    H N N 68  
DC H5     H N N 69  
DC H6     H N N 70  
DG OP3    O N N 71  
DG P      P N N 72  
DG OP1    O N N 73  
DG OP2    O N N 74  
DG "O5'"  O N N 75  
DG "C5'"  C N N 76  
DG "C4'"  C N R 77  
DG "O4'"  O N N 78  
DG "C3'"  C N S 79  
DG "O3'"  O N N 80  
DG "C2'"  C N N 81  
DG "C1'"  C N R 82  
DG N9     N Y N 83  
DG C8     C Y N 84  
DG N7     N Y N 85  
DG C5     C Y N 86  
DG C6     C N N 87  
DG O6     O N N 88  
DG N1     N N N 89  
DG C2     C N N 90  
DG N2     N N N 91  
DG N3     N N N 92  
DG C4     C Y N 93  
DG HOP3   H N N 94  
DG HOP2   H N N 95  
DG "H5'"  H N N 96  
DG "H5''" H N N 97  
DG "H4'"  H N N 98  
DG "H3'"  H N N 99  
DG "HO3'" H N N 100 
DG "H2'"  H N N 101 
DG "H2''" H N N 102 
DG "H1'"  H N N 103 
DG H8     H N N 104 
DG H1     H N N 105 
DG H21    H N N 106 
DG H22    H N N 107 
DT OP3    O N N 108 
DT P      P N N 109 
DT OP1    O N N 110 
DT OP2    O N N 111 
DT "O5'"  O N N 112 
DT "C5'"  C N N 113 
DT "C4'"  C N R 114 
DT "O4'"  O N N 115 
DT "C3'"  C N S 116 
DT "O3'"  O N N 117 
DT "C2'"  C N N 118 
DT "C1'"  C N R 119 
DT N1     N N N 120 
DT C2     C N N 121 
DT O2     O N N 122 
DT N3     N N N 123 
DT C4     C N N 124 
DT O4     O N N 125 
DT C5     C N N 126 
DT C7     C N N 127 
DT C6     C N N 128 
DT HOP3   H N N 129 
DT HOP2   H N N 130 
DT "H5'"  H N N 131 
DT "H5''" H N N 132 
DT "H4'"  H N N 133 
DT "H3'"  H N N 134 
DT "HO3'" H N N 135 
DT "H2'"  H N N 136 
DT "H2''" H N N 137 
DT "H1'"  H N N 138 
DT H3     H N N 139 
DT H71    H N N 140 
DT H72    H N N 141 
DT H73    H N N 142 
DT H6     H N N 143 
# 
loop_
_chem_comp_bond.comp_id 
_chem_comp_bond.atom_id_1 
_chem_comp_bond.atom_id_2 
_chem_comp_bond.value_order 
_chem_comp_bond.pdbx_aromatic_flag 
_chem_comp_bond.pdbx_stereo_config 
_chem_comp_bond.pdbx_ordinal 
DA OP3   P      sing N N 1   
DA OP3   HOP3   sing N N 2   
DA P     OP1    doub N N 3   
DA P     OP2    sing N N 4   
DA P     "O5'"  sing N N 5   
DA OP2   HOP2   sing N N 6   
DA "O5'" "C5'"  sing N N 7   
DA "C5'" "C4'"  sing N N 8   
DA "C5'" "H5'"  sing N N 9   
DA "C5'" "H5''" sing N N 10  
DA "C4'" "O4'"  sing N N 11  
DA "C4'" "C3'"  sing N N 12  
DA "C4'" "H4'"  sing N N 13  
DA "O4'" "C1'"  sing N N 14  
DA "C3'" "O3'"  sing N N 15  
DA "C3'" "C2'"  sing N N 16  
DA "C3'" "H3'"  sing N N 17  
DA "O3'" "HO3'" sing N N 18  
DA "C2'" "C1'"  sing N N 19  
DA "C2'" "H2'"  sing N N 20  
DA "C2'" "H2''" sing N N 21  
DA "C1'" N9     sing N N 22  
DA "C1'" "H1'"  sing N N 23  
DA N9    C8     sing Y N 24  
DA N9    C4     sing Y N 25  
DA C8    N7     doub Y N 26  
DA C8    H8     sing N N 27  
DA N7    C5     sing Y N 28  
DA C5    C6     sing Y N 29  
DA C5    C4     doub Y N 30  
DA C6    N6     sing N N 31  
DA C6    N1     doub Y N 32  
DA N6    H61    sing N N 33  
DA N6    H62    sing N N 34  
DA N1    C2     sing Y N 35  
DA C2    N3     doub Y N 36  
DA C2    H2     sing N N 37  
DA N3    C4     sing Y N 38  
DC OP3   P      sing N N 39  
DC OP3   HOP3   sing N N 40  
DC P     OP1    doub N N 41  
DC P     OP2    sing N N 42  
DC P     "O5'"  sing N N 43  
DC OP2   HOP2   sing N N 44  
DC "O5'" "C5'"  sing N N 45  
DC "C5'" "C4'"  sing N N 46  
DC "C5'" "H5'"  sing N N 47  
DC "C5'" "H5''" sing N N 48  
DC "C4'" "O4'"  sing N N 49  
DC "C4'" "C3'"  sing N N 50  
DC "C4'" "H4'"  sing N N 51  
DC "O4'" "C1'"  sing N N 52  
DC "C3'" "O3'"  sing N N 53  
DC "C3'" "C2'"  sing N N 54  
DC "C3'" "H3'"  sing N N 55  
DC "O3'" "HO3'" sing N N 56  
DC "C2'" "C1'"  sing N N 57  
DC "C2'" "H2'"  sing N N 58  
DC "C2'" "H2''" sing N N 59  
DC "C1'" N1     sing N N 60  
DC "C1'" "H1'"  sing N N 61  
DC N1    C2     sing N N 62  
DC N1    C6     sing N N 63  
DC C2    O2     doub N N 64  
DC C2    N3     sing N N 65  
DC N3    C4     doub N N 66  
DC C4    N4     sing N N 67  
DC C4    C5     sing N N 68  
DC N4    H41    sing N N 69  
DC N4    H42    sing N N 70  
DC C5    C6     doub N N 71  
DC C5    H5     sing N N 72  
DC C6    H6     sing N N 73  
DG OP3   P      sing N N 74  
DG OP3   HOP3   sing N N 75  
DG P     OP1    doub N N 76  
DG P     OP2    sing N N 77  
DG P     "O5'"  sing N N 78  
DG OP2   HOP2   sing N N 79  
DG "O5'" "C5'"  sing N N 80  
DG "C5'" "C4'"  sing N N 81  
DG "C5'" "H5'"  sing N N 82  
DG "C5'" "H5''" sing N N 83  
DG "C4'" "O4'"  sing N N 84  
DG "C4'" "C3'"  sing N N 85  
DG "C4'" "H4'"  sing N N 86  
DG "O4'" "C1'"  sing N N 87  
DG "C3'" "O3'"  sing N N 88  
DG "C3'" "C2'"  sing N N 89  
DG "C3'" "H3'"  sing N N 90  
DG "O3'" "HO3'" sing N N 91  
DG "C2'" "C1'"  sing N N 92  
DG "C2'" "H2'"  sing N N 93  
DG "C2'" "H2''" sing N N 94  
DG "C1'" N9     sing N N 95  
DG "C1'" "H1'"  sing N N 96  
DG N9    C8     sing Y N 97  
DG N9    C4     sing Y N 98  
DG C8    N7     doub Y N 99  
DG C8    H8     sing N N 100 
DG N7    C5     sing Y N 101 
DG C5    C6     sing N N 102 
DG C5    C4     doub Y N 103 
DG C6    O6     doub N N 104 
DG C6    N1     sing N N 105 
DG N1    C2     sing N N 106 
DG N1    H1     sing N N 107 
DG C2    N2     sing N N 108 
DG C2    N3     doub N N 109 
DG N2    H21    sing N N 110 
DG N2    H22    sing N N 111 
DG N3    C4     sing N N 112 
DT OP3   P      sing N N 113 
DT OP3   HOP3   sing N N 114 
DT P     OP1    doub N N 115 
DT P     OP2    sing N N 116 
DT P     "O5'"  sing N N 117 
DT OP2   HOP2   sing N N 118 
DT "O5'" "C5'"  sing N N 119 
DT "C5'" "C4'"  sing N N 120 
DT "C5'" "H5'"  sing N N 121 
DT "C5'" "H5''" sing N N 122 
DT "C4'" "O4'"  sing N N 123 
DT "C4'" "C3'"  sing N N 124 
DT "C4'" "H4'"  sing N N 125 
DT "O4'" "C1'"  sing N N 126 
DT "C3'" "O3'"  sing N N 127 
DT "C3'" "C2'"  sing N N 128 
DT "C3'" "H3'"  sing N N 129 
DT "O3'" "HO3'" sing N N 130 
DT "C2'" "C1'"  sing N N 131 
DT "C2'" "H2'"  sing N N 132 
DT "C2'" "H2''" sing N N 133 
DT "C1'" N1     sing N N 134 
DT "C1'" "H1'"  sing N N 135 
DT N1    C2     sing N N 136 
DT N1    C6     sing N N 137 
DT C2    O2     doub N N 138 
DT C2    N3     sing N N 139 
DT N3    C4     sing N N 140 
DT N3    H3     sing N N 141 
DT C4    O4     doub N N 142 
DT C4    C5     sing N N 143 
DT C5    C7     sing N N 144 
DT C5    C6     doub N N 145 
DT C7    H71    sing N N 146 
DT C7    H72    sing N N 147 
DT C7    H73    sing N N 148 
DT C6    H6     sing N N 149 
# 
loop_
_ndb_struct_conf_na.entry_id 
_ndb_struct_conf_na.feature 
6WSV 'double helix'        
6WSV 'a-form double helix' 
6WSV 'b-form double helix' 
# 
loop_
_ndb_struct_na_base_pair.model_number 
_ndb_struct_na_base_pair.i_label_asym_id 
_ndb_struct_na_base_pair.i_label_comp_id 
_ndb_struct_na_base_pair.i_label_seq_id 
_ndb_struct_na_base_pair.i_symmetry 
_ndb_struct_na_base_pair.j_label_asym_id 
_ndb_struct_na_base_pair.j_label_comp_id 
_ndb_struct_na_base_pair.j_label_seq_id 
_ndb_struct_na_base_pair.j_symmetry 
_ndb_struct_na_base_pair.shear 
_ndb_struct_na_base_pair.stretch 
_ndb_struct_na_base_pair.stagger 
_ndb_struct_na_base_pair.buckle 
_ndb_struct_na_base_pair.propeller 
_ndb_struct_na_base_pair.opening 
_ndb_struct_na_base_pair.pair_number 
_ndb_struct_na_base_pair.pair_name 
_ndb_struct_na_base_pair.i_auth_asym_id 
_ndb_struct_na_base_pair.i_auth_seq_id 
_ndb_struct_na_base_pair.i_PDB_ins_code 
_ndb_struct_na_base_pair.j_auth_asym_id 
_ndb_struct_na_base_pair.j_auth_seq_id 
_ndb_struct_na_base_pair.j_PDB_ins_code 
_ndb_struct_na_base_pair.hbond_type_28 
_ndb_struct_na_base_pair.hbond_type_12 
1 A DG 3  1_555 D DC 7 1_555 -0.205 -0.204 0.045  -8.040 -10.992 -1.787  1  A_DG3:DC16_D A 3  ? D 16 ? 19 1 
1 A DC 4  1_555 D DG 6 1_555 -1.425 0.307  -0.010 -9.895 -6.259  -6.962  2  A_DC4:DG15_D A 4  ? D 15 ? 19 1 
1 A DA 5  1_555 D DT 5 1_555 0.200  -0.145 -0.413 -3.475 -1.374  0.296   3  A_DA5:DT14_D A 5  ? D 14 ? 20 1 
1 A DG 6  1_555 D DC 4 1_555 -0.175 -0.185 -0.346 2.573  -0.765  -0.909  4  A_DG6:DC13_D A 6  ? D 13 ? 19 1 
1 A DA 7  1_555 D DT 3 1_555 0.112  -0.211 -0.566 1.195  -0.162  -7.006  5  A_DA7:DT12_D A 7  ? D 12 ? 20 1 
1 A DC 8  1_555 D DG 2 1_555 0.247  -0.175 -0.165 4.843  -6.268  1.365   6  A_DC8:DG11_D A 8  ? D 11 ? 19 1 
1 A DG 9  1_555 D DC 1 1_555 -0.179 -0.234 0.245  -6.520 -4.584  -2.574  7  A_DG9:DC10_D A 9  ? D 10 ? 19 1 
1 A DT 10 1_555 B DA 5 1_555 -0.276 -0.178 0.409  -1.754 -5.547  -1.018  8  A_DT10:DA5_B A 10 ? B 5  ? 20 1 
1 A DG 11 1_555 B DC 4 1_555 -0.148 -0.181 0.177  3.350  -3.465  0.010   9  A_DG11:DC4_B A 11 ? B 4  ? 19 1 
1 A DA 12 1_555 B DT 3 1_555 0.261  -0.148 0.196  3.196  -3.484  -8.180  10 A_DA12:DT3_B A 12 ? B 3  ? 20 1 
1 A DC 13 1_555 B DG 2 1_555 0.122  -0.265 0.555  4.101  -10.363 -3.953  11 A_DC13:DG2_B A 13 ? B 2  ? 19 1 
1 A DA 14 1_555 B DT 1 1_555 0.101  -0.073 0.259  -0.338 -8.503  -9.402  12 A_DA14:DT1_B A 14 ? B 1  ? 20 1 
1 A DG 15 1_555 C DC 9 1_555 -0.216 -0.171 0.450  -2.798 3.665   0.701   13 A_DG15:DC9_C A 15 ? C 9  ? 19 1 
1 A DC 16 1_555 C DG 8 1_555 0.147  -0.273 0.541  4.392  0.047   -1.260  14 A_DC16:DG8_C A 16 ? C 8  ? 19 1 
1 A DA 17 1_555 C DT 7 1_555 0.191  -0.208 0.221  3.134  -3.874  -3.262  15 A_DA17:DT7_C A 17 ? C 7  ? 20 1 
1 A DC 18 1_555 C DG 6 1_555 0.163  -0.201 0.207  2.590  -1.722  0.090   16 A_DC18:DG6_C A 18 ? C 6  ? 19 1 
1 A DT 19 1_555 C DA 5 1_555 -0.245 -0.203 0.186  1.566  -6.640  -2.389  17 A_DT19:DA5_C A 19 ? C 5  ? 20 1 
1 A DC 20 1_555 C DG 4 1_555 0.202  -0.154 0.161  5.504  -7.709  -0.877  18 A_DC20:DG4_C A 20 ? C 4  ? 19 1 
1 A DA 21 1_555 C DT 3 1_555 2.187  0.335  0.495  0.132  -18.055 -15.336 19 A_DA21:DT3_C A 21 ? C 3  ? 20 1 
# 
loop_
_ndb_struct_na_base_pair_step.model_number 
_ndb_struct_na_base_pair_step.i_label_asym_id_1 
_ndb_struct_na_base_pair_step.i_label_comp_id_1 
_ndb_struct_na_base_pair_step.i_label_seq_id_1 
_ndb_struct_na_base_pair_step.i_symmetry_1 
_ndb_struct_na_base_pair_step.j_label_asym_id_1 
_ndb_struct_na_base_pair_step.j_label_comp_id_1 
_ndb_struct_na_base_pair_step.j_label_seq_id_1 
_ndb_struct_na_base_pair_step.j_symmetry_1 
_ndb_struct_na_base_pair_step.i_label_asym_id_2 
_ndb_struct_na_base_pair_step.i_label_comp_id_2 
_ndb_struct_na_base_pair_step.i_label_seq_id_2 
_ndb_struct_na_base_pair_step.i_symmetry_2 
_ndb_struct_na_base_pair_step.j_label_asym_id_2 
_ndb_struct_na_base_pair_step.j_label_comp_id_2 
_ndb_struct_na_base_pair_step.j_label_seq_id_2 
_ndb_struct_na_base_pair_step.j_symmetry_2 
_ndb_struct_na_base_pair_step.shift 
_ndb_struct_na_base_pair_step.slide 
_ndb_struct_na_base_pair_step.rise 
_ndb_struct_na_base_pair_step.tilt 
_ndb_struct_na_base_pair_step.roll 
_ndb_struct_na_base_pair_step.twist 
_ndb_struct_na_base_pair_step.x_displacement 
_ndb_struct_na_base_pair_step.y_displacement 
_ndb_struct_na_base_pair_step.helical_rise 
_ndb_struct_na_base_pair_step.inclination 
_ndb_struct_na_base_pair_step.tip 
_ndb_struct_na_base_pair_step.helical_twist 
_ndb_struct_na_base_pair_step.step_number 
_ndb_struct_na_base_pair_step.step_name 
_ndb_struct_na_base_pair_step.i_auth_asym_id_1 
_ndb_struct_na_base_pair_step.i_auth_seq_id_1 
_ndb_struct_na_base_pair_step.i_PDB_ins_code_1 
_ndb_struct_na_base_pair_step.j_auth_asym_id_1 
_ndb_struct_na_base_pair_step.j_auth_seq_id_1 
_ndb_struct_na_base_pair_step.j_PDB_ins_code_1 
_ndb_struct_na_base_pair_step.i_auth_asym_id_2 
_ndb_struct_na_base_pair_step.i_auth_seq_id_2 
_ndb_struct_na_base_pair_step.i_PDB_ins_code_2 
_ndb_struct_na_base_pair_step.j_auth_asym_id_2 
_ndb_struct_na_base_pair_step.j_auth_seq_id_2 
_ndb_struct_na_base_pair_step.j_PDB_ins_code_2 
1 A DG 3  1_555 D DC 7 1_555 A DC 4  1_555 D DG 6 1_555 -1.014 -0.272 3.221 -2.395 -2.501 28.699 0.012  1.498  3.304 -5.022  4.809 
28.902 1  AA_DG3DC4:DG15DC16_DD A 3  ? D 16 ? A 4  ? D 15 ? 
1 A DC 4  1_555 D DG 6 1_555 A DA 5  1_555 D DT 5 1_555 -0.055 1.102  3.409 -1.557 6.432  40.615 0.824  -0.101 3.535 9.193   2.225 
41.129 2  AA_DC4DA5:DT14DG15_DD A 4  ? D 15 ? A 5  ? D 14 ? 
1 A DA 5  1_555 D DT 5 1_555 A DG 6  1_555 D DC 4 1_555 -0.154 -0.325 3.130 -2.048 1.031  28.006 -0.901 -0.143 3.119 2.125   4.224 
28.097 3  AA_DA5DG6:DC13DT14_DD A 5  ? D 14 ? A 6  ? D 13 ? 
1 A DG 6  1_555 D DC 4 1_555 A DA 7  1_555 D DT 3 1_555 0.159  -0.813 3.281 0.246  0.345  38.183 -1.287 -0.213 3.275 0.527   
-0.376 38.185 4  AA_DG6DA7:DT12DC13_DD A 6  ? D 13 ? A 7  ? D 12 ? 
1 A DA 7  1_555 D DT 3 1_555 A DC 8  1_555 D DG 2 1_555 1.135  -1.194 3.188 -4.086 0.947  33.484 -2.204 -2.585 2.999 1.635   7.057 
33.738 5  AA_DA7DC8:DG11DT12_DD A 7  ? D 12 ? A 8  ? D 11 ? 
1 A DC 8  1_555 D DG 2 1_555 A DG 9  1_555 D DC 1 1_555 -0.514 -1.282 3.322 -4.983 6.429  34.177 -3.081 0.111  3.080 10.750  8.333 
35.103 6  AA_DC8DG9:DC10DG11_DD A 8  ? D 11 ? A 9  ? D 10 ? 
1 A DG 9  1_555 D DC 1 1_555 A DT 10 1_555 B DA 5 1_555 -0.809 -1.429 3.127 -1.951 2.184  23.909 -4.087 1.346  3.042 5.245   4.687 
24.085 7  AA_DG9DT10:DA5DC10_BD A 9  ? D 10 ? A 10 ? B 5  ? 
1 A DT 10 1_555 B DA 5 1_555 A DG 11 1_555 B DC 4 1_555 -0.201 1.278  3.331 -2.745 4.484  34.793 1.417  -0.095 3.469 7.445   4.558 
35.176 8  AA_DT10DG11:DC4DA5_BB A 10 ? B 5  ? A 11 ? B 4  ? 
1 A DG 11 1_555 B DC 4 1_555 A DA 12 1_555 B DT 3 1_555 -0.487 -0.409 3.172 -2.552 2.015  37.955 -0.875 0.433  3.172 3.092   3.915 
38.089 9  AA_DG11DA12:DT3DC4_BB A 11 ? B 4  ? A 12 ? B 3  ? 
1 A DA 12 1_555 B DT 3 1_555 A DC 13 1_555 B DG 2 1_555 0.910  -1.116 3.191 -3.599 3.116  34.027 -2.352 -2.074 2.971 5.293   6.113 
34.349 10 AA_DA12DC13:DG2DT3_BB A 12 ? B 3  ? A 13 ? B 2  ? 
1 A DC 13 1_555 B DG 2 1_555 A DA 14 1_555 B DT 1 1_555 -0.611 -1.354 3.126 0.018  8.341  34.260 -3.363 1.012  2.731 13.904  
-0.030 35.231 11 AA_DC13DA14:DT1DG2_BB A 13 ? B 2  ? A 14 ? B 1  ? 
1 A DA 14 1_555 B DT 1 1_555 A DG 15 1_555 C DC 9 1_555 -0.384 -1.120 3.462 -4.441 -7.502 27.131 -0.365 -0.352 3.650 -15.491 9.172 
28.472 12 AA_DA14DG15:DC9DT1_CB A 14 ? B 1  ? A 15 ? C 9  ? 
1 A DG 15 1_555 C DC 9 1_555 A DC 16 1_555 C DG 8 1_555 -0.711 -0.421 3.100 -1.016 3.296  36.694 -1.089 0.994  3.069 5.221   1.609 
36.850 13 AA_DG15DC16:DG8DC9_CC A 15 ? C 9  ? A 16 ? C 8  ? 
1 A DC 16 1_555 C DG 8 1_555 A DA 17 1_555 C DT 7 1_555 -0.044 0.407  3.316 2.280  1.632  38.239 0.413  0.356  3.322 2.487   
-3.475 38.337 14 AA_DC16DA17:DT7DG8_CC A 16 ? C 8  ? A 17 ? C 7  ? 
1 A DA 17 1_555 C DT 7 1_555 A DC 18 1_555 C DG 6 1_555 0.520  -1.203 3.312 -0.403 -1.576 30.292 -1.975 -1.077 3.361 -3.013  0.771 
30.334 15 AA_DA17DC18:DG6DT7_CC A 17 ? C 7  ? A 18 ? C 6  ? 
1 A DC 18 1_555 C DG 6 1_555 A DT 19 1_555 C DA 5 1_555 -0.074 -0.935 3.304 2.264  0.754  32.366 -1.807 0.532  3.269 1.350   
-4.055 32.451 16 AA_DC18DT19:DA5DG6_CC A 18 ? C 6  ? A 19 ? C 5  ? 
1 A DT 19 1_555 C DA 5 1_555 A DC 20 1_555 C DG 4 1_555 0.464  0.077  3.171 4.748  1.570  37.511 -0.079 -0.118 3.204 2.428   
-7.343 37.831 17 AA_DT19DC20:DG4DA5_CC A 19 ? C 5  ? A 20 ? C 4  ? 
1 A DC 20 1_555 C DG 4 1_555 A DA 21 1_555 C DT 3 1_555 -0.511 1.518  3.925 -1.131 -3.911 47.460 2.251  0.526  3.806 -4.849  1.402 
47.625 18 AA_DC20DA21:DT3DG4_CC A 20 ? C 4  ? A 21 ? C 3  ? 
# 
loop_
_pdbx_audit_support.funding_organization 
_pdbx_audit_support.country 
_pdbx_audit_support.grant_number 
_pdbx_audit_support.ordinal 
'National Science Foundation (NSF, United States)'                                         'United States' 1360635     1 
'National Institutes of Health/National Institute of General Medical Sciences (NIH/NIGMS)' 'United States' R01GM104960 2 
'National Science Foundation (NSF, United States)'                                         'United States' NSF2004250  3 
# 
_pdbx_initial_refinement_model.id               1 
_pdbx_initial_refinement_model.entity_id_list   ? 
_pdbx_initial_refinement_model.type             'experimental model' 
_pdbx_initial_refinement_model.source_name      PDB 
_pdbx_initial_refinement_model.accession_code   5KEK 
_pdbx_initial_refinement_model.details          ? 
# 
_pdbx_struct_assembly_auth_evidence.id                     1 
_pdbx_struct_assembly_auth_evidence.assembly_id            1 
_pdbx_struct_assembly_auth_evidence.experimental_support   none 
_pdbx_struct_assembly_auth_evidence.details                ? 
# 
